data_6JKO
#
_entry.id   6JKO
#
_cell.length_a   70.468
_cell.length_b   112.502
_cell.length_c   93.406
_cell.angle_alpha   90.000
_cell.angle_beta   107.330
_cell.angle_gamma   90.000
#
_symmetry.space_group_name_H-M   'P 1 21 1'
#
loop_
_entity.id
_entity.type
_entity.pdbx_description
1 polymer 'Methanol dehydrogenase'
2 non-polymer 'ZINC ION'
3 water water
#
_entity_poly.entity_id   1
_entity_poly.type   'polypeptide(L)'
_entity_poly.pdbx_seq_one_letter_code
;SNGGGMLWDYAQPVTIRFGKGRAMEIKDIAEAMGLHDGIMVTPKFFVDSGEAQRLIDASDGAVSTVFTDFSPNPDVTEVD
ACAEIIRKNHCEFVVAMGGGSAMDVSKAAASICLTDDSIADYHGTGKAMPQKHLPIIALPTTAGTGSEVTCVSVLTNRKL
GKKAPIVSDGFFPSVAIVDPELTYSVPPKITASTGMDVLSQAIEGFWSKGHQPICDSCAAHAAKLVFKYLPIAVAEPHNE
EAREKMCEASVIAGLAFTLPKTTSSHACSFPLTNIHGIPHGEACGLTLDYFARINKDAQHGRVQEFARGIGFKDVDAMAD
AIHDLKVRIGMRTGLKDLNLTEEQIADLVRISRHPNLYNNPVEITDDMLDTMYHYLASTD
;
_entity_poly.pdbx_strand_id   A,B,C,D
#
# COMPACT_ATOMS: atom_id res chain seq x y z
N GLY A 5 -25.32 -49.52 -6.18
CA GLY A 5 -26.34 -48.49 -6.27
C GLY A 5 -26.14 -47.31 -5.33
N MET A 6 -26.30 -46.10 -5.85
CA MET A 6 -26.04 -44.89 -5.09
C MET A 6 -27.35 -44.22 -4.71
N LEU A 7 -27.33 -43.56 -3.55
CA LEU A 7 -28.45 -42.76 -3.08
C LEU A 7 -27.92 -41.39 -2.76
N TRP A 8 -28.57 -40.36 -3.26
CA TRP A 8 -28.15 -39.02 -2.86
C TRP A 8 -29.31 -38.06 -2.98
N ASP A 9 -29.24 -37.00 -2.19
CA ASP A 9 -30.15 -35.87 -2.21
C ASP A 9 -29.37 -34.66 -2.69
N TYR A 10 -29.90 -33.94 -3.66
CA TYR A 10 -29.25 -32.74 -4.17
C TYR A 10 -30.20 -31.56 -4.08
N ALA A 11 -29.77 -30.50 -3.39
CA ALA A 11 -30.58 -29.28 -3.29
C ALA A 11 -29.65 -28.09 -3.24
N GLN A 12 -29.90 -27.12 -4.12
CA GLN A 12 -29.04 -25.95 -4.26
C GLN A 12 -29.95 -24.77 -4.57
N PRO A 13 -30.54 -24.16 -3.55
CA PRO A 13 -31.60 -23.18 -3.80
C PRO A 13 -31.14 -21.76 -4.10
N VAL A 14 -29.84 -21.50 -4.13
CA VAL A 14 -29.34 -20.14 -4.29
C VAL A 14 -29.22 -19.82 -5.77
N THR A 15 -29.71 -18.65 -6.16
CA THR A 15 -29.51 -18.15 -7.51
C THR A 15 -28.19 -17.41 -7.59
N ILE A 16 -27.38 -17.74 -8.59
CA ILE A 16 -26.06 -17.13 -8.74
C ILE A 16 -26.10 -16.16 -9.91
N ARG A 17 -25.76 -14.91 -9.65
CA ARG A 17 -25.51 -13.92 -10.70
C ARG A 17 -24.00 -13.70 -10.77
N PHE A 18 -23.37 -14.25 -11.80
CA PHE A 18 -21.91 -14.18 -11.94
C PHE A 18 -21.53 -13.11 -12.96
N GLY A 19 -20.58 -12.25 -12.60
CA GLY A 19 -20.05 -11.37 -13.61
C GLY A 19 -19.39 -10.12 -13.07
N LYS A 20 -18.37 -9.65 -13.79
CA LYS A 20 -17.69 -8.41 -13.43
C LYS A 20 -18.68 -7.25 -13.41
N GLY A 21 -18.67 -6.50 -12.31
CA GLY A 21 -19.47 -5.30 -12.19
C GLY A 21 -20.91 -5.53 -11.78
N ARG A 22 -21.34 -6.78 -11.63
CA ARG A 22 -22.74 -7.09 -11.36
C ARG A 22 -23.15 -6.81 -9.91
N ALA A 23 -22.20 -6.44 -9.04
CA ALA A 23 -22.58 -5.97 -7.70
C ALA A 23 -23.55 -4.81 -7.78
N MET A 24 -23.53 -4.04 -8.87
CA MET A 24 -24.47 -2.95 -9.08
C MET A 24 -25.89 -3.43 -9.36
N GLU A 25 -26.15 -4.74 -9.40
CA GLU A 25 -27.48 -5.24 -9.67
C GLU A 25 -28.31 -5.46 -8.42
N ILE A 26 -27.86 -4.98 -7.26
CA ILE A 26 -28.69 -5.11 -6.06
C ILE A 26 -30.05 -4.48 -6.29
N LYS A 27 -30.08 -3.32 -6.95
CA LYS A 27 -31.35 -2.66 -7.26
C LYS A 27 -32.28 -3.59 -8.02
N ASP A 28 -31.77 -4.23 -9.08
CA ASP A 28 -32.57 -5.15 -9.88
C ASP A 28 -33.24 -6.21 -9.01
N ILE A 29 -32.48 -6.81 -8.10
CA ILE A 29 -33.02 -7.89 -7.27
C ILE A 29 -34.08 -7.37 -6.33
N ALA A 30 -33.78 -6.25 -5.65
CA ALA A 30 -34.75 -5.63 -4.76
C ALA A 30 -36.03 -5.26 -5.49
N GLU A 31 -35.91 -4.65 -6.67
CA GLU A 31 -37.10 -4.29 -7.43
C GLU A 31 -37.91 -5.52 -7.82
N ALA A 32 -37.24 -6.57 -8.28
CA ALA A 32 -37.95 -7.80 -8.65
C ALA A 32 -38.63 -8.44 -7.45
N MET A 33 -38.04 -8.32 -6.26
CA MET A 33 -38.66 -8.89 -5.06
C MET A 33 -39.61 -7.94 -4.38
N GLY A 34 -39.70 -6.69 -4.83
CA GLY A 34 -40.58 -5.73 -4.20
C GLY A 34 -40.21 -5.37 -2.78
N LEU A 35 -38.92 -5.27 -2.50
CA LEU A 35 -38.46 -4.97 -1.15
C LEU A 35 -37.74 -3.64 -1.12
N HIS A 36 -37.72 -3.02 0.05
CA HIS A 36 -37.14 -1.70 0.25
C HIS A 36 -36.30 -1.69 1.52
N ASP A 37 -35.50 -0.63 1.66
CA ASP A 37 -34.79 -0.34 2.90
C ASP A 37 -33.86 -1.49 3.29
N GLY A 38 -33.03 -1.91 2.35
CA GLY A 38 -32.07 -2.96 2.64
C GLY A 38 -30.99 -2.49 3.60
N ILE A 39 -30.42 -3.45 4.33
CA ILE A 39 -29.26 -3.19 5.18
C ILE A 39 -28.06 -3.92 4.57
N MET A 40 -26.95 -3.19 4.43
CA MET A 40 -25.71 -3.78 3.95
C MET A 40 -24.82 -4.10 5.14
N VAL A 41 -24.48 -5.38 5.27
CA VAL A 41 -23.60 -5.87 6.33
C VAL A 41 -22.24 -6.11 5.70
N THR A 42 -21.26 -5.31 6.09
CA THR A 42 -19.98 -5.28 5.40
C THR A 42 -18.93 -4.79 6.38
N PRO A 43 -17.68 -5.22 6.24
CA PRO A 43 -16.63 -4.70 7.11
C PRO A 43 -16.28 -3.25 6.77
N LYS A 44 -15.79 -2.54 7.79
CA LYS A 44 -15.52 -1.12 7.65
C LYS A 44 -14.63 -0.83 6.44
N PHE A 45 -13.76 -1.78 6.07
CA PHE A 45 -12.85 -1.61 4.93
C PHE A 45 -13.59 -1.17 3.67
N PHE A 46 -14.76 -1.76 3.41
CA PHE A 46 -15.50 -1.39 2.19
C PHE A 46 -16.25 -0.08 2.34
N VAL A 47 -16.52 0.37 3.56
CA VAL A 47 -16.96 1.75 3.75
C VAL A 47 -15.83 2.73 3.44
N ASP A 48 -14.63 2.45 3.96
CA ASP A 48 -13.50 3.36 3.78
C ASP A 48 -13.09 3.46 2.32
N SER A 49 -13.12 2.35 1.60
CA SER A 49 -12.74 2.34 0.19
C SER A 49 -13.81 2.94 -0.70
N GLY A 50 -14.94 3.37 -0.15
CA GLY A 50 -16.01 3.89 -0.97
C GLY A 50 -16.79 2.84 -1.74
N GLU A 51 -16.44 1.56 -1.60
CA GLU A 51 -17.17 0.52 -2.31
C GLU A 51 -18.60 0.42 -1.84
N ALA A 52 -18.82 0.49 -0.52
CA ALA A 52 -20.17 0.42 0.03
C ALA A 52 -21.04 1.55 -0.50
N GLN A 53 -20.55 2.80 -0.41
CA GLN A 53 -21.33 3.93 -0.90
C GLN A 53 -21.58 3.82 -2.40
N ARG A 54 -20.61 3.32 -3.16
CA ARG A 54 -20.83 3.14 -4.60
C ARG A 54 -22.01 2.22 -4.84
N LEU A 55 -22.05 1.08 -4.14
CA LEU A 55 -23.14 0.13 -4.30
C LEU A 55 -24.44 0.65 -3.69
N ILE A 56 -24.34 1.49 -2.65
CA ILE A 56 -25.56 2.08 -2.07
C ILE A 56 -26.18 3.07 -3.05
N ASP A 57 -25.34 3.92 -3.66
CA ASP A 57 -25.85 4.89 -4.62
C ASP A 57 -26.40 4.21 -5.86
N ALA A 58 -25.77 3.12 -6.28
CA ALA A 58 -26.26 2.36 -7.43
C ALA A 58 -27.64 1.76 -7.16
N SER A 59 -27.94 1.43 -5.89
CA SER A 59 -29.23 0.89 -5.53
C SER A 59 -30.35 1.93 -5.62
N ASP A 60 -30.02 3.19 -5.88
CA ASP A 60 -31.00 4.29 -5.98
C ASP A 60 -32.04 4.19 -4.86
N GLY A 61 -31.56 4.06 -3.61
CA GLY A 61 -32.42 4.03 -2.46
C GLY A 61 -32.83 2.65 -1.98
N ALA A 62 -32.53 1.59 -2.73
CA ALA A 62 -32.94 0.25 -2.32
C ALA A 62 -32.31 -0.14 -0.99
N VAL A 63 -31.04 0.20 -0.79
CA VAL A 63 -30.34 -0.03 0.48
C VAL A 63 -30.31 1.29 1.24
N SER A 64 -30.76 1.26 2.49
CA SER A 64 -30.87 2.45 3.30
C SER A 64 -29.92 2.47 4.48
N THR A 65 -29.39 1.31 4.88
CA THR A 65 -28.71 1.16 6.16
C THR A 65 -27.43 0.35 5.96
N VAL A 66 -26.42 0.63 6.78
CA VAL A 66 -25.14 -0.07 6.74
C VAL A 66 -24.80 -0.50 8.16
N PHE A 67 -24.31 -1.72 8.31
CA PHE A 67 -23.88 -2.25 9.61
C PHE A 67 -22.47 -2.80 9.46
N THR A 68 -21.51 -2.27 10.22
CA THR A 68 -20.13 -2.74 10.15
C THR A 68 -19.58 -3.25 11.47
N ASP A 69 -20.38 -3.32 12.54
CA ASP A 69 -19.86 -3.56 13.89
C ASP A 69 -19.82 -5.06 14.20
N PHE A 70 -18.97 -5.78 13.47
CA PHE A 70 -18.78 -7.20 13.70
C PHE A 70 -17.30 -7.54 13.49
N SER A 71 -16.89 -8.67 14.09
CA SER A 71 -15.48 -9.07 14.13
C SER A 71 -15.19 -10.14 13.09
N PRO A 72 -13.92 -10.30 12.69
CA PRO A 72 -13.57 -11.38 11.75
C PRO A 72 -14.08 -12.74 12.19
N ASN A 73 -14.11 -13.00 13.50
CA ASN A 73 -14.86 -14.12 14.04
C ASN A 73 -16.12 -13.56 14.68
N PRO A 74 -17.28 -13.65 14.02
CA PRO A 74 -18.46 -12.91 14.48
C PRO A 74 -19.02 -13.46 15.78
N ASP A 75 -19.48 -12.54 16.63
CA ASP A 75 -20.05 -12.87 17.93
C ASP A 75 -21.57 -12.74 17.92
N VAL A 76 -22.21 -13.54 18.77
CA VAL A 76 -23.67 -13.49 18.91
C VAL A 76 -24.14 -12.09 19.31
N THR A 77 -23.30 -11.35 20.06
CA THR A 77 -23.67 -9.99 20.40
C THR A 77 -23.73 -9.11 19.17
N GLU A 78 -22.81 -9.32 18.23
CA GLU A 78 -22.79 -8.53 17.01
C GLU A 78 -23.99 -8.87 16.11
N VAL A 79 -24.36 -10.15 16.06
CA VAL A 79 -25.58 -10.54 15.35
C VAL A 79 -26.79 -9.85 15.98
N ASP A 80 -26.85 -9.86 17.32
CA ASP A 80 -28.00 -9.28 18.00
C ASP A 80 -28.06 -7.76 17.79
N ALA A 81 -26.91 -7.10 17.83
CA ALA A 81 -26.88 -5.67 17.52
C ALA A 81 -27.32 -5.43 16.08
N CYS A 82 -26.91 -6.30 15.17
CA CYS A 82 -27.32 -6.15 13.78
C CYS A 82 -28.84 -6.30 13.65
N ALA A 83 -29.42 -7.28 14.34
CA ALA A 83 -30.85 -7.49 14.26
C ALA A 83 -31.63 -6.31 14.81
N GLU A 84 -31.10 -5.64 15.84
CA GLU A 84 -31.81 -4.50 16.39
C GLU A 84 -31.77 -3.32 15.45
N ILE A 85 -30.65 -3.15 14.73
CA ILE A 85 -30.58 -2.11 13.70
C ILE A 85 -31.60 -2.38 12.60
N ILE A 86 -31.81 -3.67 12.25
CA ILE A 86 -32.83 -4.04 11.27
C ILE A 86 -34.21 -3.62 11.74
N ARG A 87 -34.56 -3.96 12.99
CA ARG A 87 -35.85 -3.58 13.56
C ARG A 87 -36.03 -2.06 13.54
N LYS A 88 -35.00 -1.33 13.99
CA LYS A 88 -35.13 0.12 14.12
C LYS A 88 -35.30 0.80 12.76
N ASN A 89 -34.75 0.22 11.69
CA ASN A 89 -34.82 0.85 10.38
C ASN A 89 -35.80 0.13 9.44
N HIS A 90 -36.55 -0.85 9.96
CA HIS A 90 -37.58 -1.56 9.20
C HIS A 90 -37.02 -2.17 7.92
N CYS A 91 -35.83 -2.75 8.02
CA CYS A 91 -35.18 -3.31 6.84
C CYS A 91 -35.92 -4.55 6.37
N GLU A 92 -36.07 -4.67 5.05
CA GLU A 92 -36.78 -5.79 4.46
C GLU A 92 -35.86 -6.79 3.74
N PHE A 93 -34.57 -6.47 3.59
CA PHE A 93 -33.64 -7.46 3.06
C PHE A 93 -32.24 -7.13 3.53
N VAL A 94 -31.35 -8.12 3.41
CA VAL A 94 -29.98 -8.03 3.90
C VAL A 94 -29.03 -8.25 2.73
N VAL A 95 -28.12 -7.31 2.52
CA VAL A 95 -27.03 -7.48 1.57
C VAL A 95 -25.78 -7.80 2.37
N ALA A 96 -25.29 -9.03 2.25
CA ALA A 96 -24.06 -9.45 2.92
C ALA A 96 -22.91 -9.27 1.95
N MET A 97 -22.03 -8.31 2.23
CA MET A 97 -20.89 -8.06 1.35
C MET A 97 -19.60 -8.17 2.15
N GLY A 98 -18.84 -9.22 1.89
CA GLY A 98 -17.58 -9.43 2.56
C GLY A 98 -17.16 -10.88 2.44
N GLY A 99 -16.31 -11.30 3.35
CA GLY A 99 -15.92 -12.69 3.46
C GLY A 99 -16.92 -13.49 4.26
N GLY A 100 -16.48 -14.67 4.69
CA GLY A 100 -17.34 -15.52 5.50
C GLY A 100 -17.97 -14.81 6.68
N SER A 101 -17.26 -13.87 7.30
CA SER A 101 -17.77 -13.27 8.53
C SER A 101 -19.04 -12.44 8.27
N ALA A 102 -19.00 -11.54 7.30
CA ALA A 102 -20.19 -10.74 6.99
C ALA A 102 -21.35 -11.64 6.58
N MET A 103 -21.07 -12.72 5.84
CA MET A 103 -22.14 -13.60 5.40
C MET A 103 -22.74 -14.36 6.57
N ASP A 104 -21.92 -14.77 7.53
CA ASP A 104 -22.46 -15.52 8.67
C ASP A 104 -23.24 -14.61 9.63
N VAL A 105 -22.83 -13.35 9.78
CA VAL A 105 -23.63 -12.39 10.54
C VAL A 105 -24.98 -12.19 9.87
N SER A 106 -24.96 -12.01 8.55
CA SER A 106 -26.18 -11.68 7.82
C SER A 106 -27.18 -12.83 7.87
N LYS A 107 -26.73 -14.06 7.68
CA LYS A 107 -27.64 -15.21 7.70
C LYS A 107 -28.38 -15.26 9.04
N ALA A 108 -27.64 -15.11 10.14
CA ALA A 108 -28.26 -15.21 11.46
C ALA A 108 -29.20 -14.03 11.72
N ALA A 109 -28.72 -12.81 11.43
CA ALA A 109 -29.50 -11.61 11.70
C ALA A 109 -30.81 -11.59 10.92
N ALA A 110 -30.78 -12.02 9.65
CA ALA A 110 -31.96 -11.96 8.79
C ALA A 110 -33.10 -12.82 9.33
N SER A 111 -32.78 -13.81 10.15
CA SER A 111 -33.78 -14.67 10.77
C SER A 111 -34.20 -14.13 12.13
N ILE A 112 -33.23 -13.77 12.97
CA ILE A 112 -33.55 -13.45 14.36
C ILE A 112 -34.20 -12.07 14.49
N CYS A 113 -34.01 -11.17 13.52
CA CYS A 113 -34.64 -9.86 13.59
C CYS A 113 -36.16 -9.96 13.59
N LEU A 114 -36.71 -11.05 13.06
CA LEU A 114 -38.16 -11.21 13.04
C LEU A 114 -38.71 -11.64 14.39
N THR A 115 -37.84 -11.98 15.34
CA THR A 115 -38.23 -12.41 16.67
C THR A 115 -37.76 -11.39 17.69
N ASP A 116 -38.08 -11.65 18.95
CA ASP A 116 -37.57 -10.87 20.07
C ASP A 116 -36.64 -11.69 20.97
N ASP A 117 -36.03 -12.73 20.41
CA ASP A 117 -35.05 -13.55 21.12
C ASP A 117 -33.63 -13.15 20.74
N SER A 118 -32.68 -13.67 21.50
CA SER A 118 -31.27 -13.54 21.15
C SER A 118 -30.85 -14.73 20.31
N ILE A 119 -29.90 -14.50 19.40
CA ILE A 119 -29.40 -15.59 18.56
C ILE A 119 -28.77 -16.68 19.42
N ALA A 120 -28.35 -16.36 20.64
CA ALA A 120 -27.70 -17.36 21.49
C ALA A 120 -28.65 -18.52 21.83
N ASP A 121 -29.95 -18.23 21.94
CA ASP A 121 -30.95 -19.27 22.22
C ASP A 121 -30.92 -20.42 21.21
N TYR A 122 -30.28 -20.23 20.06
CA TYR A 122 -30.19 -21.26 19.03
C TYR A 122 -28.74 -21.59 18.69
N HIS A 123 -27.79 -21.04 19.45
CA HIS A 123 -26.35 -21.25 19.20
C HIS A 123 -25.90 -22.49 19.98
N GLY A 124 -25.91 -23.63 19.30
CA GLY A 124 -25.48 -24.88 19.90
C GLY A 124 -26.43 -25.48 20.92
N THR A 125 -27.57 -24.84 21.17
CA THR A 125 -28.54 -25.30 22.16
C THR A 125 -29.43 -26.43 21.66
N GLY A 126 -29.23 -26.91 20.44
CA GLY A 126 -30.09 -27.92 19.87
C GLY A 126 -31.48 -27.45 19.47
N LYS A 127 -31.80 -26.17 19.67
CA LYS A 127 -33.09 -25.63 19.31
C LYS A 127 -33.06 -25.12 17.87
N ALA A 128 -34.01 -25.60 17.06
CA ALA A 128 -34.04 -25.24 15.64
C ALA A 128 -34.42 -23.78 15.46
N MET A 129 -33.84 -23.16 14.44
CA MET A 129 -34.12 -21.75 14.15
C MET A 129 -35.54 -21.56 13.62
N PRO A 130 -36.15 -20.41 13.87
CA PRO A 130 -37.35 -20.06 13.11
C PRO A 130 -36.99 -19.93 11.64
N GLN A 131 -37.95 -20.23 10.77
CA GLN A 131 -37.62 -20.37 9.36
C GLN A 131 -37.98 -19.14 8.53
N LYS A 132 -38.85 -18.27 9.02
CA LYS A 132 -39.11 -17.01 8.32
C LYS A 132 -37.90 -16.08 8.49
N HIS A 133 -37.56 -15.36 7.42
CA HIS A 133 -36.36 -14.55 7.42
C HIS A 133 -36.46 -13.49 6.34
N LEU A 134 -35.71 -12.41 6.53
CA LEU A 134 -35.54 -11.46 5.45
C LEU A 134 -34.70 -12.11 4.34
N PRO A 135 -35.01 -11.83 3.08
CA PRO A 135 -34.15 -12.33 2.00
C PRO A 135 -32.73 -11.80 2.11
N ILE A 136 -31.78 -12.67 1.82
CA ILE A 136 -30.35 -12.35 1.84
C ILE A 136 -29.82 -12.31 0.42
N ILE A 137 -29.14 -11.22 0.07
CA ILE A 137 -28.31 -11.13 -1.14
C ILE A 137 -26.86 -11.15 -0.70
N ALA A 138 -26.11 -12.17 -1.11
CA ALA A 138 -24.73 -12.35 -0.66
C ALA A 138 -23.76 -11.92 -1.74
N LEU A 139 -22.79 -11.07 -1.38
CA LEU A 139 -21.75 -10.59 -2.30
C LEU A 139 -20.40 -10.97 -1.72
N PRO A 140 -19.87 -12.16 -2.06
CA PRO A 140 -18.53 -12.52 -1.57
C PRO A 140 -17.50 -11.53 -2.07
N THR A 141 -16.51 -11.25 -1.22
CA THR A 141 -15.41 -10.36 -1.59
C THR A 141 -14.07 -11.08 -1.57
N THR A 142 -14.06 -12.39 -1.38
CA THR A 142 -12.85 -13.20 -1.53
C THR A 142 -13.20 -14.43 -2.35
N ALA A 143 -12.16 -15.10 -2.84
CA ALA A 143 -12.32 -16.33 -3.61
C ALA A 143 -11.42 -17.42 -3.01
N GLY A 144 -11.87 -18.03 -1.93
CA GLY A 144 -13.14 -17.73 -1.31
C GLY A 144 -13.51 -18.82 -0.33
N THR A 145 -14.52 -18.53 0.49
CA THR A 145 -15.08 -19.51 1.41
C THR A 145 -16.25 -20.29 0.82
N GLY A 146 -16.85 -19.79 -0.25
CA GLY A 146 -18.07 -20.37 -0.79
C GLY A 146 -19.29 -20.20 0.10
N SER A 147 -19.19 -19.38 1.16
CA SER A 147 -20.28 -19.20 2.11
C SER A 147 -21.55 -18.66 1.44
N GLU A 148 -21.43 -18.06 0.26
CA GLU A 148 -22.60 -17.47 -0.37
C GLU A 148 -23.60 -18.52 -0.87
N VAL A 149 -23.26 -19.81 -0.85
CA VAL A 149 -24.21 -20.84 -1.27
C VAL A 149 -24.41 -21.90 -0.19
N THR A 150 -24.05 -21.60 1.05
CA THR A 150 -24.29 -22.51 2.15
C THR A 150 -25.40 -21.98 3.05
N CYS A 151 -25.93 -22.85 3.90
CA CYS A 151 -26.92 -22.47 4.88
C CYS A 151 -26.37 -22.57 6.30
N VAL A 152 -25.09 -22.28 6.47
CA VAL A 152 -24.39 -22.42 7.75
C VAL A 152 -23.87 -21.06 8.20
N SER A 153 -24.07 -20.76 9.48
CA SER A 153 -23.53 -19.55 10.09
C SER A 153 -22.69 -19.95 11.31
N VAL A 154 -21.38 -19.72 11.22
CA VAL A 154 -20.46 -20.08 12.29
C VAL A 154 -20.26 -18.85 13.16
N LEU A 155 -20.70 -18.92 14.41
CA LEU A 155 -20.58 -17.80 15.32
C LEU A 155 -19.79 -18.22 16.55
N THR A 156 -19.33 -17.23 17.30
CA THR A 156 -18.73 -17.44 18.60
C THR A 156 -19.56 -16.75 19.66
N ASN A 157 -19.50 -17.29 20.87
CA ASN A 157 -20.01 -16.63 22.06
C ASN A 157 -18.81 -16.37 22.96
N ARG A 158 -18.32 -15.13 22.95
CA ARG A 158 -17.09 -14.81 23.67
C ARG A 158 -17.29 -14.93 25.17
N LYS A 159 -18.38 -14.37 25.70
CA LYS A 159 -18.67 -14.46 27.12
C LYS A 159 -18.82 -15.90 27.59
N LEU A 160 -19.19 -16.82 26.70
CA LEU A 160 -19.36 -18.22 27.05
C LEU A 160 -18.28 -19.13 26.46
N GLY A 161 -17.26 -18.56 25.83
CA GLY A 161 -16.17 -19.35 25.25
C GLY A 161 -16.59 -20.42 24.27
N LYS A 162 -17.75 -20.27 23.65
CA LYS A 162 -18.29 -21.28 22.73
C LYS A 162 -18.19 -20.81 21.29
N LYS A 163 -17.83 -21.72 20.40
CA LYS A 163 -17.87 -21.47 18.96
C LYS A 163 -18.51 -22.66 18.28
N ALA A 164 -19.66 -22.45 17.64
CA ALA A 164 -20.43 -23.52 17.03
C ALA A 164 -21.13 -22.98 15.79
N PRO A 165 -21.43 -23.83 14.82
CA PRO A 165 -22.25 -23.40 13.69
C PRO A 165 -23.73 -23.51 14.01
N ILE A 166 -24.53 -22.76 13.25
CA ILE A 166 -25.98 -22.85 13.26
C ILE A 166 -26.41 -23.16 11.83
N VAL A 167 -27.18 -24.23 11.66
CA VAL A 167 -27.63 -24.69 10.36
C VAL A 167 -29.14 -24.48 10.27
N SER A 168 -29.58 -23.78 9.23
CA SER A 168 -30.99 -23.48 9.05
C SER A 168 -31.25 -23.28 7.57
N ASP A 169 -32.30 -23.92 7.05
CA ASP A 169 -32.65 -23.71 5.65
C ASP A 169 -32.92 -22.24 5.34
N GLY A 170 -33.39 -21.47 6.32
CA GLY A 170 -33.60 -20.04 6.16
C GLY A 170 -32.33 -19.22 6.03
N PHE A 171 -31.16 -19.85 6.17
CA PHE A 171 -29.87 -19.18 6.01
C PHE A 171 -29.36 -19.17 4.58
N PHE A 172 -29.95 -19.97 3.68
CA PHE A 172 -29.53 -19.94 2.28
C PHE A 172 -29.79 -18.54 1.73
N PRO A 173 -28.78 -17.88 1.14
CA PRO A 173 -29.06 -16.61 0.46
C PRO A 173 -30.07 -16.84 -0.66
N SER A 174 -30.83 -15.80 -0.97
CA SER A 174 -31.72 -15.86 -2.11
C SER A 174 -30.96 -15.72 -3.42
N VAL A 175 -30.02 -14.78 -3.47
CA VAL A 175 -29.18 -14.55 -4.63
C VAL A 175 -27.77 -14.34 -4.13
N ALA A 176 -26.82 -14.96 -4.81
CA ALA A 176 -25.39 -14.68 -4.63
C ALA A 176 -24.92 -13.96 -5.88
N ILE A 177 -24.45 -12.72 -5.70
CA ILE A 177 -23.79 -11.99 -6.77
C ILE A 177 -22.30 -12.26 -6.61
N VAL A 178 -21.71 -12.94 -7.58
CA VAL A 178 -20.29 -13.24 -7.57
C VAL A 178 -19.65 -12.30 -8.57
N ASP A 179 -19.10 -11.19 -8.06
CA ASP A 179 -18.53 -10.12 -8.88
C ASP A 179 -17.03 -10.08 -8.66
N PRO A 180 -16.22 -10.48 -9.65
CA PRO A 180 -14.77 -10.58 -9.41
C PRO A 180 -14.11 -9.27 -9.03
N GLU A 181 -14.69 -8.13 -9.43
CA GLU A 181 -14.13 -6.82 -9.09
C GLU A 181 -14.02 -6.64 -7.59
N LEU A 182 -14.92 -7.24 -6.82
CA LEU A 182 -14.84 -7.08 -5.37
C LEU A 182 -13.66 -7.82 -4.76
N THR A 183 -12.92 -8.61 -5.54
CA THR A 183 -11.73 -9.28 -5.02
C THR A 183 -10.43 -8.65 -5.47
N TYR A 184 -10.47 -7.63 -6.34
CA TYR A 184 -9.22 -7.09 -6.89
C TYR A 184 -8.29 -6.57 -5.80
N SER A 185 -8.82 -6.11 -4.68
CA SER A 185 -7.99 -5.52 -3.64
C SER A 185 -7.53 -6.51 -2.56
N VAL A 186 -7.88 -7.79 -2.68
CA VAL A 186 -7.43 -8.80 -1.71
C VAL A 186 -5.91 -8.92 -1.82
N PRO A 187 -5.17 -8.75 -0.72
CA PRO A 187 -3.68 -8.81 -0.81
C PRO A 187 -3.18 -10.19 -1.19
N PRO A 188 -1.96 -10.29 -1.74
CA PRO A 188 -1.47 -11.58 -2.22
C PRO A 188 -1.50 -12.69 -1.18
N LYS A 189 -1.12 -12.42 0.07
CA LYS A 189 -1.11 -13.48 1.09
C LYS A 189 -2.52 -14.00 1.36
N ILE A 190 -3.51 -13.12 1.35
CA ILE A 190 -4.88 -13.56 1.59
C ILE A 190 -5.47 -14.21 0.35
N THR A 191 -5.10 -13.70 -0.84
CA THR A 191 -5.44 -14.37 -2.08
C THR A 191 -4.96 -15.82 -2.08
N ALA A 192 -3.74 -16.04 -1.62
CA ALA A 192 -3.16 -17.39 -1.59
C ALA A 192 -3.94 -18.29 -0.64
N SER A 193 -4.17 -17.82 0.59
CA SER A 193 -4.88 -18.63 1.58
C SER A 193 -6.32 -18.92 1.15
N THR A 194 -7.06 -17.89 0.70
CA THR A 194 -8.41 -18.16 0.27
C THR A 194 -8.44 -19.07 -0.96
N GLY A 195 -7.44 -18.96 -1.84
CA GLY A 195 -7.34 -19.87 -2.96
C GLY A 195 -7.12 -21.32 -2.54
N MET A 196 -6.30 -21.53 -1.50
CA MET A 196 -6.07 -22.89 -0.99
C MET A 196 -7.33 -23.43 -0.33
N ASP A 197 -8.17 -22.55 0.21
CA ASP A 197 -9.47 -22.96 0.70
C ASP A 197 -10.34 -23.52 -0.43
N VAL A 198 -10.37 -22.84 -1.57
CA VAL A 198 -11.12 -23.36 -2.72
C VAL A 198 -10.61 -24.75 -3.11
N LEU A 199 -9.30 -24.87 -3.26
CA LEU A 199 -8.71 -26.12 -3.73
C LEU A 199 -8.98 -27.25 -2.75
N SER A 200 -8.87 -26.97 -1.45
CA SER A 200 -9.15 -27.99 -0.45
C SER A 200 -10.63 -28.38 -0.47
N GLN A 201 -11.53 -27.39 -0.53
CA GLN A 201 -12.95 -27.71 -0.59
C GLN A 201 -13.27 -28.58 -1.79
N ALA A 202 -12.65 -28.29 -2.95
CA ALA A 202 -12.92 -29.06 -4.17
C ALA A 202 -12.41 -30.49 -4.02
N ILE A 203 -11.14 -30.63 -3.65
CA ILE A 203 -10.54 -31.97 -3.62
C ILE A 203 -11.21 -32.82 -2.55
N GLU A 204 -11.40 -32.26 -1.35
CA GLU A 204 -12.04 -33.00 -0.27
C GLU A 204 -13.52 -33.28 -0.55
N GLY A 205 -14.21 -32.32 -1.16
CA GLY A 205 -15.59 -32.57 -1.58
C GLY A 205 -15.70 -33.77 -2.49
N PHE A 206 -14.74 -33.92 -3.42
CA PHE A 206 -14.78 -35.05 -4.34
C PHE A 206 -14.53 -36.37 -3.63
N TRP A 207 -13.47 -36.45 -2.81
CA TRP A 207 -13.11 -37.75 -2.27
C TRP A 207 -13.83 -38.10 -0.98
N SER A 208 -14.70 -37.21 -0.47
CA SER A 208 -15.46 -37.49 0.74
C SER A 208 -16.28 -38.77 0.59
N LYS A 209 -16.49 -39.48 1.71
CA LYS A 209 -17.40 -40.62 1.68
C LYS A 209 -18.82 -40.20 1.31
N GLY A 210 -19.15 -38.93 1.43
CA GLY A 210 -20.48 -38.47 1.07
C GLY A 210 -20.55 -37.97 -0.37
N HIS A 211 -19.60 -38.39 -1.20
CA HIS A 211 -19.53 -37.86 -2.57
C HIS A 211 -20.81 -38.19 -3.34
N GLN A 212 -21.20 -37.29 -4.23
CA GLN A 212 -22.29 -37.52 -5.15
C GLN A 212 -21.94 -36.84 -6.46
N PRO A 213 -22.54 -37.28 -7.58
CA PRO A 213 -21.92 -36.98 -8.89
C PRO A 213 -22.00 -35.53 -9.33
N ILE A 214 -23.05 -34.79 -8.96
CA ILE A 214 -23.12 -33.38 -9.34
C ILE A 214 -22.01 -32.60 -8.65
N CYS A 215 -21.83 -32.85 -7.35
CA CYS A 215 -20.75 -32.21 -6.62
C CYS A 215 -19.39 -32.64 -7.16
N ASP A 216 -19.28 -33.92 -7.56
CA ASP A 216 -18.06 -34.42 -8.21
C ASP A 216 -17.68 -33.57 -9.40
N SER A 217 -18.67 -33.25 -10.26
CA SER A 217 -18.42 -32.46 -11.46
C SER A 217 -17.95 -31.06 -11.11
N CYS A 218 -18.61 -30.42 -10.15
CA CYS A 218 -18.19 -29.10 -9.70
C CYS A 218 -16.77 -29.16 -9.13
N ALA A 219 -16.48 -30.18 -8.34
CA ALA A 219 -15.17 -30.27 -7.68
C ALA A 219 -14.05 -30.32 -8.70
N ALA A 220 -14.18 -31.19 -9.71
CA ALA A 220 -13.15 -31.30 -10.75
C ALA A 220 -12.98 -29.99 -11.50
N HIS A 221 -14.10 -29.33 -11.83
CA HIS A 221 -14.04 -28.05 -12.53
C HIS A 221 -13.26 -27.00 -11.76
N ALA A 222 -13.59 -26.85 -10.47
CA ALA A 222 -12.97 -25.83 -9.63
C ALA A 222 -11.49 -26.13 -9.40
N ALA A 223 -11.15 -27.40 -9.13
CA ALA A 223 -9.77 -27.75 -8.84
C ALA A 223 -8.86 -27.41 -10.02
N LYS A 224 -9.27 -27.78 -11.22
CA LYS A 224 -8.49 -27.48 -12.42
C LYS A 224 -8.23 -25.98 -12.54
N LEU A 225 -9.24 -25.15 -12.26
CA LEU A 225 -9.04 -23.71 -12.35
C LEU A 225 -8.02 -23.20 -11.34
N VAL A 226 -8.03 -23.73 -10.12
CA VAL A 226 -7.14 -23.20 -9.09
C VAL A 226 -5.68 -23.41 -9.48
N PHE A 227 -5.35 -24.62 -9.95
CA PHE A 227 -3.95 -24.92 -10.28
C PHE A 227 -3.41 -23.93 -11.31
N LYS A 228 -4.24 -23.52 -12.27
CA LYS A 228 -3.77 -22.61 -13.32
C LYS A 228 -3.77 -21.15 -12.89
N TYR A 229 -4.85 -20.68 -12.26
CA TYR A 229 -5.00 -19.25 -12.07
C TYR A 229 -4.60 -18.73 -10.69
N LEU A 230 -4.54 -19.58 -9.66
CA LEU A 230 -4.16 -19.06 -8.35
C LEU A 230 -2.77 -18.44 -8.34
N PRO A 231 -1.74 -19.05 -8.95
CA PRO A 231 -0.44 -18.35 -8.96
C PRO A 231 -0.51 -17.02 -9.69
N ILE A 232 -1.34 -16.92 -10.73
CA ILE A 232 -1.45 -15.65 -11.45
C ILE A 232 -2.10 -14.59 -10.57
N ALA A 233 -3.18 -14.95 -9.87
CA ALA A 233 -3.85 -13.98 -9.02
C ALA A 233 -2.96 -13.48 -7.88
N VAL A 234 -2.07 -14.34 -7.36
CA VAL A 234 -1.21 -13.94 -6.26
C VAL A 234 -0.10 -13.03 -6.77
N ALA A 235 0.47 -13.37 -7.91
CA ALA A 235 1.54 -12.55 -8.50
C ALA A 235 1.02 -11.31 -9.22
N GLU A 236 -0.22 -11.32 -9.71
CA GLU A 236 -0.79 -10.18 -10.44
C GLU A 236 -2.18 -9.87 -9.91
N PRO A 237 -2.27 -9.16 -8.79
CA PRO A 237 -3.60 -8.95 -8.15
C PRO A 237 -4.61 -8.23 -9.04
N HIS A 238 -4.19 -7.51 -10.08
CA HIS A 238 -5.13 -6.86 -10.98
C HIS A 238 -5.28 -7.58 -12.31
N ASN A 239 -4.80 -8.83 -12.42
CA ASN A 239 -5.10 -9.63 -13.60
C ASN A 239 -6.57 -10.03 -13.55
N GLU A 240 -7.40 -9.39 -14.39
CA GLU A 240 -8.84 -9.57 -14.27
C GLU A 240 -9.27 -11.00 -14.61
N GLU A 241 -8.61 -11.62 -15.60
CA GLU A 241 -8.95 -13.00 -15.95
C GLU A 241 -8.71 -13.95 -14.78
N ALA A 242 -7.55 -13.85 -14.13
CA ALA A 242 -7.25 -14.75 -13.03
C ALA A 242 -8.17 -14.53 -11.84
N ARG A 243 -8.49 -13.27 -11.53
CA ARG A 243 -9.46 -13.01 -10.47
C ARG A 243 -10.82 -13.58 -10.85
N GLU A 244 -11.23 -13.40 -12.11
CA GLU A 244 -12.52 -13.94 -12.51
C GLU A 244 -12.53 -15.46 -12.42
N LYS A 245 -11.44 -16.10 -12.85
CA LYS A 245 -11.39 -17.56 -12.80
C LYS A 245 -11.33 -18.07 -11.36
N MET A 246 -10.65 -17.36 -10.45
CA MET A 246 -10.67 -17.79 -9.06
C MET A 246 -12.07 -17.66 -8.46
N CYS A 247 -12.81 -16.60 -8.81
CA CYS A 247 -14.19 -16.45 -8.34
C CYS A 247 -15.09 -17.55 -8.89
N GLU A 248 -14.89 -17.92 -10.16
CA GLU A 248 -15.60 -19.05 -10.74
C GLU A 248 -15.29 -20.33 -9.96
N ALA A 249 -14.00 -20.59 -9.71
CA ALA A 249 -13.64 -21.78 -8.95
C ALA A 249 -14.24 -21.74 -7.56
N SER A 250 -14.24 -20.57 -6.92
CA SER A 250 -14.69 -20.43 -5.55
C SER A 250 -16.17 -20.78 -5.41
N VAL A 251 -17.02 -20.19 -6.24
CA VAL A 251 -18.45 -20.43 -6.08
C VAL A 251 -18.79 -21.86 -6.47
N ILE A 252 -18.11 -22.41 -7.49
CA ILE A 252 -18.39 -23.77 -7.91
C ILE A 252 -17.84 -24.76 -6.90
N ALA A 253 -16.70 -24.47 -6.27
CA ALA A 253 -16.23 -25.34 -5.19
C ALA A 253 -17.18 -25.28 -4.01
N GLY A 254 -17.75 -24.11 -3.74
CA GLY A 254 -18.82 -24.03 -2.75
C GLY A 254 -19.94 -25.02 -3.04
N LEU A 255 -20.37 -25.11 -4.29
CA LEU A 255 -21.37 -26.10 -4.66
C LEU A 255 -20.85 -27.53 -4.53
N ALA A 256 -19.53 -27.71 -4.61
CA ALA A 256 -18.95 -29.05 -4.54
C ALA A 256 -18.90 -29.60 -3.13
N PHE A 257 -18.66 -28.77 -2.11
CA PHE A 257 -18.43 -29.32 -0.78
C PHE A 257 -19.64 -29.24 0.15
N THR A 258 -20.62 -28.37 -0.12
CA THR A 258 -21.69 -28.13 0.83
C THR A 258 -22.41 -29.41 1.23
N LEU A 259 -22.71 -30.28 0.25
CA LEU A 259 -23.46 -31.52 0.53
C LEU A 259 -22.57 -32.70 0.91
N PRO A 260 -21.46 -32.98 0.20
CA PRO A 260 -20.61 -34.11 0.61
C PRO A 260 -19.87 -33.88 1.94
N LYS A 261 -19.70 -32.61 2.35
CA LYS A 261 -18.93 -32.19 3.52
C LYS A 261 -17.43 -32.39 3.30
N THR A 262 -16.61 -31.65 4.05
CA THR A 262 -15.15 -31.77 3.93
C THR A 262 -14.63 -32.90 4.80
N THR A 263 -13.30 -33.08 4.79
CA THR A 263 -12.72 -34.31 5.32
C THR A 263 -11.50 -34.04 6.19
N SER A 264 -10.40 -34.73 5.91
CA SER A 264 -9.28 -34.75 6.85
C SER A 264 -8.58 -33.40 6.96
N SER A 265 -8.35 -32.73 5.83
CA SER A 265 -7.61 -31.46 5.88
C SER A 265 -8.40 -30.40 6.62
N HIS A 266 -9.73 -30.39 6.47
CA HIS A 266 -10.52 -29.43 7.24
C HIS A 266 -10.52 -29.78 8.72
N ALA A 267 -10.62 -31.07 9.04
CA ALA A 267 -10.58 -31.48 10.44
C ALA A 267 -9.30 -31.00 11.11
N CYS A 268 -8.16 -31.22 10.45
CA CYS A 268 -6.88 -30.78 10.99
C CYS A 268 -6.74 -29.26 11.00
N SER A 269 -7.44 -28.55 10.11
CA SER A 269 -7.24 -27.12 9.98
C SER A 269 -7.71 -26.37 11.23
N PHE A 270 -8.74 -26.89 11.91
CA PHE A 270 -9.34 -26.12 13.00
C PHE A 270 -8.34 -25.88 14.13
N PRO A 271 -7.65 -26.88 14.71
CA PRO A 271 -6.62 -26.55 15.72
C PRO A 271 -5.44 -25.78 15.14
N LEU A 272 -5.09 -26.00 13.87
CA LEU A 272 -3.99 -25.21 13.29
C LEU A 272 -4.33 -23.74 13.28
N THR A 273 -5.60 -23.41 13.00
CA THR A 273 -6.06 -22.02 13.02
C THR A 273 -6.28 -21.52 14.44
N ASN A 274 -7.03 -22.27 15.25
CA ASN A 274 -7.44 -21.75 16.56
C ASN A 274 -6.28 -21.70 17.55
N ILE A 275 -5.41 -22.70 17.51
CA ILE A 275 -4.27 -22.71 18.43
C ILE A 275 -3.08 -21.95 17.87
N HIS A 276 -2.77 -22.11 16.58
CA HIS A 276 -1.49 -21.63 16.10
C HIS A 276 -1.59 -20.43 15.17
N GLY A 277 -2.80 -19.91 14.95
CA GLY A 277 -2.92 -18.68 14.18
C GLY A 277 -2.76 -18.83 12.68
N ILE A 278 -2.75 -20.05 12.16
CA ILE A 278 -2.63 -20.26 10.72
C ILE A 278 -3.99 -20.02 10.07
N PRO A 279 -4.10 -19.13 9.08
CA PRO A 279 -5.42 -18.88 8.47
C PRO A 279 -6.00 -20.15 7.87
N HIS A 280 -7.34 -20.20 7.84
CA HIS A 280 -8.07 -21.42 7.49
C HIS A 280 -7.56 -22.08 6.21
N GLY A 281 -7.53 -21.32 5.11
CA GLY A 281 -7.12 -21.90 3.84
C GLY A 281 -5.71 -22.46 3.86
N GLU A 282 -4.77 -21.69 4.41
CA GLU A 282 -3.40 -22.18 4.53
C GLU A 282 -3.33 -23.44 5.39
N ALA A 283 -4.10 -23.46 6.48
CA ALA A 283 -4.14 -24.63 7.37
C ALA A 283 -4.67 -25.87 6.65
N CYS A 284 -5.72 -25.71 5.84
CA CYS A 284 -6.20 -26.81 5.02
C CYS A 284 -5.11 -27.28 4.06
N GLY A 285 -4.44 -26.33 3.40
CA GLY A 285 -3.42 -26.67 2.42
C GLY A 285 -2.20 -27.34 3.01
N LEU A 286 -1.93 -27.09 4.30
CA LEU A 286 -0.78 -27.69 4.96
C LEU A 286 -0.80 -29.22 4.88
N THR A 287 -1.98 -29.82 4.95
CA THR A 287 -2.11 -31.29 4.95
C THR A 287 -2.70 -31.84 3.66
N LEU A 288 -3.03 -30.98 2.70
CA LEU A 288 -3.81 -31.43 1.56
C LEU A 288 -3.04 -32.44 0.71
N ASP A 289 -1.77 -32.14 0.39
CA ASP A 289 -1.02 -33.09 -0.41
C ASP A 289 -0.57 -34.30 0.40
N TYR A 290 -0.39 -34.15 1.72
CA TYR A 290 -0.11 -35.30 2.58
C TYR A 290 -1.26 -36.30 2.55
N PHE A 291 -2.49 -35.82 2.76
CA PHE A 291 -3.63 -36.74 2.73
C PHE A 291 -3.91 -37.25 1.32
N ALA A 292 -3.63 -36.44 0.30
CA ALA A 292 -3.78 -36.91 -1.08
C ALA A 292 -2.96 -38.17 -1.33
N ARG A 293 -1.71 -38.20 -0.88
CA ARG A 293 -0.90 -39.40 -1.07
C ARG A 293 -1.45 -40.57 -0.26
N ILE A 294 -1.93 -40.30 0.96
CA ILE A 294 -2.58 -41.36 1.73
C ILE A 294 -3.80 -41.90 0.97
N ASN A 295 -4.57 -41.02 0.34
CA ASN A 295 -5.81 -41.40 -0.33
C ASN A 295 -5.64 -41.84 -1.78
N LYS A 296 -4.40 -41.99 -2.26
CA LYS A 296 -4.20 -42.04 -3.72
C LYS A 296 -5.01 -43.17 -4.38
N ASP A 297 -5.11 -44.32 -3.73
CA ASP A 297 -5.76 -45.48 -4.33
C ASP A 297 -7.12 -45.77 -3.72
N ALA A 298 -7.70 -44.79 -3.04
CA ALA A 298 -8.97 -44.98 -2.37
C ALA A 298 -10.11 -45.17 -3.36
N GLN A 299 -11.19 -45.81 -2.91
CA GLN A 299 -12.44 -45.88 -3.65
C GLN A 299 -12.23 -46.48 -5.03
N HIS A 300 -11.39 -47.51 -5.12
CA HIS A 300 -11.19 -48.27 -6.35
C HIS A 300 -10.76 -47.38 -7.50
N GLY A 301 -9.91 -46.40 -7.21
CA GLY A 301 -9.31 -45.59 -8.25
C GLY A 301 -9.98 -44.25 -8.52
N ARG A 302 -11.01 -43.89 -7.75
CA ARG A 302 -11.72 -42.64 -7.99
C ARG A 302 -10.79 -41.44 -7.99
N VAL A 303 -9.88 -41.40 -7.02
CA VAL A 303 -9.00 -40.24 -6.88
C VAL A 303 -7.99 -40.20 -8.02
N GLN A 304 -7.52 -41.36 -8.47
CA GLN A 304 -6.67 -41.40 -9.65
C GLN A 304 -7.43 -40.89 -10.88
N GLU A 305 -8.71 -41.31 -11.01
CA GLU A 305 -9.52 -40.79 -12.11
C GLU A 305 -9.69 -39.28 -12.03
N PHE A 306 -9.92 -38.76 -10.81
CA PHE A 306 -9.98 -37.31 -10.58
C PHE A 306 -8.69 -36.63 -11.01
N ALA A 307 -7.55 -37.14 -10.56
CA ALA A 307 -6.27 -36.54 -10.91
C ALA A 307 -6.10 -36.47 -12.42
N ARG A 308 -6.42 -37.56 -13.11
CA ARG A 308 -6.25 -37.57 -14.56
C ARG A 308 -7.22 -36.60 -15.23
N GLY A 309 -8.46 -36.53 -14.72
CA GLY A 309 -9.44 -35.63 -15.32
C GLY A 309 -9.03 -34.17 -15.30
N ILE A 310 -8.33 -33.73 -14.25
CA ILE A 310 -7.97 -32.32 -14.16
C ILE A 310 -6.58 -32.10 -14.75
N GLY A 311 -6.00 -33.12 -15.35
CA GLY A 311 -4.80 -32.96 -16.15
C GLY A 311 -3.51 -33.54 -15.61
N PHE A 312 -3.52 -34.30 -14.53
CA PHE A 312 -2.28 -34.86 -14.01
C PHE A 312 -2.11 -36.30 -14.44
N LYS A 313 -0.86 -36.76 -14.42
CA LYS A 313 -0.59 -38.17 -14.71
C LYS A 313 -1.29 -39.08 -13.72
N ASP A 314 -1.24 -38.75 -12.43
CA ASP A 314 -1.79 -39.58 -11.36
C ASP A 314 -1.88 -38.70 -10.12
N VAL A 315 -2.28 -39.31 -9.01
CA VAL A 315 -2.42 -38.56 -7.76
C VAL A 315 -1.07 -38.04 -7.28
N ASP A 316 -0.01 -38.84 -7.44
CA ASP A 316 1.30 -38.38 -6.97
C ASP A 316 1.72 -37.11 -7.71
N ALA A 317 1.44 -37.03 -9.01
CA ALA A 317 1.70 -35.80 -9.75
C ALA A 317 0.83 -34.63 -9.26
N MET A 318 -0.44 -34.91 -8.93
CA MET A 318 -1.29 -33.86 -8.36
C MET A 318 -0.76 -33.41 -7.00
N ALA A 319 -0.29 -34.36 -6.18
CA ALA A 319 0.29 -34.00 -4.88
C ALA A 319 1.52 -33.12 -5.06
N ASP A 320 2.38 -33.47 -6.03
CA ASP A 320 3.53 -32.62 -6.35
C ASP A 320 3.07 -31.23 -6.75
N ALA A 321 2.01 -31.14 -7.54
CA ALA A 321 1.52 -29.84 -8.00
C ALA A 321 0.96 -29.03 -6.83
N ILE A 322 0.28 -29.70 -5.89
CA ILE A 322 -0.17 -29.02 -4.68
C ILE A 322 1.01 -28.44 -3.90
N HIS A 323 2.05 -29.26 -3.67
CA HIS A 323 3.26 -28.74 -3.02
C HIS A 323 3.86 -27.57 -3.79
N ASP A 324 4.06 -27.73 -5.10
CA ASP A 324 4.68 -26.68 -5.90
C ASP A 324 3.85 -25.39 -5.85
N LEU A 325 2.54 -25.54 -5.93
CA LEU A 325 1.64 -24.38 -5.81
C LEU A 325 1.85 -23.66 -4.48
N LYS A 326 1.84 -24.40 -3.37
CA LYS A 326 2.04 -23.80 -2.06
C LYS A 326 3.35 -23.03 -2.01
N VAL A 327 4.44 -23.61 -2.52
CA VAL A 327 5.72 -22.93 -2.49
C VAL A 327 5.69 -21.66 -3.31
N ARG A 328 5.07 -21.73 -4.50
CA ARG A 328 5.04 -20.55 -5.37
C ARG A 328 4.28 -19.40 -4.73
N ILE A 329 3.22 -19.68 -3.98
CA ILE A 329 2.37 -18.61 -3.46
C ILE A 329 2.60 -18.36 -1.97
N GLY A 330 3.66 -18.93 -1.38
CA GLY A 330 4.03 -18.56 -0.03
C GLY A 330 3.23 -19.20 1.07
N MET A 331 2.56 -20.33 0.81
CA MET A 331 1.80 -21.03 1.82
C MET A 331 2.67 -22.06 2.54
N ARG A 332 2.40 -22.24 3.83
CA ARG A 332 3.19 -23.14 4.68
C ARG A 332 3.27 -24.54 4.11
N THR A 333 4.49 -25.09 4.08
CA THR A 333 4.70 -26.49 3.78
C THR A 333 5.08 -27.30 5.02
N GLY A 334 5.33 -26.64 6.15
CA GLY A 334 5.76 -27.32 7.36
C GLY A 334 5.49 -26.46 8.56
N LEU A 335 5.87 -27.00 9.72
CA LEU A 335 5.64 -26.36 11.01
C LEU A 335 6.91 -26.26 11.84
N LYS A 336 8.08 -26.49 11.23
CA LYS A 336 9.31 -26.53 12.01
C LYS A 336 9.55 -25.24 12.80
N ASP A 337 9.20 -24.09 12.22
CA ASP A 337 9.42 -22.82 12.89
C ASP A 337 8.56 -22.64 14.14
N LEU A 338 7.53 -23.48 14.31
CA LEU A 338 6.71 -23.39 15.52
C LEU A 338 7.40 -23.95 16.74
N ASN A 339 8.47 -24.73 16.55
CA ASN A 339 9.18 -25.40 17.63
C ASN A 339 8.22 -26.16 18.56
N LEU A 340 7.32 -26.92 17.95
CA LEU A 340 6.27 -27.59 18.70
C LEU A 340 6.85 -28.58 19.69
N THR A 341 6.30 -28.59 20.90
CA THR A 341 6.65 -29.58 21.91
C THR A 341 5.86 -30.86 21.70
N GLU A 342 6.28 -31.93 22.37
CA GLU A 342 5.52 -33.18 22.29
C GLU A 342 4.11 -32.98 22.82
N GLU A 343 3.94 -32.16 23.87
CA GLU A 343 2.60 -31.89 24.37
C GLU A 343 1.76 -31.18 23.31
N GLN A 344 2.36 -30.24 22.57
CA GLN A 344 1.61 -29.52 21.54
C GLN A 344 1.23 -30.45 20.40
N ILE A 345 2.13 -31.34 20.01
CA ILE A 345 1.79 -32.30 18.96
C ILE A 345 0.66 -33.20 19.42
N ALA A 346 0.71 -33.66 20.67
CA ALA A 346 -0.39 -34.48 21.18
C ALA A 346 -1.70 -33.71 21.20
N ASP A 347 -1.65 -32.40 21.46
CA ASP A 347 -2.87 -31.58 21.36
C ASP A 347 -3.40 -31.56 19.94
N LEU A 348 -2.52 -31.38 18.95
CA LEU A 348 -2.97 -31.38 17.56
C LEU A 348 -3.62 -32.71 17.20
N VAL A 349 -2.98 -33.82 17.59
CA VAL A 349 -3.52 -35.15 17.32
C VAL A 349 -4.91 -35.29 17.90
N ARG A 350 -5.07 -34.88 19.16
CA ARG A 350 -6.34 -35.06 19.85
C ARG A 350 -7.44 -34.22 19.23
N ILE A 351 -7.19 -32.93 19.03
CA ILE A 351 -8.24 -32.02 18.57
C ILE A 351 -8.56 -32.24 17.10
N SER A 352 -7.64 -32.83 16.33
CA SER A 352 -7.90 -33.09 14.91
C SER A 352 -8.95 -34.16 14.68
N ARG A 353 -9.23 -35.00 15.69
CA ARG A 353 -10.30 -35.99 15.60
C ARG A 353 -11.63 -35.27 15.78
N HIS A 354 -12.09 -34.66 14.71
CA HIS A 354 -13.32 -33.96 14.38
C HIS A 354 -14.21 -34.87 13.54
N PRO A 355 -15.55 -34.71 13.57
CA PRO A 355 -16.41 -35.61 12.77
C PRO A 355 -16.06 -35.61 11.30
N ASN A 356 -15.57 -34.49 10.76
CA ASN A 356 -15.15 -34.43 9.36
C ASN A 356 -14.05 -35.43 9.05
N LEU A 357 -13.17 -35.72 10.02
CA LEU A 357 -12.10 -36.67 9.78
C LEU A 357 -12.64 -38.01 9.28
N TYR A 358 -13.84 -38.39 9.71
CA TYR A 358 -14.39 -39.68 9.33
C TYR A 358 -14.94 -39.69 7.91
N ASN A 359 -15.06 -38.52 7.26
CA ASN A 359 -15.40 -38.44 5.85
C ASN A 359 -14.23 -38.75 4.93
N ASN A 360 -13.01 -38.86 5.44
CA ASN A 360 -11.88 -39.22 4.60
C ASN A 360 -12.06 -40.64 4.09
N PRO A 361 -11.74 -40.90 2.81
CA PRO A 361 -12.02 -42.24 2.25
C PRO A 361 -11.15 -43.33 2.84
N VAL A 362 -9.98 -42.98 3.37
CA VAL A 362 -9.09 -43.89 4.09
C VAL A 362 -9.18 -43.57 5.58
N GLU A 363 -9.22 -44.60 6.42
CA GLU A 363 -9.29 -44.36 7.86
C GLU A 363 -8.03 -43.64 8.33
N ILE A 364 -8.19 -42.52 9.02
CA ILE A 364 -7.08 -41.78 9.59
C ILE A 364 -7.05 -42.10 11.08
N THR A 365 -6.08 -42.92 11.48
CA THR A 365 -5.96 -43.33 12.87
C THR A 365 -5.18 -42.30 13.68
N ASP A 366 -5.21 -42.47 15.00
CA ASP A 366 -4.43 -41.57 15.85
C ASP A 366 -2.95 -41.70 15.59
N ASP A 367 -2.48 -42.93 15.36
CA ASP A 367 -1.08 -43.13 15.04
C ASP A 367 -0.70 -42.42 13.75
N MET A 368 -1.60 -42.42 12.76
CA MET A 368 -1.33 -41.71 11.51
C MET A 368 -1.29 -40.20 11.73
N LEU A 369 -2.20 -39.66 12.55
CA LEU A 369 -2.13 -38.24 12.88
C LEU A 369 -0.83 -37.91 13.60
N ASP A 370 -0.44 -38.75 14.56
CA ASP A 370 0.82 -38.54 15.27
C ASP A 370 2.00 -38.56 14.31
N THR A 371 2.00 -39.50 13.36
CA THR A 371 3.06 -39.52 12.37
C THR A 371 3.05 -38.26 11.51
N MET A 372 1.86 -37.84 11.07
CA MET A 372 1.79 -36.66 10.21
C MET A 372 2.30 -35.42 10.94
N TYR A 373 1.84 -35.23 12.18
CA TYR A 373 2.21 -34.01 12.89
C TYR A 373 3.69 -33.99 13.28
N HIS A 374 4.27 -35.15 13.58
CA HIS A 374 5.72 -35.17 13.80
C HIS A 374 6.47 -34.86 12.51
N TYR A 375 5.97 -35.36 11.38
CA TYR A 375 6.56 -35.02 10.09
C TYR A 375 6.52 -33.53 9.85
N LEU A 376 5.35 -32.91 10.05
CA LEU A 376 5.22 -31.47 9.81
C LEU A 376 6.07 -30.66 10.79
N ALA A 377 6.13 -31.10 12.06
CA ALA A 377 6.89 -30.39 13.07
C ALA A 377 8.39 -30.35 12.78
N SER A 378 8.89 -31.24 11.92
CA SER A 378 10.31 -31.27 11.58
C SER A 378 10.57 -30.91 10.12
N THR A 379 9.59 -30.30 9.45
CA THR A 379 9.65 -29.90 8.05
C THR A 379 9.53 -28.39 7.93
N ASP A 380 10.36 -27.76 7.11
CA ASP A 380 10.32 -26.31 6.95
C ASP A 380 9.03 -25.85 6.26
N GLY B 5 6.23 -23.05 -21.91
CA GLY B 5 6.25 -21.95 -22.87
C GLY B 5 6.87 -20.68 -22.35
N MET B 6 7.66 -20.01 -23.19
CA MET B 6 8.35 -18.80 -22.76
C MET B 6 7.68 -17.55 -23.32
N LEU B 7 7.84 -16.45 -22.59
CA LEU B 7 7.37 -15.14 -23.01
C LEU B 7 8.55 -14.19 -22.95
N TRP B 8 8.69 -13.35 -23.98
CA TRP B 8 9.74 -12.34 -23.94
C TRP B 8 9.37 -11.19 -24.85
N ASP B 9 10.00 -10.05 -24.58
CA ASP B 9 9.85 -8.83 -25.35
C ASP B 9 11.23 -8.37 -25.79
N TYR B 10 11.42 -8.24 -27.10
CA TYR B 10 12.69 -7.80 -27.65
C TYR B 10 12.52 -6.47 -28.38
N ALA B 11 13.37 -5.51 -28.04
CA ALA B 11 13.39 -4.22 -28.71
C ALA B 11 14.82 -3.71 -28.67
N GLN B 12 15.32 -3.30 -29.83
CA GLN B 12 16.69 -2.81 -29.96
C GLN B 12 16.68 -1.68 -30.97
N PRO B 13 16.42 -0.46 -30.52
CA PRO B 13 16.18 0.65 -31.45
C PRO B 13 17.43 1.36 -31.96
N VAL B 14 18.63 0.97 -31.54
CA VAL B 14 19.85 1.66 -31.96
C VAL B 14 20.33 1.05 -33.28
N THR B 15 20.57 1.91 -34.27
CA THR B 15 21.27 1.49 -35.49
C THR B 15 22.76 1.41 -35.23
N ILE B 16 23.38 0.30 -35.58
CA ILE B 16 24.80 0.09 -35.34
C ILE B 16 25.53 0.14 -36.68
N ARG B 17 26.51 1.04 -36.77
CA ARG B 17 27.46 1.10 -37.88
C ARG B 17 28.80 0.64 -37.35
N PHE B 18 29.22 -0.57 -37.75
CA PHE B 18 30.46 -1.17 -37.27
C PHE B 18 31.53 -1.09 -38.35
N GLY B 19 32.72 -0.63 -37.98
CA GLY B 19 33.87 -0.84 -38.83
C GLY B 19 35.01 0.12 -38.59
N LYS B 20 36.22 -0.34 -38.91
CA LYS B 20 37.41 0.48 -38.73
C LYS B 20 37.31 1.75 -39.59
N GLY B 21 37.55 2.90 -38.97
CA GLY B 21 37.46 4.17 -39.67
C GLY B 21 36.08 4.77 -39.79
N ARG B 22 35.02 4.08 -39.35
CA ARG B 22 33.69 4.59 -39.65
C ARG B 22 33.28 5.77 -38.78
N ALA B 23 34.05 6.12 -37.74
CA ALA B 23 33.83 7.38 -37.04
C ALA B 23 33.88 8.57 -37.98
N MET B 24 34.48 8.43 -39.15
CA MET B 24 34.50 9.48 -40.17
C MET B 24 33.17 9.64 -40.89
N GLU B 25 32.12 8.90 -40.49
CA GLU B 25 30.84 8.89 -41.17
C GLU B 25 29.79 9.73 -40.48
N ILE B 26 30.18 10.51 -39.45
CA ILE B 26 29.22 11.38 -38.77
C ILE B 26 28.46 12.25 -39.76
N LYS B 27 29.17 12.82 -40.74
CA LYS B 27 28.51 13.74 -41.68
C LYS B 27 27.45 13.02 -42.51
N ASP B 28 27.66 11.75 -42.84
CA ASP B 28 26.66 10.99 -43.59
C ASP B 28 25.38 10.83 -42.78
N ILE B 29 25.51 10.55 -41.48
CA ILE B 29 24.34 10.45 -40.61
C ILE B 29 23.65 11.80 -40.52
N ALA B 30 24.43 12.86 -40.28
CA ALA B 30 23.83 14.19 -40.15
C ALA B 30 23.14 14.60 -41.44
N GLU B 31 23.76 14.32 -42.59
CA GLU B 31 23.12 14.64 -43.87
C GLU B 31 21.81 13.88 -44.02
N ALA B 32 21.85 12.56 -43.87
CA ALA B 32 20.65 11.75 -44.00
C ALA B 32 19.55 12.18 -43.01
N MET B 33 19.93 12.70 -41.85
CA MET B 33 18.95 13.18 -40.88
C MET B 33 18.54 14.63 -41.11
N GLY B 34 19.23 15.35 -41.99
CA GLY B 34 18.92 16.75 -42.21
C GLY B 34 19.25 17.66 -41.04
N LEU B 35 20.35 17.38 -40.33
CA LEU B 35 20.70 18.16 -39.15
C LEU B 35 22.10 18.73 -39.30
N HIS B 36 22.30 19.87 -38.63
CA HIS B 36 23.53 20.65 -38.74
C HIS B 36 23.94 21.07 -37.34
N ASP B 37 25.15 21.63 -37.23
CA ASP B 37 25.64 22.22 -35.99
C ASP B 37 25.59 21.21 -34.84
N GLY B 38 26.22 20.06 -35.03
CA GLY B 38 26.31 19.10 -33.96
C GLY B 38 27.28 19.52 -32.89
N ILE B 39 27.11 18.94 -31.69
CA ILE B 39 28.04 19.14 -30.58
C ILE B 39 28.67 17.80 -30.24
N MET B 40 30.00 17.79 -30.17
CA MET B 40 30.75 16.61 -29.74
C MET B 40 31.04 16.73 -28.26
N VAL B 41 30.54 15.77 -27.49
CA VAL B 41 30.81 15.67 -26.06
C VAL B 41 31.86 14.59 -25.88
N THR B 42 33.02 14.97 -25.34
CA THR B 42 34.15 14.06 -25.31
C THR B 42 35.13 14.53 -24.25
N PRO B 43 35.87 13.64 -23.60
CA PRO B 43 36.84 14.07 -22.59
C PRO B 43 38.01 14.83 -23.22
N LYS B 44 38.68 15.64 -22.38
CA LYS B 44 39.77 16.47 -22.89
C LYS B 44 40.87 15.65 -23.53
N PHE B 45 41.06 14.41 -23.07
CA PHE B 45 42.06 13.52 -23.66
C PHE B 45 41.96 13.49 -25.19
N PHE B 46 40.75 13.42 -25.72
CA PHE B 46 40.62 13.26 -27.16
C PHE B 46 40.77 14.57 -27.90
N VAL B 47 40.57 15.70 -27.23
CA VAL B 47 40.95 16.97 -27.83
C VAL B 47 42.46 17.07 -27.87
N ASP B 48 43.13 16.85 -26.73
CA ASP B 48 44.58 16.97 -26.67
C ASP B 48 45.28 16.03 -27.64
N SER B 49 44.75 14.82 -27.82
CA SER B 49 45.38 13.88 -28.73
C SER B 49 45.19 14.26 -30.20
N GLY B 50 44.25 15.17 -30.49
CA GLY B 50 43.91 15.48 -31.86
C GLY B 50 42.85 14.58 -32.46
N GLU B 51 42.38 13.57 -31.72
CA GLU B 51 41.35 12.69 -32.25
C GLU B 51 40.05 13.44 -32.52
N ALA B 52 39.64 14.30 -31.58
CA ALA B 52 38.42 15.08 -31.76
C ALA B 52 38.46 15.90 -33.04
N GLN B 53 39.58 16.59 -33.28
CA GLN B 53 39.63 17.42 -34.49
C GLN B 53 39.69 16.56 -35.75
N ARG B 54 40.34 15.38 -35.70
CA ARG B 54 40.33 14.49 -36.85
C ARG B 54 38.89 14.15 -37.28
N LEU B 55 38.03 13.87 -36.31
CA LEU B 55 36.64 13.55 -36.63
C LEU B 55 35.82 14.79 -36.95
N ILE B 56 36.09 15.91 -36.28
CA ILE B 56 35.35 17.14 -36.61
C ILE B 56 35.68 17.58 -38.04
N ASP B 57 36.96 17.56 -38.39
CA ASP B 57 37.38 17.96 -39.74
C ASP B 57 36.71 17.10 -40.79
N ALA B 58 36.72 15.78 -40.60
CA ALA B 58 36.10 14.89 -41.57
C ALA B 58 34.60 15.14 -41.71
N SER B 59 33.97 15.72 -40.69
CA SER B 59 32.53 15.99 -40.74
C SER B 59 32.19 17.19 -41.61
N ASP B 60 33.19 17.93 -42.08
CA ASP B 60 32.99 19.04 -43.02
C ASP B 60 31.93 20.01 -42.51
N GLY B 61 32.09 20.42 -41.25
CA GLY B 61 31.20 21.39 -40.64
C GLY B 61 29.95 20.81 -39.99
N ALA B 62 29.70 19.49 -40.11
CA ALA B 62 28.49 18.92 -39.52
C ALA B 62 28.52 19.04 -38.00
N VAL B 63 29.69 18.88 -37.40
CA VAL B 63 29.88 19.13 -35.98
C VAL B 63 30.55 20.48 -35.84
N SER B 64 29.89 21.41 -35.13
CA SER B 64 30.37 22.77 -34.99
C SER B 64 30.89 23.08 -33.60
N THR B 65 30.49 22.32 -32.58
CA THR B 65 30.74 22.68 -31.20
C THR B 65 31.33 21.50 -30.45
N VAL B 66 32.17 21.78 -29.46
CA VAL B 66 32.78 20.75 -28.64
C VAL B 66 32.58 21.08 -27.16
N PHE B 67 32.38 20.05 -26.35
CA PHE B 67 32.20 20.20 -24.91
C PHE B 67 32.98 19.12 -24.19
N THR B 68 33.89 19.53 -23.30
CA THR B 68 34.75 18.60 -22.56
C THR B 68 34.68 18.77 -21.05
N ASP B 69 33.89 19.71 -20.54
CA ASP B 69 33.91 20.06 -19.12
C ASP B 69 32.95 19.16 -18.34
N PHE B 70 33.36 17.91 -18.19
CA PHE B 70 32.61 16.96 -17.38
C PHE B 70 33.58 15.95 -16.80
N SER B 71 33.14 15.25 -15.75
CA SER B 71 33.99 14.40 -14.92
C SER B 71 33.74 12.93 -15.22
N PRO B 72 34.72 12.06 -14.88
CA PRO B 72 34.51 10.61 -15.06
C PRO B 72 33.24 10.09 -14.42
N ASN B 73 32.90 10.59 -13.24
CA ASN B 73 31.57 10.38 -12.65
C ASN B 73 30.77 11.65 -12.90
N PRO B 74 30.06 11.75 -14.02
CA PRO B 74 29.53 13.06 -14.45
C PRO B 74 28.52 13.62 -13.45
N ASP B 75 28.54 14.94 -13.32
CA ASP B 75 27.66 15.65 -12.39
C ASP B 75 26.49 16.30 -13.11
N VAL B 76 25.41 16.52 -12.36
CA VAL B 76 24.24 17.19 -12.92
C VAL B 76 24.59 18.61 -13.35
N THR B 77 25.54 19.26 -12.65
CA THR B 77 25.95 20.59 -13.06
C THR B 77 26.66 20.57 -14.41
N GLU B 78 27.39 19.49 -14.69
CA GLU B 78 28.08 19.38 -15.97
C GLU B 78 27.09 19.14 -17.11
N VAL B 79 26.00 18.41 -16.84
CA VAL B 79 24.98 18.21 -17.86
C VAL B 79 24.29 19.52 -18.20
N ASP B 80 23.98 20.33 -17.19
CA ASP B 80 23.30 21.60 -17.45
C ASP B 80 24.21 22.58 -18.18
N ALA B 81 25.52 22.58 -17.88
CA ALA B 81 26.41 23.45 -18.65
C ALA B 81 26.46 23.02 -20.11
N CYS B 82 26.54 21.72 -20.35
CA CYS B 82 26.48 21.22 -21.72
C CYS B 82 25.20 21.65 -22.40
N ALA B 83 24.06 21.45 -21.73
CA ALA B 83 22.79 21.90 -22.28
C ALA B 83 22.79 23.39 -22.58
N GLU B 84 23.43 24.19 -21.73
CA GLU B 84 23.47 25.63 -21.97
C GLU B 84 24.29 25.95 -23.22
N ILE B 85 25.42 25.27 -23.41
CA ILE B 85 26.19 25.44 -24.63
C ILE B 85 25.33 25.14 -25.85
N ILE B 86 24.56 24.05 -25.78
CA ILE B 86 23.69 23.66 -26.89
C ILE B 86 22.69 24.76 -27.21
N ARG B 87 22.08 25.34 -26.18
CA ARG B 87 21.08 26.38 -26.40
C ARG B 87 21.71 27.60 -27.06
N LYS B 88 22.87 28.02 -26.56
CA LYS B 88 23.53 29.22 -27.10
C LYS B 88 24.00 29.01 -28.53
N ASN B 89 24.33 27.78 -28.90
CA ASN B 89 24.85 27.50 -30.23
C ASN B 89 23.82 26.89 -31.17
N HIS B 90 22.59 26.68 -30.71
CA HIS B 90 21.53 26.13 -31.53
C HIS B 90 21.97 24.81 -32.14
N CYS B 91 22.54 23.95 -31.31
CA CYS B 91 23.00 22.64 -31.79
C CYS B 91 21.81 21.71 -32.02
N GLU B 92 21.91 20.88 -33.06
CA GLU B 92 20.78 20.06 -33.47
C GLU B 92 20.99 18.57 -33.25
N PHE B 93 22.21 18.13 -32.97
CA PHE B 93 22.44 16.74 -32.58
C PHE B 93 23.67 16.68 -31.70
N VAL B 94 23.89 15.53 -31.09
CA VAL B 94 24.94 15.35 -30.10
C VAL B 94 25.75 14.12 -30.50
N VAL B 95 27.07 14.27 -30.49
CA VAL B 95 27.99 13.17 -30.76
C VAL B 95 28.69 12.87 -29.44
N ALA B 96 28.41 11.69 -28.86
CA ALA B 96 29.04 11.27 -27.61
C ALA B 96 30.23 10.40 -27.98
N MET B 97 31.44 10.88 -27.70
CA MET B 97 32.63 10.09 -27.98
C MET B 97 33.44 9.89 -26.72
N GLY B 98 33.51 8.65 -26.25
CA GLY B 98 34.29 8.36 -25.06
C GLY B 98 33.78 7.08 -24.43
N GLY B 99 34.09 6.92 -23.15
CA GLY B 99 33.55 5.83 -22.38
C GLY B 99 32.12 6.12 -21.96
N GLY B 100 31.71 5.48 -20.86
CA GLY B 100 30.35 5.66 -20.38
C GLY B 100 30.05 7.08 -19.94
N SER B 101 31.07 7.81 -19.46
CA SER B 101 30.80 9.14 -18.91
C SER B 101 30.34 10.12 -19.99
N ALA B 102 30.99 10.11 -21.15
CA ALA B 102 30.55 10.97 -22.24
C ALA B 102 29.15 10.60 -22.72
N MET B 103 28.82 9.31 -22.72
CA MET B 103 27.47 8.87 -23.10
C MET B 103 26.43 9.40 -22.12
N ASP B 104 26.71 9.28 -20.81
CA ASP B 104 25.76 9.72 -19.78
C ASP B 104 25.44 11.20 -19.92
N VAL B 105 26.48 12.03 -20.04
CA VAL B 105 26.28 13.47 -20.23
C VAL B 105 25.47 13.73 -21.49
N SER B 106 25.84 13.07 -22.59
CA SER B 106 25.21 13.37 -23.87
C SER B 106 23.74 12.99 -23.88
N LYS B 107 23.41 11.82 -23.34
CA LYS B 107 22.02 11.38 -23.31
C LYS B 107 21.17 12.36 -22.52
N ALA B 108 21.61 12.73 -21.32
CA ALA B 108 20.83 13.66 -20.51
C ALA B 108 20.79 15.04 -21.15
N ALA B 109 21.91 15.52 -21.69
CA ALA B 109 21.93 16.88 -22.23
C ALA B 109 21.04 17.01 -23.45
N ALA B 110 20.96 15.96 -24.28
CA ALA B 110 20.17 16.03 -25.52
C ALA B 110 18.69 16.20 -25.26
N SER B 111 18.21 15.77 -24.10
CA SER B 111 16.83 16.00 -23.69
C SER B 111 16.66 17.32 -22.92
N ILE B 112 17.49 17.55 -21.90
CA ILE B 112 17.25 18.68 -21.03
C ILE B 112 17.51 20.01 -21.75
N CYS B 113 18.33 20.01 -22.79
CA CYS B 113 18.58 21.24 -23.54
C CYS B 113 17.32 21.81 -24.17
N LEU B 114 16.31 20.98 -24.42
CA LEU B 114 15.06 21.45 -25.00
C LEU B 114 14.12 22.05 -23.95
N THR B 115 14.53 22.12 -22.70
CA THR B 115 13.72 22.68 -21.63
C THR B 115 14.46 23.81 -20.94
N ASP B 116 13.73 24.49 -20.05
CA ASP B 116 14.30 25.51 -19.18
C ASP B 116 14.56 25.00 -17.77
N ASP B 117 14.56 23.67 -17.57
CA ASP B 117 14.77 23.09 -16.26
C ASP B 117 16.19 22.54 -16.13
N SER B 118 16.57 22.26 -14.89
CA SER B 118 17.79 21.53 -14.62
C SER B 118 17.52 20.03 -14.70
N ILE B 119 18.54 19.28 -15.11
CA ILE B 119 18.42 17.83 -15.10
C ILE B 119 18.21 17.31 -13.67
N ALA B 120 18.58 18.10 -12.67
CA ALA B 120 18.40 17.66 -11.28
C ALA B 120 16.92 17.45 -10.94
N ASP B 121 16.02 18.18 -11.61
CA ASP B 121 14.59 18.01 -11.40
C ASP B 121 14.11 16.61 -11.74
N TYR B 122 14.89 15.84 -12.49
CA TYR B 122 14.50 14.50 -12.92
C TYR B 122 15.46 13.44 -12.40
N HIS B 123 16.39 13.81 -11.53
CA HIS B 123 17.45 12.91 -11.05
C HIS B 123 17.01 12.31 -9.72
N GLY B 124 16.55 11.05 -9.75
CA GLY B 124 16.12 10.39 -8.52
C GLY B 124 14.99 11.10 -7.81
N THR B 125 14.01 11.60 -8.57
CA THR B 125 12.90 12.37 -8.02
C THR B 125 11.54 11.80 -8.39
N GLY B 126 11.50 10.74 -9.19
CA GLY B 126 10.25 10.22 -9.68
C GLY B 126 9.66 10.95 -10.86
N LYS B 127 10.12 12.16 -11.16
CA LYS B 127 9.60 12.88 -12.32
C LYS B 127 10.16 12.26 -13.61
N ALA B 128 9.27 11.95 -14.54
CA ALA B 128 9.69 11.34 -15.79
C ALA B 128 10.34 12.36 -16.70
N MET B 129 11.34 11.90 -17.46
CA MET B 129 12.00 12.76 -18.41
C MET B 129 11.03 13.15 -19.52
N PRO B 130 11.12 14.38 -20.02
CA PRO B 130 10.47 14.68 -21.31
C PRO B 130 11.11 13.83 -22.40
N GLN B 131 10.32 13.49 -23.41
CA GLN B 131 10.78 12.54 -24.42
C GLN B 131 11.34 13.20 -25.67
N LYS B 132 11.06 14.48 -25.91
CA LYS B 132 11.69 15.16 -27.03
C LYS B 132 13.18 15.35 -26.73
N HIS B 133 14.01 15.11 -27.74
CA HIS B 133 15.45 15.18 -27.53
C HIS B 133 16.15 15.37 -28.86
N LEU B 134 17.36 15.94 -28.81
CA LEU B 134 18.22 15.94 -29.98
C LEU B 134 18.69 14.52 -30.26
N PRO B 135 18.81 14.12 -31.54
CA PRO B 135 19.38 12.80 -31.84
C PRO B 135 20.79 12.67 -31.29
N ILE B 136 21.14 11.44 -30.91
CA ILE B 136 22.45 11.13 -30.32
C ILE B 136 23.17 10.15 -31.24
N ILE B 137 24.42 10.46 -31.55
CA ILE B 137 25.33 9.53 -32.23
C ILE B 137 26.39 9.12 -31.22
N ALA B 138 26.45 7.83 -30.90
CA ALA B 138 27.35 7.35 -29.86
C ALA B 138 28.58 6.72 -30.49
N LEU B 139 29.77 7.17 -30.06
CA LEU B 139 31.04 6.62 -30.53
C LEU B 139 31.82 6.12 -29.32
N PRO B 140 31.64 4.86 -28.93
CA PRO B 140 32.41 4.33 -27.79
C PRO B 140 33.88 4.26 -28.13
N THR B 141 34.72 4.56 -27.13
CA THR B 141 36.16 4.47 -27.27
C THR B 141 36.79 3.37 -26.40
N THR B 142 35.98 2.51 -25.81
CA THR B 142 36.47 1.32 -25.14
C THR B 142 35.61 0.12 -25.57
N ALA B 143 36.12 -1.08 -25.33
CA ALA B 143 35.42 -2.34 -25.58
C ALA B 143 35.44 -3.13 -24.27
N GLY B 144 34.53 -2.80 -23.36
CA GLY B 144 33.52 -1.79 -23.59
C GLY B 144 32.49 -1.80 -22.47
N THR B 145 31.73 -0.72 -22.38
CA THR B 145 30.63 -0.62 -21.43
C THR B 145 29.28 -1.03 -22.04
N GLY B 146 29.16 -1.00 -23.36
CA GLY B 146 27.88 -1.23 -23.99
C GLY B 146 26.90 -0.09 -23.83
N SER B 147 27.33 1.03 -23.24
CA SER B 147 26.46 2.17 -23.02
C SER B 147 25.91 2.74 -24.33
N GLU B 148 26.57 2.48 -25.45
CA GLU B 148 26.09 2.98 -26.73
C GLU B 148 24.77 2.36 -27.16
N VAL B 149 24.26 1.33 -26.49
CA VAL B 149 22.97 0.79 -26.90
C VAL B 149 21.95 0.76 -25.77
N THR B 150 22.21 1.46 -24.67
CA THR B 150 21.27 1.52 -23.55
C THR B 150 20.57 2.88 -23.51
N CYS B 151 19.50 2.96 -22.70
CA CYS B 151 18.76 4.19 -22.52
C CYS B 151 18.90 4.73 -21.10
N VAL B 152 20.08 4.56 -20.50
CA VAL B 152 20.34 4.90 -19.11
C VAL B 152 21.45 5.94 -19.04
N SER B 153 21.26 6.95 -18.18
CA SER B 153 22.27 7.96 -17.88
C SER B 153 22.50 7.97 -16.39
N VAL B 154 23.69 7.58 -15.94
CA VAL B 154 24.03 7.53 -14.52
C VAL B 154 24.74 8.83 -14.16
N LEU B 155 24.11 9.64 -13.31
CA LEU B 155 24.66 10.93 -12.94
C LEU B 155 24.89 11.00 -11.43
N THR B 156 25.70 11.98 -11.03
CA THR B 156 25.94 12.30 -9.64
C THR B 156 25.53 13.74 -9.39
N ASN B 157 25.00 14.00 -8.21
CA ASN B 157 24.79 15.37 -7.72
C ASN B 157 25.71 15.53 -6.53
N ARG B 158 26.84 16.21 -6.75
CA ARG B 158 27.84 16.38 -5.69
C ARG B 158 27.34 17.31 -4.58
N LYS B 159 26.57 18.34 -4.93
CA LYS B 159 25.99 19.19 -3.90
C LYS B 159 25.05 18.43 -2.98
N LEU B 160 24.48 17.32 -3.45
CA LEU B 160 23.52 16.54 -2.67
C LEU B 160 24.05 15.16 -2.28
N GLY B 161 25.30 14.86 -2.58
CA GLY B 161 25.85 13.53 -2.28
C GLY B 161 25.06 12.39 -2.88
N LYS B 162 24.40 12.62 -4.01
CA LYS B 162 23.50 11.65 -4.62
C LYS B 162 24.06 11.13 -5.94
N LYS B 163 24.00 9.81 -6.12
CA LYS B 163 24.30 9.16 -7.39
C LYS B 163 23.13 8.25 -7.74
N ALA B 164 22.62 8.36 -8.97
CA ALA B 164 21.41 7.64 -9.36
C ALA B 164 21.35 7.54 -10.87
N PRO B 165 20.66 6.54 -11.41
CA PRO B 165 20.40 6.49 -12.84
C PRO B 165 19.14 7.27 -13.21
N ILE B 166 19.12 7.71 -14.46
CA ILE B 166 17.93 8.23 -15.11
C ILE B 166 17.66 7.35 -16.34
N VAL B 167 16.49 6.72 -16.39
CA VAL B 167 16.10 5.87 -17.50
C VAL B 167 15.07 6.61 -18.34
N SER B 168 15.30 6.65 -19.66
CA SER B 168 14.38 7.32 -20.57
C SER B 168 14.53 6.75 -21.97
N ASP B 169 13.40 6.46 -22.63
CA ASP B 169 13.43 5.99 -24.00
C ASP B 169 14.12 7.00 -24.92
N GLY B 170 14.02 8.30 -24.61
CA GLY B 170 14.72 9.32 -25.36
C GLY B 170 16.23 9.33 -25.18
N PHE B 171 16.76 8.49 -24.29
CA PHE B 171 18.20 8.37 -24.13
C PHE B 171 18.83 7.34 -25.07
N PHE B 172 18.04 6.55 -25.81
CA PHE B 172 18.64 5.63 -26.77
C PHE B 172 19.39 6.42 -27.84
N PRO B 173 20.65 6.13 -28.12
CA PRO B 173 21.28 6.74 -29.29
C PRO B 173 20.52 6.36 -30.55
N SER B 174 20.51 7.28 -31.51
CA SER B 174 19.94 6.96 -32.81
C SER B 174 20.87 6.03 -33.58
N VAL B 175 22.17 6.31 -33.52
CA VAL B 175 23.20 5.53 -34.20
C VAL B 175 24.36 5.33 -33.24
N ALA B 176 24.88 4.11 -33.21
CA ALA B 176 26.12 3.80 -32.52
C ALA B 176 27.15 3.45 -33.59
N ILE B 177 28.20 4.27 -33.70
CA ILE B 177 29.33 3.97 -34.59
C ILE B 177 30.37 3.23 -33.76
N VAL B 178 30.62 1.97 -34.09
CA VAL B 178 31.58 1.15 -33.37
C VAL B 178 32.81 1.04 -34.25
N ASP B 179 33.80 1.88 -33.97
CA ASP B 179 35.01 2.02 -34.77
C ASP B 179 36.18 1.53 -33.94
N PRO B 180 36.74 0.35 -34.25
CA PRO B 180 37.79 -0.21 -33.39
C PRO B 180 39.03 0.65 -33.31
N GLU B 181 39.28 1.52 -34.30
CA GLU B 181 40.42 2.43 -34.25
C GLU B 181 40.37 3.34 -33.02
N LEU B 182 39.19 3.72 -32.57
CA LEU B 182 39.14 4.58 -31.40
C LEU B 182 39.55 3.88 -30.11
N THR B 183 39.75 2.56 -30.13
CA THR B 183 40.22 1.83 -28.95
C THR B 183 41.70 1.47 -29.00
N TYR B 184 42.42 1.85 -30.06
CA TYR B 184 43.82 1.45 -30.18
C TYR B 184 44.68 2.03 -29.06
N SER B 185 44.33 3.20 -28.55
CA SER B 185 45.14 3.87 -27.53
C SER B 185 44.77 3.47 -26.09
N VAL B 186 43.81 2.58 -25.92
CA VAL B 186 43.38 2.21 -24.56
C VAL B 186 44.51 1.41 -23.91
N PRO B 187 45.01 1.85 -22.76
CA PRO B 187 46.17 1.18 -22.15
C PRO B 187 45.83 -0.24 -21.73
N PRO B 188 46.83 -1.12 -21.63
CA PRO B 188 46.53 -2.55 -21.38
C PRO B 188 45.70 -2.82 -20.14
N LYS B 189 45.97 -2.12 -19.02
CA LYS B 189 45.21 -2.39 -17.80
C LYS B 189 43.73 -2.07 -17.98
N ILE B 190 43.43 -0.99 -18.70
CA ILE B 190 42.04 -0.64 -18.97
C ILE B 190 41.46 -1.56 -20.03
N THR B 191 42.27 -1.96 -21.02
CA THR B 191 41.82 -2.98 -21.97
C THR B 191 41.39 -4.24 -21.23
N ALA B 192 42.17 -4.66 -20.25
CA ALA B 192 41.83 -5.87 -19.50
C ALA B 192 40.53 -5.70 -18.73
N SER B 193 40.39 -4.56 -18.03
CA SER B 193 39.20 -4.34 -17.20
C SER B 193 37.94 -4.19 -18.04
N THR B 194 38.00 -3.37 -19.09
CA THR B 194 36.81 -3.22 -19.95
C THR B 194 36.45 -4.53 -20.62
N GLY B 195 37.45 -5.39 -20.89
CA GLY B 195 37.16 -6.67 -21.52
C GLY B 195 36.48 -7.63 -20.57
N MET B 196 36.85 -7.58 -19.28
CA MET B 196 36.14 -8.36 -18.28
C MET B 196 34.71 -7.87 -18.12
N ASP B 197 34.49 -6.57 -18.30
CA ASP B 197 33.13 -6.04 -18.35
C ASP B 197 32.32 -6.70 -19.47
N VAL B 198 32.91 -6.82 -20.67
CA VAL B 198 32.25 -7.48 -21.79
C VAL B 198 31.89 -8.93 -21.43
N LEU B 199 32.87 -9.68 -20.92
CA LEU B 199 32.64 -11.07 -20.59
C LEU B 199 31.57 -11.21 -19.51
N SER B 200 31.60 -10.35 -18.49
CA SER B 200 30.58 -10.43 -17.44
C SER B 200 29.20 -10.08 -17.99
N GLN B 201 29.12 -9.05 -18.82
CA GLN B 201 27.83 -8.70 -19.43
C GLN B 201 27.28 -9.86 -20.23
N ALA B 202 28.15 -10.56 -20.98
CA ALA B 202 27.69 -11.63 -21.83
C ALA B 202 27.17 -12.81 -21.00
N ILE B 203 27.99 -13.31 -20.08
CA ILE B 203 27.61 -14.48 -19.30
C ILE B 203 26.42 -14.16 -18.41
N GLU B 204 26.41 -12.99 -17.75
CA GLU B 204 25.29 -12.66 -16.87
C GLU B 204 24.01 -12.44 -17.64
N GLY B 205 24.10 -11.81 -18.82
CA GLY B 205 22.92 -11.64 -19.65
C GLY B 205 22.36 -12.96 -20.09
N PHE B 206 23.21 -13.96 -20.30
CA PHE B 206 22.72 -15.29 -20.64
C PHE B 206 21.97 -15.92 -19.48
N TRP B 207 22.56 -15.94 -18.28
CA TRP B 207 21.95 -16.73 -17.21
C TRP B 207 20.96 -15.95 -16.37
N SER B 208 20.74 -14.68 -16.69
CA SER B 208 19.77 -13.87 -15.98
C SER B 208 18.38 -14.51 -16.01
N LYS B 209 17.62 -14.33 -14.91
CA LYS B 209 16.22 -14.72 -14.95
C LYS B 209 15.47 -14.07 -16.11
N GLY B 210 15.96 -12.93 -16.59
CA GLY B 210 15.32 -12.27 -17.71
C GLY B 210 15.77 -12.76 -19.08
N HIS B 211 16.43 -13.92 -19.13
CA HIS B 211 17.05 -14.36 -20.38
C HIS B 211 16.02 -14.50 -21.50
N GLN B 212 16.47 -14.28 -22.73
CA GLN B 212 15.64 -14.52 -23.91
C GLN B 212 16.54 -14.92 -25.07
N PRO B 213 15.99 -15.64 -26.07
CA PRO B 213 16.86 -16.35 -27.03
C PRO B 213 17.75 -15.48 -27.89
N ILE B 214 17.29 -14.30 -28.31
CA ILE B 214 18.13 -13.44 -29.14
C ILE B 214 19.32 -12.96 -28.34
N CYS B 215 19.07 -12.49 -27.13
CA CYS B 215 20.16 -12.07 -26.24
C CYS B 215 21.07 -13.25 -25.91
N ASP B 216 20.49 -14.44 -25.69
CA ASP B 216 21.27 -15.67 -25.51
C ASP B 216 22.28 -15.85 -26.63
N SER B 217 21.79 -15.74 -27.87
CA SER B 217 22.64 -15.89 -29.04
C SER B 217 23.77 -14.87 -29.07
N CYS B 218 23.46 -13.61 -28.77
CA CYS B 218 24.51 -12.59 -28.70
C CYS B 218 25.51 -12.89 -27.59
N ALA B 219 25.03 -13.47 -26.49
CA ALA B 219 25.88 -13.70 -25.33
C ALA B 219 26.93 -14.76 -25.62
N ALA B 220 26.52 -15.91 -26.18
CA ALA B 220 27.46 -16.97 -26.50
C ALA B 220 28.50 -16.47 -27.51
N HIS B 221 28.06 -15.68 -28.48
CA HIS B 221 28.97 -15.14 -29.49
C HIS B 221 30.02 -14.24 -28.86
N ALA B 222 29.58 -13.26 -28.07
CA ALA B 222 30.50 -12.33 -27.44
C ALA B 222 31.46 -13.04 -26.49
N ALA B 223 30.95 -13.96 -25.68
CA ALA B 223 31.82 -14.62 -24.70
C ALA B 223 32.93 -15.39 -25.39
N LYS B 224 32.61 -16.11 -26.48
CA LYS B 224 33.63 -16.85 -27.20
C LYS B 224 34.74 -15.92 -27.69
N LEU B 225 34.36 -14.74 -28.19
CA LEU B 225 35.34 -13.78 -28.68
C LEU B 225 36.28 -13.32 -27.57
N VAL B 226 35.74 -13.07 -26.37
CA VAL B 226 36.59 -12.50 -25.31
C VAL B 226 37.68 -13.49 -24.90
N PHE B 227 37.33 -14.78 -24.75
CA PHE B 227 38.32 -15.76 -24.32
C PHE B 227 39.49 -15.84 -25.31
N LYS B 228 39.21 -15.68 -26.60
CA LYS B 228 40.29 -15.79 -27.59
C LYS B 228 41.08 -14.50 -27.72
N TYR B 229 40.40 -13.35 -27.78
CA TYR B 229 41.05 -12.13 -28.22
C TYR B 229 41.45 -11.17 -27.12
N LEU B 230 40.80 -11.21 -25.97
CA LEU B 230 41.19 -10.29 -24.91
C LEU B 230 42.64 -10.48 -24.47
N PRO B 231 43.18 -11.70 -24.31
CA PRO B 231 44.62 -11.79 -23.96
C PRO B 231 45.52 -11.15 -25.00
N ILE B 232 45.15 -11.27 -26.27
CA ILE B 232 45.92 -10.67 -27.36
C ILE B 232 45.83 -9.16 -27.32
N ALA B 233 44.64 -8.61 -27.08
CA ALA B 233 44.48 -7.15 -27.03
C ALA B 233 45.27 -6.54 -25.87
N VAL B 234 45.35 -7.25 -24.74
CA VAL B 234 46.12 -6.76 -23.61
C VAL B 234 47.62 -6.80 -23.90
N ALA B 235 48.09 -7.91 -24.49
CA ALA B 235 49.52 -8.10 -24.75
C ALA B 235 50.00 -7.36 -25.99
N GLU B 236 49.12 -7.13 -26.98
CA GLU B 236 49.47 -6.43 -28.22
C GLU B 236 48.44 -5.35 -28.49
N PRO B 237 48.58 -4.17 -27.88
CA PRO B 237 47.55 -3.13 -28.01
C PRO B 237 47.31 -2.65 -29.43
N HIS B 238 48.25 -2.87 -30.36
CA HIS B 238 48.08 -2.44 -31.74
C HIS B 238 47.75 -3.60 -32.67
N ASN B 239 47.46 -4.78 -32.13
CA ASN B 239 46.93 -5.87 -32.92
C ASN B 239 45.52 -5.48 -33.38
N GLU B 240 45.38 -5.13 -34.66
CA GLU B 240 44.11 -4.59 -35.14
C GLU B 240 43.00 -5.64 -35.14
N GLU B 241 43.34 -6.90 -35.37
CA GLU B 241 42.32 -7.94 -35.34
C GLU B 241 41.75 -8.11 -33.94
N ALA B 242 42.64 -8.19 -32.95
CA ALA B 242 42.18 -8.37 -31.57
C ALA B 242 41.31 -7.20 -31.13
N ARG B 243 41.68 -5.99 -31.53
CA ARG B 243 40.88 -4.82 -31.14
C ARG B 243 39.51 -4.86 -31.81
N GLU B 244 39.46 -5.22 -33.09
CA GLU B 244 38.16 -5.30 -33.77
C GLU B 244 37.28 -6.38 -33.16
N LYS B 245 37.86 -7.54 -32.85
CA LYS B 245 37.09 -8.63 -32.28
C LYS B 245 36.58 -8.27 -30.89
N MET B 246 37.36 -7.51 -30.12
CA MET B 246 36.87 -7.06 -28.81
C MET B 246 35.75 -6.05 -28.97
N CYS B 247 35.83 -5.17 -29.98
CA CYS B 247 34.72 -4.24 -30.21
C CYS B 247 33.47 -4.99 -30.65
N GLU B 248 33.64 -6.00 -31.49
CA GLU B 248 32.53 -6.87 -31.88
C GLU B 248 31.89 -7.51 -30.65
N ALA B 249 32.71 -8.08 -29.77
CA ALA B 249 32.17 -8.71 -28.56
C ALA B 249 31.48 -7.68 -27.66
N SER B 250 32.08 -6.49 -27.54
CA SER B 250 31.54 -5.45 -26.68
C SER B 250 30.14 -5.02 -27.10
N VAL B 251 29.98 -4.60 -28.37
CA VAL B 251 28.65 -4.11 -28.75
C VAL B 251 27.64 -5.26 -28.74
N ILE B 252 28.08 -6.48 -29.04
CA ILE B 252 27.14 -7.60 -29.07
C ILE B 252 26.78 -8.02 -27.65
N ALA B 253 27.72 -7.95 -26.71
CA ALA B 253 27.40 -8.18 -25.31
C ALA B 253 26.49 -7.08 -24.77
N GLY B 254 26.67 -5.85 -25.25
CA GLY B 254 25.72 -4.80 -24.92
C GLY B 254 24.30 -5.16 -25.30
N LEU B 255 24.12 -5.77 -26.48
CA LEU B 255 22.78 -6.27 -26.85
C LEU B 255 22.37 -7.49 -26.03
N ALA B 256 23.33 -8.24 -25.50
CA ALA B 256 23.01 -9.41 -24.68
C ALA B 256 22.45 -9.03 -23.32
N PHE B 257 22.97 -7.98 -22.69
CA PHE B 257 22.58 -7.69 -21.31
C PHE B 257 21.48 -6.66 -21.19
N THR B 258 21.28 -5.78 -22.18
CA THR B 258 20.46 -4.60 -21.93
C THR B 258 19.00 -4.97 -21.64
N LEU B 259 18.48 -6.05 -22.22
CA LEU B 259 17.10 -6.45 -21.89
C LEU B 259 17.01 -7.45 -20.73
N PRO B 260 17.78 -8.54 -20.70
CA PRO B 260 17.71 -9.45 -19.55
C PRO B 260 18.21 -8.85 -18.24
N LYS B 261 19.08 -7.83 -18.30
CA LYS B 261 19.77 -7.19 -17.18
C LYS B 261 20.89 -8.06 -16.62
N THR B 262 21.81 -7.44 -15.88
CA THR B 262 22.93 -8.14 -15.27
C THR B 262 22.54 -8.65 -13.88
N THR B 263 23.47 -9.33 -13.21
CA THR B 263 23.09 -10.15 -12.07
C THR B 263 24.04 -9.97 -10.88
N SER B 264 24.55 -11.10 -10.37
CA SER B 264 25.25 -11.12 -9.10
C SER B 264 26.62 -10.43 -9.19
N SER B 265 27.37 -10.65 -10.28
CA SER B 265 28.69 -10.02 -10.37
C SER B 265 28.55 -8.50 -10.50
N HIS B 266 27.57 -8.03 -11.27
CA HIS B 266 27.39 -6.58 -11.36
C HIS B 266 26.90 -6.00 -10.03
N ALA B 267 26.04 -6.71 -9.31
CA ALA B 267 25.58 -6.23 -8.01
C ALA B 267 26.75 -6.08 -7.03
N CYS B 268 27.60 -7.10 -6.94
CA CYS B 268 28.75 -7.02 -6.05
C CYS B 268 29.77 -5.99 -6.53
N SER B 269 29.78 -5.68 -7.83
CA SER B 269 30.79 -4.76 -8.33
C SER B 269 30.64 -3.38 -7.73
N PHE B 270 29.41 -2.99 -7.33
CA PHE B 270 29.22 -1.61 -6.91
C PHE B 270 29.97 -1.26 -5.62
N PRO B 271 29.87 -2.03 -4.53
CA PRO B 271 30.75 -1.70 -3.38
C PRO B 271 32.22 -1.93 -3.67
N LEU B 272 32.56 -2.93 -4.48
CA LEU B 272 33.96 -3.17 -4.79
C LEU B 272 34.59 -1.95 -5.47
N THR B 273 33.82 -1.30 -6.35
CA THR B 273 34.30 -0.09 -6.98
C THR B 273 34.19 1.12 -6.04
N ASN B 274 33.01 1.33 -5.46
CA ASN B 274 32.77 2.57 -4.73
C ASN B 274 33.52 2.61 -3.41
N ILE B 275 33.65 1.47 -2.74
CA ILE B 275 34.33 1.44 -1.44
C ILE B 275 35.80 1.11 -1.58
N HIS B 276 36.17 0.19 -2.47
CA HIS B 276 37.54 -0.30 -2.50
C HIS B 276 38.32 0.13 -3.72
N GLY B 277 37.72 0.93 -4.60
CA GLY B 277 38.45 1.54 -5.71
C GLY B 277 38.78 0.60 -6.84
N ILE B 278 38.14 -0.56 -6.91
CA ILE B 278 38.40 -1.51 -7.98
C ILE B 278 37.61 -1.12 -9.23
N PRO B 279 38.27 -0.94 -10.37
CA PRO B 279 37.54 -0.51 -11.57
C PRO B 279 36.41 -1.48 -11.89
N HIS B 280 35.37 -0.95 -12.54
CA HIS B 280 34.09 -1.66 -12.65
C HIS B 280 34.24 -3.04 -13.29
N GLY B 281 34.91 -3.10 -14.46
CA GLY B 281 35.03 -4.37 -15.15
C GLY B 281 35.79 -5.41 -14.34
N GLU B 282 36.92 -4.99 -13.75
CA GLU B 282 37.69 -5.87 -12.86
C GLU B 282 36.87 -6.28 -11.65
N ALA B 283 36.08 -5.37 -11.09
CA ALA B 283 35.23 -5.75 -9.94
C ALA B 283 34.21 -6.81 -10.34
N CYS B 284 33.60 -6.67 -11.53
CA CYS B 284 32.76 -7.74 -12.05
C CYS B 284 33.54 -9.04 -12.21
N GLY B 285 34.74 -8.97 -12.80
CA GLY B 285 35.50 -10.17 -13.04
C GLY B 285 35.89 -10.89 -11.78
N LEU B 286 36.01 -10.15 -10.68
CA LEU B 286 36.45 -10.75 -9.43
C LEU B 286 35.50 -11.84 -8.93
N THR B 287 34.20 -11.70 -9.18
CA THR B 287 33.25 -12.71 -8.71
C THR B 287 32.70 -13.58 -9.83
N LEU B 288 33.03 -13.31 -11.09
CA LEU B 288 32.34 -13.95 -12.20
C LEU B 288 32.52 -15.47 -12.17
N ASP B 289 33.75 -15.95 -12.00
CA ASP B 289 33.93 -17.39 -11.97
C ASP B 289 33.39 -18.00 -10.67
N TYR B 290 33.37 -17.24 -9.58
CA TYR B 290 32.75 -17.74 -8.35
C TYR B 290 31.27 -18.01 -8.57
N PHE B 291 30.55 -17.02 -9.12
CA PHE B 291 29.12 -17.19 -9.33
C PHE B 291 28.84 -18.20 -10.44
N ALA B 292 29.74 -18.35 -11.42
CA ALA B 292 29.50 -19.39 -12.43
C ALA B 292 29.45 -20.77 -11.79
N ARG B 293 30.32 -21.02 -10.83
CA ARG B 293 30.27 -22.31 -10.14
C ARG B 293 28.99 -22.43 -9.32
N ILE B 294 28.59 -21.36 -8.62
CA ILE B 294 27.30 -21.38 -7.93
C ILE B 294 26.17 -21.72 -8.90
N ASN B 295 26.21 -21.12 -10.09
CA ASN B 295 25.11 -21.19 -11.05
C ASN B 295 25.18 -22.41 -11.96
N LYS B 296 26.14 -23.31 -11.77
CA LYS B 296 26.52 -24.19 -12.86
C LYS B 296 25.37 -25.08 -13.32
N ASP B 297 24.52 -25.51 -12.39
CA ASP B 297 23.43 -26.43 -12.72
C ASP B 297 22.07 -25.75 -12.72
N ALA B 298 22.03 -24.43 -12.73
CA ALA B 298 20.77 -23.72 -12.69
C ALA B 298 19.99 -23.92 -13.99
N GLN B 299 18.70 -23.64 -13.92
CA GLN B 299 17.83 -23.52 -15.11
C GLN B 299 17.85 -24.80 -15.95
N HIS B 300 17.84 -25.95 -15.27
CA HIS B 300 17.76 -27.26 -15.93
C HIS B 300 18.85 -27.42 -16.99
N GLY B 301 20.06 -26.92 -16.69
CA GLY B 301 21.23 -27.20 -17.51
C GLY B 301 21.56 -26.18 -18.57
N ARG B 302 20.85 -25.05 -18.62
CA ARG B 302 21.15 -24.00 -19.60
C ARG B 302 22.60 -23.58 -19.55
N VAL B 303 23.13 -23.33 -18.35
CA VAL B 303 24.50 -22.83 -18.22
C VAL B 303 25.51 -23.88 -18.65
N GLN B 304 25.24 -25.15 -18.36
CA GLN B 304 26.12 -26.22 -18.84
C GLN B 304 26.12 -26.29 -20.36
N GLU B 305 24.94 -26.19 -20.97
CA GLU B 305 24.87 -26.16 -22.44
C GLU B 305 25.61 -24.96 -22.99
N PHE B 306 25.53 -23.82 -22.30
CA PHE B 306 26.22 -22.60 -22.71
C PHE B 306 27.73 -22.79 -22.71
N ALA B 307 28.28 -23.26 -21.58
CA ALA B 307 29.69 -23.55 -21.47
C ALA B 307 30.16 -24.44 -22.61
N ARG B 308 29.41 -25.50 -22.90
CA ARG B 308 29.79 -26.42 -23.95
C ARG B 308 29.66 -25.76 -25.32
N GLY B 309 28.63 -24.94 -25.50
CA GLY B 309 28.45 -24.26 -26.75
C GLY B 309 29.59 -23.35 -27.13
N ILE B 310 30.28 -22.78 -26.15
CA ILE B 310 31.40 -21.90 -26.47
C ILE B 310 32.74 -22.62 -26.34
N GLY B 311 32.73 -23.92 -26.13
CA GLY B 311 33.92 -24.73 -26.24
C GLY B 311 34.52 -25.33 -24.97
N PHE B 312 33.81 -25.30 -23.85
CA PHE B 312 34.34 -25.86 -22.61
C PHE B 312 33.69 -27.20 -22.30
N LYS B 313 34.41 -28.02 -21.53
CA LYS B 313 33.89 -29.33 -21.14
C LYS B 313 32.64 -29.19 -20.29
N ASP B 314 32.61 -28.19 -19.41
CA ASP B 314 31.49 -27.93 -18.51
C ASP B 314 31.71 -26.55 -17.90
N VAL B 315 30.81 -26.17 -16.99
CA VAL B 315 30.89 -24.83 -16.41
C VAL B 315 32.15 -24.69 -15.55
N ASP B 316 32.57 -25.76 -14.89
CA ASP B 316 33.78 -25.67 -14.07
C ASP B 316 35.00 -25.39 -14.94
N ALA B 317 35.08 -26.01 -16.12
CA ALA B 317 36.15 -25.68 -17.06
C ALA B 317 36.06 -24.23 -17.51
N MET B 318 34.85 -23.72 -17.74
CA MET B 318 34.70 -22.32 -18.09
C MET B 318 35.16 -21.43 -16.96
N ALA B 319 34.76 -21.75 -15.73
CA ALA B 319 35.18 -20.97 -14.57
C ALA B 319 36.70 -21.01 -14.41
N ASP B 320 37.30 -22.19 -14.62
CA ASP B 320 38.76 -22.27 -14.62
C ASP B 320 39.37 -21.36 -15.68
N ALA B 321 38.72 -21.28 -16.84
CA ALA B 321 39.25 -20.45 -17.92
C ALA B 321 39.08 -18.97 -17.60
N ILE B 322 37.99 -18.61 -16.92
CA ILE B 322 37.86 -17.23 -16.46
C ILE B 322 38.99 -16.90 -15.50
N HIS B 323 39.22 -17.77 -14.50
CA HIS B 323 40.34 -17.58 -13.59
C HIS B 323 41.65 -17.43 -14.35
N ASP B 324 41.94 -18.36 -15.26
CA ASP B 324 43.19 -18.31 -16.00
C ASP B 324 43.31 -17.05 -16.81
N LEU B 325 42.20 -16.62 -17.42
CA LEU B 325 42.21 -15.41 -18.22
C LEU B 325 42.58 -14.20 -17.37
N LYS B 326 42.00 -14.11 -16.16
CA LYS B 326 42.29 -12.98 -15.28
C LYS B 326 43.75 -12.96 -14.86
N VAL B 327 44.31 -14.12 -14.55
CA VAL B 327 45.73 -14.19 -14.19
C VAL B 327 46.58 -13.71 -15.36
N ARG B 328 46.23 -14.14 -16.58
CA ARG B 328 47.05 -13.79 -17.73
C ARG B 328 47.03 -12.28 -18.01
N ILE B 329 45.90 -11.60 -17.80
CA ILE B 329 45.80 -10.20 -18.16
C ILE B 329 45.89 -9.26 -16.95
N GLY B 330 46.22 -9.79 -15.77
CA GLY B 330 46.48 -8.95 -14.62
C GLY B 330 45.27 -8.46 -13.85
N MET B 331 44.17 -9.20 -13.89
CA MET B 331 42.95 -8.82 -13.20
C MET B 331 42.85 -9.54 -11.86
N ARG B 332 42.20 -8.88 -10.89
CA ARG B 332 42.15 -9.41 -9.52
C ARG B 332 41.50 -10.79 -9.46
N THR B 333 42.16 -11.71 -8.75
CA THR B 333 41.60 -13.00 -8.40
C THR B 333 41.20 -13.08 -6.92
N GLY B 334 41.56 -12.08 -6.12
CA GLY B 334 41.27 -12.11 -4.71
C GLY B 334 41.41 -10.71 -4.12
N LEU B 335 41.20 -10.63 -2.80
CA LEU B 335 41.22 -9.37 -2.07
C LEU B 335 42.16 -9.41 -0.88
N LYS B 336 43.09 -10.36 -0.82
CA LYS B 336 43.88 -10.53 0.39
C LYS B 336 44.67 -9.25 0.73
N ASP B 337 45.22 -8.58 -0.28
CA ASP B 337 46.02 -7.38 -0.10
C ASP B 337 45.22 -6.21 0.47
N LEU B 338 43.89 -6.30 0.51
CA LEU B 338 43.08 -5.26 1.14
C LEU B 338 43.04 -5.40 2.66
N ASN B 339 43.52 -6.52 3.19
CA ASN B 339 43.53 -6.79 4.64
C ASN B 339 42.17 -6.48 5.26
N LEU B 340 41.12 -7.06 4.67
CA LEU B 340 39.76 -6.73 5.06
C LEU B 340 39.47 -7.20 6.48
N THR B 341 38.81 -6.35 7.26
CA THR B 341 38.34 -6.72 8.58
C THR B 341 36.98 -7.41 8.48
N GLU B 342 36.57 -8.02 9.59
CA GLU B 342 35.25 -8.66 9.59
C GLU B 342 34.17 -7.61 9.34
N GLU B 343 34.35 -6.39 9.85
CA GLU B 343 33.36 -5.34 9.64
C GLU B 343 33.29 -4.93 8.18
N GLN B 344 34.44 -4.87 7.50
CA GLN B 344 34.42 -4.54 6.09
C GLN B 344 33.77 -5.64 5.27
N ILE B 345 33.95 -6.89 5.67
CA ILE B 345 33.26 -7.97 4.97
C ILE B 345 31.76 -7.87 5.17
N ALA B 346 31.32 -7.57 6.40
CA ALA B 346 29.90 -7.35 6.64
C ALA B 346 29.36 -6.20 5.80
N ASP B 347 30.14 -5.12 5.63
CA ASP B 347 29.70 -4.05 4.74
C ASP B 347 29.54 -4.56 3.30
N LEU B 348 30.47 -5.37 2.81
CA LEU B 348 30.35 -5.87 1.43
C LEU B 348 29.11 -6.75 1.26
N VAL B 349 28.84 -7.62 2.23
CA VAL B 349 27.62 -8.44 2.17
C VAL B 349 26.39 -7.54 2.04
N ARG B 350 26.29 -6.59 2.96
CA ARG B 350 25.18 -5.63 3.05
C ARG B 350 24.99 -4.85 1.75
N ILE B 351 26.06 -4.22 1.26
CA ILE B 351 25.94 -3.30 0.14
C ILE B 351 25.90 -4.00 -1.22
N SER B 352 26.20 -5.30 -1.28
CA SER B 352 26.13 -6.02 -2.54
C SER B 352 24.70 -6.35 -2.98
N ARG B 353 23.69 -5.97 -2.19
CA ARG B 353 22.31 -6.40 -2.47
C ARG B 353 21.55 -5.39 -3.33
N HIS B 354 22.20 -4.92 -4.39
CA HIS B 354 21.55 -4.26 -5.53
C HIS B 354 20.43 -5.15 -6.06
N PRO B 355 19.34 -4.56 -6.59
CA PRO B 355 18.27 -5.39 -7.15
C PRO B 355 18.74 -6.38 -8.22
N ASN B 356 19.81 -6.06 -8.95
CA ASN B 356 20.36 -6.97 -9.95
C ASN B 356 20.75 -8.32 -9.36
N LEU B 357 21.13 -8.34 -8.08
CA LEU B 357 21.46 -9.62 -7.43
C LEU B 357 20.31 -10.60 -7.56
N TYR B 358 19.07 -10.12 -7.52
CA TYR B 358 17.92 -11.00 -7.62
C TYR B 358 17.62 -11.42 -9.05
N ASN B 359 18.41 -10.98 -10.02
CA ASN B 359 18.31 -11.53 -11.37
C ASN B 359 19.13 -12.81 -11.52
N ASN B 360 19.98 -13.13 -10.55
CA ASN B 360 20.78 -14.34 -10.62
C ASN B 360 19.89 -15.57 -10.60
N PRO B 361 20.17 -16.60 -11.41
CA PRO B 361 19.28 -17.77 -11.47
C PRO B 361 19.22 -18.57 -10.19
N VAL B 362 20.27 -18.52 -9.38
CA VAL B 362 20.29 -19.13 -8.05
C VAL B 362 20.18 -18.02 -7.02
N GLU B 363 19.30 -18.19 -6.03
CA GLU B 363 19.17 -17.21 -4.97
C GLU B 363 20.49 -17.08 -4.21
N ILE B 364 21.01 -15.87 -4.15
CA ILE B 364 22.27 -15.58 -3.45
C ILE B 364 21.88 -15.02 -2.09
N THR B 365 22.01 -15.83 -1.04
CA THR B 365 21.62 -15.42 0.31
C THR B 365 22.73 -14.54 0.92
N ASP B 366 22.41 -13.88 2.04
CA ASP B 366 23.44 -13.20 2.83
C ASP B 366 24.55 -14.16 3.22
N ASP B 367 24.18 -15.40 3.61
CA ASP B 367 25.20 -16.37 4.02
C ASP B 367 26.14 -16.71 2.86
N MET B 368 25.58 -16.83 1.65
CA MET B 368 26.42 -17.13 0.49
C MET B 368 27.35 -15.98 0.16
N LEU B 369 26.87 -14.74 0.27
CA LEU B 369 27.75 -13.59 0.11
C LEU B 369 28.84 -13.57 1.18
N ASP B 370 28.46 -13.85 2.43
CA ASP B 370 29.46 -13.90 3.51
C ASP B 370 30.53 -14.95 3.23
N THR B 371 30.13 -16.12 2.73
CA THR B 371 31.10 -17.15 2.38
C THR B 371 32.02 -16.69 1.27
N MET B 372 31.45 -16.09 0.22
CA MET B 372 32.26 -15.65 -0.92
C MET B 372 33.26 -14.56 -0.52
N TYR B 373 32.81 -13.56 0.23
CA TYR B 373 33.72 -12.49 0.57
C TYR B 373 34.77 -12.94 1.56
N HIS B 374 34.46 -13.93 2.41
CA HIS B 374 35.52 -14.49 3.25
C HIS B 374 36.53 -15.24 2.39
N TYR B 375 36.05 -15.94 1.36
CA TYR B 375 36.98 -16.59 0.45
C TYR B 375 37.88 -15.58 -0.25
N LEU B 376 37.28 -14.52 -0.81
CA LEU B 376 38.09 -13.53 -1.53
C LEU B 376 39.02 -12.78 -0.59
N ALA B 377 38.57 -12.48 0.63
CA ALA B 377 39.41 -11.78 1.58
C ALA B 377 40.67 -12.57 1.93
N SER B 378 40.67 -13.88 1.75
CA SER B 378 41.83 -14.69 2.11
C SER B 378 42.54 -15.27 0.89
N THR B 379 42.19 -14.83 -0.31
CA THR B 379 42.78 -15.29 -1.55
C THR B 379 43.57 -14.14 -2.19
N ASP B 380 44.77 -14.44 -2.69
CA ASP B 380 45.59 -13.43 -3.38
C ASP B 380 44.90 -12.85 -4.61
N GLY C 5 27.86 18.03 28.02
CA GLY C 5 26.70 18.35 28.83
C GLY C 5 25.48 17.46 28.62
N MET C 6 25.29 16.51 29.52
CA MET C 6 24.18 15.59 29.47
C MET C 6 23.02 16.07 30.34
N LEU C 7 21.81 15.97 29.82
CA LEU C 7 20.61 16.39 30.54
C LEU C 7 19.63 15.22 30.52
N TRP C 8 19.08 14.86 31.67
CA TRP C 8 18.06 13.82 31.65
C TRP C 8 17.19 13.86 32.91
N ASP C 9 15.98 13.34 32.76
CA ASP C 9 15.02 13.15 33.83
C ASP C 9 14.77 11.67 33.97
N TYR C 10 14.87 11.18 35.21
CA TYR C 10 14.64 9.76 35.49
C TYR C 10 13.56 9.61 36.54
N ALA C 11 12.49 8.89 36.21
CA ALA C 11 11.44 8.58 37.18
C ALA C 11 10.94 7.18 36.91
N GLN C 12 10.88 6.37 37.96
CA GLN C 12 10.47 4.97 37.85
C GLN C 12 9.63 4.71 39.09
N PRO C 13 8.32 4.99 39.02
CA PRO C 13 7.50 4.94 40.23
C PRO C 13 6.98 3.56 40.60
N VAL C 14 7.27 2.51 39.82
CA VAL C 14 6.69 1.20 40.04
C VAL C 14 7.55 0.42 41.02
N THR C 15 6.92 -0.16 42.04
CA THR C 15 7.58 -1.14 42.88
C THR C 15 7.53 -2.52 42.24
N ILE C 16 8.66 -3.21 42.18
CA ILE C 16 8.74 -4.52 41.54
C ILE C 16 9.00 -5.58 42.59
N ARG C 17 8.14 -6.60 42.62
CA ARG C 17 8.33 -7.80 43.42
C ARG C 17 8.66 -8.94 42.46
N PHE C 18 9.91 -9.35 42.45
CA PHE C 18 10.37 -10.40 41.54
C PHE C 18 10.51 -11.71 42.29
N GLY C 19 9.98 -12.78 41.71
CA GLY C 19 10.25 -14.07 42.28
C GLY C 19 9.22 -15.13 41.94
N LYS C 20 9.72 -16.35 41.80
CA LYS C 20 8.87 -17.49 41.53
C LYS C 20 7.84 -17.65 42.64
N GLY C 21 6.56 -17.72 42.26
CA GLY C 21 5.47 -17.94 43.20
C GLY C 21 4.91 -16.71 43.86
N ARG C 22 5.47 -15.53 43.60
CA ARG C 22 5.05 -14.36 44.38
C ARG C 22 3.73 -13.77 43.91
N ALA C 23 3.10 -14.32 42.86
CA ALA C 23 1.75 -13.91 42.49
C ALA C 23 0.76 -14.14 43.62
N MET C 24 1.11 -15.01 44.57
CA MET C 24 0.32 -15.20 45.79
C MET C 24 0.35 -14.00 46.72
N GLU C 25 1.18 -13.00 46.47
CA GLU C 25 1.30 -11.87 47.40
C GLU C 25 0.30 -10.76 47.13
N ILE C 26 -0.66 -11.00 46.23
CA ILE C 26 -1.68 -9.99 45.94
C ILE C 26 -2.33 -9.51 47.23
N LYS C 27 -2.69 -10.44 48.11
CA LYS C 27 -3.40 -10.04 49.32
C LYS C 27 -2.51 -9.22 50.24
N ASP C 28 -1.21 -9.51 50.28
CA ASP C 28 -0.30 -8.72 51.11
C ASP C 28 -0.20 -7.28 50.62
N ILE C 29 -0.27 -7.08 49.31
CA ILE C 29 -0.25 -5.73 48.78
C ILE C 29 -1.55 -5.01 49.11
N ALA C 30 -2.69 -5.69 48.93
CA ALA C 30 -3.97 -5.05 49.21
C ALA C 30 -4.10 -4.74 50.70
N GLU C 31 -3.60 -5.63 51.56
CA GLU C 31 -3.57 -5.33 52.99
C GLU C 31 -2.77 -4.08 53.27
N ALA C 32 -1.53 -4.01 52.76
CA ALA C 32 -0.66 -2.87 53.04
C ALA C 32 -1.26 -1.56 52.54
N MET C 33 -2.00 -1.61 51.43
CA MET C 33 -2.67 -0.43 50.90
C MET C 33 -4.05 -0.21 51.51
N GLY C 34 -4.50 -1.14 52.34
CA GLY C 34 -5.83 -1.03 52.93
C GLY C 34 -6.95 -1.07 51.93
N LEU C 35 -6.85 -1.93 50.92
CA LEU C 35 -7.81 -1.97 49.84
C LEU C 35 -8.52 -3.32 49.80
N HIS C 36 -9.75 -3.31 49.29
CA HIS C 36 -10.58 -4.50 49.18
C HIS C 36 -11.27 -4.49 47.83
N ASP C 37 -11.93 -5.61 47.52
CA ASP C 37 -12.80 -5.76 46.34
C ASP C 37 -12.06 -5.40 45.05
N GLY C 38 -10.90 -6.03 44.84
CA GLY C 38 -10.19 -5.82 43.60
C GLY C 38 -10.86 -6.52 42.43
N ILE C 39 -10.56 -6.07 41.22
CA ILE C 39 -10.99 -6.73 40.00
C ILE C 39 -9.75 -7.27 39.30
N MET C 40 -9.82 -8.53 38.86
CA MET C 40 -8.74 -9.13 38.09
C MET C 40 -9.10 -9.07 36.61
N VAL C 41 -8.29 -8.36 35.84
CA VAL C 41 -8.43 -8.29 34.39
C VAL C 41 -7.43 -9.28 33.79
N THR C 42 -7.94 -10.28 33.08
CA THR C 42 -7.10 -11.38 32.64
C THR C 42 -7.79 -12.08 31.48
N PRO C 43 -7.03 -12.59 30.50
CA PRO C 43 -7.67 -13.29 29.38
C PRO C 43 -8.35 -14.58 29.87
N LYS C 44 -9.37 -14.99 29.12
CA LYS C 44 -10.13 -16.18 29.49
C LYS C 44 -9.24 -17.39 29.72
N PHE C 45 -8.10 -17.46 29.02
CA PHE C 45 -7.19 -18.60 29.15
C PHE C 45 -6.89 -18.91 30.61
N PHE C 46 -6.65 -17.87 31.40
CA PHE C 46 -6.28 -18.06 32.79
C PHE C 46 -7.47 -18.42 33.68
N VAL C 47 -8.69 -18.04 33.30
CA VAL C 47 -9.86 -18.57 33.98
C VAL C 47 -10.03 -20.05 33.66
N ASP C 48 -9.97 -20.39 32.37
CA ASP C 48 -10.14 -21.78 31.94
C ASP C 48 -9.10 -22.70 32.56
N SER C 49 -7.87 -22.21 32.73
CA SER C 49 -6.79 -23.04 33.26
C SER C 49 -6.88 -23.24 34.77
N GLY C 50 -7.71 -22.46 35.46
CA GLY C 50 -7.78 -22.50 36.90
C GLY C 50 -6.83 -21.57 37.60
N GLU C 51 -5.90 -20.94 36.87
CA GLU C 51 -4.87 -20.14 37.51
C GLU C 51 -5.46 -18.86 38.13
N ALA C 52 -6.43 -18.23 37.46
CA ALA C 52 -7.08 -17.07 38.04
C ALA C 52 -7.72 -17.39 39.38
N GLN C 53 -8.54 -18.45 39.43
CA GLN C 53 -9.22 -18.77 40.68
C GLN C 53 -8.22 -19.22 41.75
N ARG C 54 -7.15 -19.90 41.36
CA ARG C 54 -6.09 -20.23 42.30
C ARG C 54 -5.58 -18.97 43.00
N LEU C 55 -5.28 -17.92 42.24
CA LEU C 55 -4.74 -16.70 42.83
C LEU C 55 -5.81 -15.93 43.59
N ILE C 56 -7.04 -15.89 43.06
CA ILE C 56 -8.10 -15.20 43.78
C ILE C 56 -8.40 -15.88 45.10
N ASP C 57 -8.47 -17.21 45.10
CA ASP C 57 -8.67 -17.93 46.36
C ASP C 57 -7.52 -17.67 47.32
N ALA C 58 -6.30 -17.54 46.81
CA ALA C 58 -5.16 -17.25 47.68
C ALA C 58 -5.25 -15.86 48.29
N SER C 59 -5.92 -14.93 47.60
CA SER C 59 -5.98 -13.54 48.08
C SER C 59 -6.93 -13.35 49.27
N ASP C 60 -7.60 -14.42 49.72
CA ASP C 60 -8.46 -14.39 50.91
C ASP C 60 -9.50 -13.28 50.85
N GLY C 61 -10.19 -13.20 49.71
CA GLY C 61 -11.21 -12.19 49.50
C GLY C 61 -10.73 -10.84 49.00
N ALA C 62 -9.42 -10.65 48.81
CA ALA C 62 -8.91 -9.37 48.34
C ALA C 62 -9.44 -9.04 46.94
N VAL C 63 -9.55 -10.05 46.07
CA VAL C 63 -10.07 -9.91 44.73
C VAL C 63 -11.47 -10.51 44.71
N SER C 64 -12.46 -9.70 44.30
CA SER C 64 -13.86 -10.13 44.30
C SER C 64 -14.47 -10.25 42.90
N THR C 65 -13.81 -9.77 41.86
CA THR C 65 -14.40 -9.64 40.54
C THR C 65 -13.37 -10.05 39.48
N VAL C 66 -13.85 -10.67 38.41
CA VAL C 66 -13.01 -11.03 37.28
C VAL C 66 -13.61 -10.47 36.00
N PHE C 67 -12.74 -9.91 35.15
CA PHE C 67 -13.14 -9.37 33.85
C PHE C 67 -12.23 -9.97 32.79
N THR C 68 -12.83 -10.68 31.83
CA THR C 68 -12.09 -11.29 30.72
C THR C 68 -12.53 -10.81 29.34
N ASP C 69 -13.49 -9.90 29.24
CA ASP C 69 -14.17 -9.65 27.96
C ASP C 69 -13.45 -8.53 27.20
N PHE C 70 -12.22 -8.83 26.79
CA PHE C 70 -11.42 -7.89 26.01
C PHE C 70 -10.62 -8.69 24.98
N SER C 71 -10.14 -7.99 23.96
CA SER C 71 -9.54 -8.63 22.80
C SER C 71 -8.03 -8.55 22.85
N PRO C 72 -7.33 -9.44 22.13
CA PRO C 72 -5.87 -9.36 22.06
C PRO C 72 -5.37 -7.99 21.64
N ASN C 73 -6.13 -7.30 20.77
CA ASN C 73 -5.94 -5.88 20.53
C ASN C 73 -7.08 -5.13 21.21
N PRO C 74 -6.91 -4.63 22.43
CA PRO C 74 -8.06 -4.16 23.21
C PRO C 74 -8.74 -2.94 22.61
N ASP C 75 -10.08 -2.94 22.70
CA ASP C 75 -10.92 -1.89 22.16
C ASP C 75 -11.36 -0.94 23.27
N VAL C 76 -11.59 0.32 22.88
CA VAL C 76 -12.14 1.31 23.81
C VAL C 76 -13.46 0.83 24.40
N THR C 77 -14.27 0.08 23.63
CA THR C 77 -15.52 -0.42 24.18
C THR C 77 -15.27 -1.44 25.29
N GLU C 78 -14.19 -2.21 25.18
CA GLU C 78 -13.90 -3.18 26.22
C GLU C 78 -13.37 -2.51 27.48
N VAL C 79 -12.61 -1.43 27.33
CA VAL C 79 -12.21 -0.62 28.48
C VAL C 79 -13.42 -0.04 29.19
N ASP C 80 -14.35 0.53 28.40
CA ASP C 80 -15.55 1.11 29.00
C ASP C 80 -16.38 0.05 29.71
N ALA C 81 -16.49 -1.14 29.12
CA ALA C 81 -17.20 -2.23 29.79
C ALA C 81 -16.52 -2.61 31.09
N CYS C 82 -15.19 -2.68 31.09
CA CYS C 82 -14.48 -2.97 32.32
C CYS C 82 -14.74 -1.90 33.37
N ALA C 83 -14.72 -0.63 32.96
CA ALA C 83 -14.95 0.45 33.91
C ALA C 83 -16.35 0.38 34.49
N GLU C 84 -17.34 -0.05 33.70
CA GLU C 84 -18.69 -0.16 34.21
C GLU C 84 -18.81 -1.29 35.23
N ILE C 85 -18.09 -2.39 35.00
CA ILE C 85 -18.05 -3.48 35.98
C ILE C 85 -17.42 -2.99 37.26
N ILE C 86 -16.38 -2.17 37.14
CA ILE C 86 -15.70 -1.64 38.32
C ILE C 86 -16.67 -0.81 39.15
N ARG C 87 -17.40 0.07 38.48
CA ARG C 87 -18.36 0.95 39.16
C ARG C 87 -19.48 0.14 39.79
N LYS C 88 -20.04 -0.83 39.05
CA LYS C 88 -21.12 -1.65 39.58
C LYS C 88 -20.69 -2.39 40.85
N ASN C 89 -19.43 -2.80 40.92
CA ASN C 89 -18.97 -3.66 42.01
C ASN C 89 -18.17 -2.91 43.06
N HIS C 90 -18.04 -1.59 42.93
CA HIS C 90 -17.31 -0.77 43.91
C HIS C 90 -15.87 -1.25 44.08
N CYS C 91 -15.24 -1.63 42.98
CA CYS C 91 -13.89 -2.19 43.06
C CYS C 91 -12.89 -1.09 43.42
N GLU C 92 -11.96 -1.42 44.31
CA GLU C 92 -11.03 -0.43 44.81
C GLU C 92 -9.63 -0.54 44.20
N PHE C 93 -9.32 -1.64 43.52
CA PHE C 93 -8.02 -1.74 42.85
C PHE C 93 -8.14 -2.72 41.70
N VAL C 94 -7.15 -2.71 40.83
CA VAL C 94 -7.16 -3.48 39.59
C VAL C 94 -5.92 -4.37 39.58
N VAL C 95 -6.11 -5.66 39.35
CA VAL C 95 -5.03 -6.63 39.18
C VAL C 95 -4.99 -6.99 37.70
N ALA C 96 -3.96 -6.56 37.00
CA ALA C 96 -3.79 -6.85 35.58
C ALA C 96 -2.90 -8.08 35.45
N MET C 97 -3.50 -9.23 35.09
CA MET C 97 -2.74 -10.46 34.91
C MET C 97 -2.85 -10.93 33.48
N GLY C 98 -1.79 -10.74 32.71
CA GLY C 98 -1.76 -11.17 31.32
C GLY C 98 -0.59 -10.52 30.61
N GLY C 99 -0.71 -10.43 29.30
CA GLY C 99 0.25 -9.75 28.47
C GLY C 99 -0.09 -8.28 28.32
N GLY C 100 0.42 -7.68 27.24
CA GLY C 100 0.21 -6.26 27.04
C GLY C 100 -1.26 -5.87 27.03
N SER C 101 -2.12 -6.75 26.51
CA SER C 101 -3.52 -6.36 26.34
C SER C 101 -4.21 -6.18 27.68
N ALA C 102 -4.07 -7.16 28.58
CA ALA C 102 -4.69 -7.04 29.90
C ALA C 102 -4.14 -5.83 30.65
N MET C 103 -2.86 -5.53 30.49
CA MET C 103 -2.30 -4.37 31.19
C MET C 103 -2.79 -3.06 30.58
N ASP C 104 -2.97 -3.02 29.25
CA ASP C 104 -3.53 -1.84 28.60
C ASP C 104 -4.94 -1.54 29.05
N VAL C 105 -5.78 -2.58 29.10
CA VAL C 105 -7.16 -2.43 29.53
C VAL C 105 -7.19 -1.94 30.97
N SER C 106 -6.37 -2.57 31.82
CA SER C 106 -6.41 -2.27 33.25
C SER C 106 -6.00 -0.83 33.53
N LYS C 107 -4.94 -0.35 32.88
CA LYS C 107 -4.48 1.02 33.11
C LYS C 107 -5.56 2.04 32.77
N ALA C 108 -6.14 1.91 31.58
CA ALA C 108 -7.17 2.86 31.15
C ALA C 108 -8.44 2.72 31.98
N ALA C 109 -8.85 1.49 32.29
CA ALA C 109 -10.09 1.34 33.04
C ALA C 109 -9.97 1.89 34.45
N ALA C 110 -8.78 1.76 35.06
CA ALA C 110 -8.60 2.21 36.44
C ALA C 110 -8.70 3.72 36.59
N SER C 111 -8.47 4.46 35.50
CA SER C 111 -8.64 5.91 35.48
C SER C 111 -10.04 6.30 35.03
N ILE C 112 -10.52 5.71 33.94
CA ILE C 112 -11.77 6.18 33.37
C ILE C 112 -12.97 5.82 34.23
N CYS C 113 -12.83 4.82 35.12
CA CYS C 113 -13.95 4.41 35.95
C CYS C 113 -14.38 5.49 36.95
N LEU C 114 -13.56 6.51 37.18
CA LEU C 114 -13.90 7.56 38.13
C LEU C 114 -14.56 8.75 37.46
N THR C 115 -14.84 8.64 36.17
CA THR C 115 -15.55 9.63 35.37
C THR C 115 -16.81 8.99 34.82
N ASP C 116 -17.65 9.79 34.18
CA ASP C 116 -18.76 9.26 33.42
C ASP C 116 -18.54 9.43 31.93
N ASP C 117 -17.27 9.48 31.52
CA ASP C 117 -16.86 9.59 30.12
C ASP C 117 -16.50 8.23 29.56
N SER C 118 -16.47 8.16 28.23
CA SER C 118 -15.84 7.06 27.53
C SER C 118 -14.34 7.33 27.40
N ILE C 119 -13.53 6.27 27.45
CA ILE C 119 -12.11 6.43 27.21
C ILE C 119 -11.86 6.99 25.80
N ALA C 120 -12.83 6.83 24.89
CA ALA C 120 -12.66 7.36 23.53
C ALA C 120 -12.45 8.87 23.53
N ASP C 121 -12.99 9.58 24.54
CA ASP C 121 -12.80 11.03 24.59
C ASP C 121 -11.34 11.40 24.81
N TYR C 122 -10.52 10.47 25.26
CA TYR C 122 -9.11 10.71 25.54
C TYR C 122 -8.17 9.93 24.62
N HIS C 123 -8.70 9.36 23.54
CA HIS C 123 -7.95 8.45 22.69
C HIS C 123 -7.53 9.20 21.43
N GLY C 124 -6.32 9.75 21.44
CA GLY C 124 -5.82 10.49 20.28
C GLY C 124 -6.66 11.71 19.95
N THR C 125 -7.15 12.40 20.97
CA THR C 125 -7.98 13.58 20.81
C THR C 125 -7.33 14.85 21.34
N GLY C 126 -6.11 14.78 21.85
CA GLY C 126 -5.49 15.91 22.50
C GLY C 126 -5.97 16.18 23.91
N LYS C 127 -7.05 15.55 24.36
CA LYS C 127 -7.51 15.70 25.73
C LYS C 127 -6.70 14.80 26.65
N ALA C 128 -6.08 15.39 27.69
CA ALA C 128 -5.29 14.63 28.64
C ALA C 128 -6.19 13.86 29.61
N MET C 129 -5.65 12.76 30.15
CA MET C 129 -6.42 11.92 31.07
C MET C 129 -6.56 12.60 32.41
N PRO C 130 -7.72 12.47 33.07
CA PRO C 130 -7.77 12.76 34.51
C PRO C 130 -6.77 11.88 35.22
N GLN C 131 -6.17 12.41 36.28
CA GLN C 131 -5.04 11.70 36.89
C GLN C 131 -5.42 10.82 38.07
N LYS C 132 -6.59 10.99 38.66
CA LYS C 132 -7.00 10.07 39.73
C LYS C 132 -7.30 8.70 39.13
N HIS C 133 -6.99 7.65 39.87
CA HIS C 133 -7.19 6.29 39.37
C HIS C 133 -7.13 5.31 40.53
N LEU C 134 -7.75 4.15 40.31
CA LEU C 134 -7.57 3.02 41.22
C LEU C 134 -6.13 2.50 41.11
N PRO C 135 -5.52 2.09 42.22
CA PRO C 135 -4.19 1.48 42.15
C PRO C 135 -4.20 0.22 41.29
N ILE C 136 -3.10 0.00 40.59
CA ILE C 136 -2.97 -1.12 39.67
C ILE C 136 -1.86 -2.02 40.16
N ILE C 137 -2.15 -3.31 40.24
CA ILE C 137 -1.14 -4.34 40.49
C ILE C 137 -1.00 -5.13 39.21
N ALA C 138 0.19 -5.08 38.62
CA ALA C 138 0.43 -5.70 37.31
C ALA C 138 1.16 -7.03 37.49
N LEU C 139 0.62 -8.08 36.87
CA LEU C 139 1.22 -9.43 36.89
C LEU C 139 1.45 -9.86 35.45
N PRO C 140 2.58 -9.50 34.83
CA PRO C 140 2.82 -9.93 33.45
C PRO C 140 2.86 -11.45 33.36
N THR C 141 2.31 -11.99 32.28
CA THR C 141 2.34 -13.43 32.02
C THR C 141 3.19 -13.78 30.80
N THR C 142 3.92 -12.81 30.24
CA THR C 142 4.90 -13.05 29.19
C THR C 142 6.17 -12.27 29.50
N ALA C 143 7.26 -12.65 28.82
CA ALA C 143 8.58 -12.01 28.98
C ALA C 143 9.08 -11.62 27.58
N GLY C 144 8.57 -10.53 27.03
CA GLY C 144 7.54 -9.73 27.64
C GLY C 144 7.46 -8.37 26.96
N THR C 145 6.36 -7.67 27.20
CA THR C 145 6.18 -6.32 26.68
C THR C 145 6.79 -5.26 27.58
N GLY C 146 7.07 -5.60 28.84
CA GLY C 146 7.51 -4.63 29.82
C GLY C 146 6.45 -3.64 30.26
N SER C 147 5.20 -3.85 29.83
CA SER C 147 4.11 -2.92 30.11
C SER C 147 3.87 -2.73 31.60
N GLU C 148 4.35 -3.65 32.43
CA GLU C 148 4.14 -3.53 33.86
C GLU C 148 4.92 -2.38 34.47
N VAL C 149 5.79 -1.70 33.71
CA VAL C 149 6.54 -0.58 34.27
C VAL C 149 6.45 0.65 33.37
N THR C 150 5.42 0.72 32.52
CA THR C 150 5.24 1.90 31.70
C THR C 150 3.91 2.56 32.01
N CYS C 151 3.75 3.79 31.54
CA CYS C 151 2.53 4.56 31.72
C CYS C 151 1.75 4.71 30.42
N VAL C 152 1.82 3.70 29.56
CA VAL C 152 1.24 3.74 28.23
C VAL C 152 0.18 2.65 28.12
N SER C 153 -0.94 2.99 27.49
CA SER C 153 -2.00 2.03 27.16
C SER C 153 -2.31 2.18 25.67
N VAL C 154 -2.11 1.11 24.91
CA VAL C 154 -2.38 1.13 23.48
C VAL C 154 -3.76 0.53 23.25
N LEU C 155 -4.66 1.33 22.66
CA LEU C 155 -6.04 0.90 22.46
C LEU C 155 -6.43 1.10 21.01
N THR C 156 -7.45 0.38 20.58
CA THR C 156 -8.04 0.58 19.27
C THR C 156 -9.50 0.98 19.42
N ASN C 157 -9.97 1.79 18.48
CA ASN C 157 -11.38 2.10 18.36
C ASN C 157 -11.84 1.51 17.03
N ARG C 158 -12.43 0.31 17.09
CA ARG C 158 -12.78 -0.39 15.85
C ARG C 158 -13.84 0.37 15.07
N LYS C 159 -14.78 1.01 15.77
CA LYS C 159 -15.82 1.78 15.07
C LYS C 159 -15.22 2.98 14.33
N LEU C 160 -14.16 3.58 14.87
CA LEU C 160 -13.51 4.73 14.24
C LEU C 160 -12.33 4.36 13.36
N GLY C 161 -11.86 3.13 13.44
CA GLY C 161 -10.69 2.74 12.67
C GLY C 161 -9.38 3.29 13.19
N LYS C 162 -9.31 3.59 14.49
CA LYS C 162 -8.15 4.22 15.11
C LYS C 162 -7.46 3.25 16.04
N LYS C 163 -6.14 3.18 15.95
CA LYS C 163 -5.30 2.49 16.94
C LYS C 163 -4.24 3.47 17.40
N ALA C 164 -4.24 3.77 18.70
CA ALA C 164 -3.38 4.83 19.20
C ALA C 164 -3.07 4.61 20.67
N PRO C 165 -1.92 5.07 21.16
CA PRO C 165 -1.61 4.98 22.58
C PRO C 165 -2.17 6.15 23.38
N ILE C 166 -2.44 5.88 24.64
CA ILE C 166 -2.78 6.93 25.62
C ILE C 166 -1.68 6.94 26.67
N VAL C 167 -1.14 8.12 26.93
CA VAL C 167 -0.02 8.29 27.85
C VAL C 167 -0.51 9.08 29.06
N SER C 168 -0.33 8.53 30.25
CA SER C 168 -0.80 9.19 31.46
C SER C 168 0.00 8.70 32.65
N ASP C 169 0.45 9.66 33.47
CA ASP C 169 1.15 9.30 34.70
C ASP C 169 0.29 8.44 35.62
N GLY C 170 -1.03 8.59 35.56
CA GLY C 170 -1.90 7.72 36.33
C GLY C 170 -1.97 6.29 35.84
N PHE C 171 -1.30 5.95 34.73
CA PHE C 171 -1.30 4.60 34.21
C PHE C 171 -0.18 3.73 34.79
N PHE C 172 0.80 4.31 35.49
CA PHE C 172 1.88 3.54 36.10
C PHE C 172 1.29 2.56 37.11
N PRO C 173 1.56 1.26 37.01
CA PRO C 173 1.16 0.37 38.09
C PRO C 173 1.79 0.77 39.41
N SER C 174 1.08 0.48 40.49
CA SER C 174 1.64 0.69 41.81
C SER C 174 2.68 -0.36 42.13
N VAL C 175 2.36 -1.62 41.86
CA VAL C 175 3.27 -2.74 42.08
C VAL C 175 3.24 -3.63 40.85
N ALA C 176 4.42 -4.10 40.44
CA ALA C 176 4.55 -5.12 39.41
C ALA C 176 5.06 -6.38 40.08
N ILE C 177 4.24 -7.43 40.07
CA ILE C 177 4.69 -8.74 40.50
C ILE C 177 5.17 -9.48 39.26
N VAL C 178 6.47 -9.78 39.22
CA VAL C 178 7.09 -10.49 38.11
C VAL C 178 7.39 -11.90 38.61
N ASP C 179 6.46 -12.81 38.35
CA ASP C 179 6.51 -14.19 38.82
C ASP C 179 6.76 -15.07 37.61
N PRO C 180 7.97 -15.61 37.44
CA PRO C 180 8.26 -16.38 36.22
C PRO C 180 7.38 -17.60 36.02
N GLU C 181 6.75 -18.13 37.09
CA GLU C 181 5.87 -19.28 36.94
C GLU C 181 4.71 -18.98 36.01
N LEU C 182 4.25 -17.73 35.98
CA LEU C 182 3.14 -17.36 35.11
C LEU C 182 3.50 -17.42 33.64
N THR C 183 4.79 -17.53 33.30
CA THR C 183 5.20 -17.62 31.90
C THR C 183 5.44 -19.07 31.44
N TYR C 184 5.37 -20.05 32.35
CA TYR C 184 5.75 -21.41 31.98
C TYR C 184 4.86 -21.96 30.88
N SER C 185 3.62 -21.49 30.78
CA SER C 185 2.70 -22.04 29.78
C SER C 185 2.75 -21.30 28.45
N VAL C 186 3.61 -20.29 28.29
CA VAL C 186 3.68 -19.57 27.01
C VAL C 186 4.26 -20.49 25.95
N PRO C 187 3.55 -20.71 24.84
CA PRO C 187 4.04 -21.67 23.83
C PRO C 187 5.30 -21.16 23.16
N PRO C 188 6.11 -22.05 22.57
CA PRO C 188 7.41 -21.64 22.03
C PRO C 188 7.36 -20.50 21.03
N LYS C 189 6.39 -20.49 20.09
CA LYS C 189 6.36 -19.42 19.10
C LYS C 189 6.09 -18.07 19.74
N ILE C 190 5.27 -18.04 20.79
CA ILE C 190 5.03 -16.78 21.48
C ILE C 190 6.19 -16.42 22.40
N THR C 191 6.82 -17.42 23.03
CA THR C 191 8.04 -17.15 23.79
C THR C 191 9.10 -16.48 22.92
N ALA C 192 9.26 -16.98 21.68
CA ALA C 192 10.24 -16.41 20.77
C ALA C 192 9.92 -14.96 20.45
N SER C 193 8.67 -14.68 20.08
CA SER C 193 8.29 -13.31 19.69
C SER C 193 8.40 -12.35 20.87
N THR C 194 7.85 -12.72 22.03
CA THR C 194 7.95 -11.83 23.17
C THR C 194 9.41 -11.64 23.60
N GLY C 195 10.24 -12.66 23.42
CA GLY C 195 11.65 -12.49 23.74
C GLY C 195 12.35 -11.53 22.81
N MET C 196 11.96 -11.52 21.53
CA MET C 196 12.51 -10.55 20.58
C MET C 196 12.04 -9.14 20.89
N ASP C 197 10.83 -9.00 21.45
CA ASP C 197 10.38 -7.71 21.95
C ASP C 197 11.34 -7.20 23.03
N VAL C 198 11.73 -8.09 23.96
CA VAL C 198 12.67 -7.69 25.01
C VAL C 198 13.97 -7.21 24.41
N LEU C 199 14.53 -7.99 23.48
CA LEU C 199 15.83 -7.63 22.90
C LEU C 199 15.76 -6.32 22.12
N SER C 200 14.70 -6.11 21.32
CA SER C 200 14.56 -4.86 20.59
C SER C 200 14.41 -3.68 21.54
N GLN C 201 13.56 -3.84 22.56
CA GLN C 201 13.41 -2.77 23.55
C GLN C 201 14.75 -2.41 24.18
N ALA C 202 15.56 -3.40 24.53
CA ALA C 202 16.83 -3.11 25.19
C ALA C 202 17.78 -2.41 24.23
N ILE C 203 17.92 -2.94 23.03
CA ILE C 203 18.89 -2.38 22.10
C ILE C 203 18.45 -0.99 21.63
N GLU C 204 17.17 -0.83 21.27
CA GLU C 204 16.67 0.47 20.83
C GLU C 204 16.69 1.50 21.95
N GLY C 205 16.28 1.10 23.15
CA GLY C 205 16.37 1.99 24.28
C GLY C 205 17.79 2.49 24.51
N PHE C 206 18.79 1.63 24.27
CA PHE C 206 20.18 2.07 24.44
C PHE C 206 20.57 3.10 23.38
N TRP C 207 20.30 2.81 22.10
CA TRP C 207 20.84 3.70 21.06
C TRP C 207 19.90 4.84 20.71
N SER C 208 18.74 4.92 21.36
CA SER C 208 17.81 6.01 21.13
C SER C 208 18.47 7.36 21.38
N LYS C 209 18.05 8.37 20.60
CA LYS C 209 18.50 9.74 20.85
C LYS C 209 18.15 10.19 22.25
N GLY C 210 17.13 9.61 22.85
CA GLY C 210 16.79 9.95 24.22
C GLY C 210 17.54 9.15 25.26
N HIS C 211 18.69 8.55 24.92
CA HIS C 211 19.36 7.65 25.84
C HIS C 211 19.77 8.38 27.11
N GLN C 212 19.78 7.64 28.23
CA GLN C 212 20.28 8.16 29.50
C GLN C 212 20.89 7.01 30.29
N PRO C 213 21.82 7.30 31.21
CA PRO C 213 22.73 6.25 31.68
C PRO C 213 22.08 5.16 32.52
N ILE C 214 21.05 5.45 33.31
CA ILE C 214 20.41 4.38 34.07
C ILE C 214 19.75 3.40 33.11
N CYS C 215 19.05 3.95 32.10
CA CYS C 215 18.41 3.11 31.09
C CYS C 215 19.44 2.34 30.27
N ASP C 216 20.58 2.97 29.95
CA ASP C 216 21.70 2.30 29.30
C ASP C 216 22.12 1.05 30.05
N SER C 217 22.35 1.21 31.37
CA SER C 217 22.76 0.09 32.21
C SER C 217 21.74 -1.03 32.19
N CYS C 218 20.46 -0.68 32.31
CA CYS C 218 19.40 -1.69 32.22
C CYS C 218 19.41 -2.38 30.86
N ALA C 219 19.58 -1.59 29.79
CA ALA C 219 19.53 -2.15 28.45
C ALA C 219 20.63 -3.20 28.25
N ALA C 220 21.86 -2.87 28.64
CA ALA C 220 22.95 -3.84 28.43
C ALA C 220 22.70 -5.12 29.22
N HIS C 221 22.22 -4.98 30.45
CA HIS C 221 21.95 -6.14 31.29
C HIS C 221 20.89 -7.04 30.64
N ALA C 222 19.81 -6.44 30.15
CA ALA C 222 18.73 -7.25 29.57
C ALA C 222 19.16 -7.92 28.26
N ALA C 223 19.84 -7.17 27.38
CA ALA C 223 20.22 -7.75 26.08
C ALA C 223 21.12 -8.97 26.25
N LYS C 224 22.07 -8.90 27.19
CA LYS C 224 22.98 -10.02 27.39
C LYS C 224 22.23 -11.28 27.82
N LEU C 225 21.23 -11.13 28.68
CA LEU C 225 20.41 -12.26 29.11
C LEU C 225 19.65 -12.89 27.94
N VAL C 226 19.10 -12.06 27.04
CA VAL C 226 18.29 -12.61 25.95
C VAL C 226 19.12 -13.51 25.06
N PHE C 227 20.33 -13.09 24.70
CA PHE C 227 21.12 -13.90 23.78
C PHE C 227 21.39 -15.28 24.34
N LYS C 228 21.57 -15.36 25.67
CA LYS C 228 21.87 -16.65 26.29
C LYS C 228 20.60 -17.46 26.55
N TYR C 229 19.56 -16.85 27.09
CA TYR C 229 18.45 -17.64 27.63
C TYR C 229 17.24 -17.75 26.73
N LEU C 230 17.05 -16.87 25.74
CA LEU C 230 15.87 -17.01 24.90
C LEU C 230 15.84 -18.31 24.12
N PRO C 231 16.93 -18.78 23.51
CA PRO C 231 16.85 -20.08 22.81
C PRO C 231 16.47 -21.23 23.74
N ILE C 232 16.91 -21.17 25.00
CA ILE C 232 16.57 -22.22 25.96
C ILE C 232 15.09 -22.16 26.32
N ALA C 233 14.58 -20.95 26.60
CA ALA C 233 13.17 -20.81 26.94
C ALA C 233 12.28 -21.30 25.81
N VAL C 234 12.69 -21.08 24.56
CA VAL C 234 11.90 -21.54 23.41
C VAL C 234 11.94 -23.06 23.28
N ALA C 235 13.14 -23.62 23.42
CA ALA C 235 13.31 -25.08 23.27
C ALA C 235 12.80 -25.85 24.48
N GLU C 236 12.82 -25.24 25.67
CA GLU C 236 12.46 -25.91 26.92
C GLU C 236 11.53 -25.03 27.73
N PRO C 237 10.23 -25.08 27.44
CA PRO C 237 9.29 -24.16 28.10
C PRO C 237 9.24 -24.31 29.61
N HIS C 238 9.63 -25.46 30.15
CA HIS C 238 9.64 -25.63 31.59
C HIS C 238 11.05 -25.64 32.16
N ASN C 239 12.01 -25.03 31.46
CA ASN C 239 13.32 -24.73 32.03
C ASN C 239 13.17 -23.53 32.96
N GLU C 240 13.19 -23.78 34.27
CA GLU C 240 12.83 -22.71 35.20
C GLU C 240 13.87 -21.60 35.20
N GLU C 241 15.16 -21.94 35.04
CA GLU C 241 16.19 -20.90 35.02
C GLU C 241 16.01 -19.97 33.83
N ALA C 242 15.82 -20.54 32.65
CA ALA C 242 15.68 -19.72 31.45
C ALA C 242 14.43 -18.87 31.51
N ARG C 243 13.33 -19.41 32.06
CA ARG C 243 12.13 -18.58 32.19
C ARG C 243 12.37 -17.45 33.18
N GLU C 244 13.04 -17.74 34.30
CA GLU C 244 13.33 -16.68 35.25
C GLU C 244 14.25 -15.62 34.65
N LYS C 245 15.28 -16.05 33.92
CA LYS C 245 16.17 -15.07 33.31
C LYS C 245 15.47 -14.23 32.25
N MET C 246 14.55 -14.83 31.47
CA MET C 246 13.82 -14.03 30.50
C MET C 246 12.89 -13.02 31.17
N CYS C 247 12.29 -13.41 32.30
CA CYS C 247 11.47 -12.45 33.06
C CYS C 247 12.33 -11.31 33.61
N GLU C 248 13.51 -11.63 34.15
CA GLU C 248 14.43 -10.59 34.59
C GLU C 248 14.80 -9.66 33.45
N ALA C 249 15.12 -10.24 32.28
CA ALA C 249 15.47 -9.40 31.14
C ALA C 249 14.28 -8.54 30.74
N SER C 250 13.07 -9.12 30.76
CA SER C 250 11.88 -8.41 30.30
C SER C 250 11.57 -7.19 31.15
N VAL C 251 11.53 -7.35 32.48
CA VAL C 251 11.16 -6.20 33.32
C VAL C 251 12.29 -5.16 33.30
N ILE C 252 13.54 -5.60 33.17
CA ILE C 252 14.65 -4.64 33.17
C ILE C 252 14.75 -3.93 31.82
N ALA C 253 14.46 -4.62 30.71
CA ALA C 253 14.35 -3.92 29.43
C ALA C 253 13.16 -2.95 29.41
N GLY C 254 12.09 -3.28 30.13
CA GLY C 254 11.00 -2.31 30.28
C GLY C 254 11.48 -1.03 30.93
N LEU C 255 12.34 -1.14 31.94
CA LEU C 255 12.96 0.04 32.52
C LEU C 255 13.91 0.72 31.55
N ALA C 256 14.46 -0.03 30.59
CA ALA C 256 15.44 0.55 29.67
C ALA C 256 14.78 1.43 28.61
N PHE C 257 13.59 1.06 28.13
CA PHE C 257 13.00 1.77 26.99
C PHE C 257 11.92 2.78 27.36
N THR C 258 11.36 2.73 28.58
CA THR C 258 10.22 3.59 28.90
C THR C 258 10.57 5.07 28.71
N LEU C 259 11.71 5.50 29.24
CA LEU C 259 12.06 6.93 29.19
C LEU C 259 12.75 7.31 27.87
N PRO C 260 13.77 6.57 27.41
CA PRO C 260 14.39 6.95 26.12
C PRO C 260 13.49 6.73 24.90
N LYS C 261 12.47 5.86 25.00
CA LYS C 261 11.55 5.51 23.91
C LYS C 261 12.24 4.64 22.86
N THR C 262 11.45 3.89 22.10
CA THR C 262 12.01 3.00 21.07
C THR C 262 12.23 3.79 19.77
N THR C 263 12.71 3.08 18.73
CA THR C 263 13.24 3.78 17.56
C THR C 263 12.73 3.15 16.26
N SER C 264 13.67 2.79 15.37
CA SER C 264 13.31 2.43 14.00
C SER C 264 12.60 1.09 13.91
N SER C 265 13.07 0.09 14.67
CA SER C 265 12.45 -1.22 14.59
C SER C 265 11.02 -1.20 15.10
N HIS C 266 10.76 -0.43 16.14
CA HIS C 266 9.38 -0.31 16.62
C HIS C 266 8.52 0.50 15.64
N ALA C 267 9.07 1.57 15.06
CA ALA C 267 8.33 2.31 14.04
C ALA C 267 7.93 1.43 12.87
N CYS C 268 8.85 0.59 12.40
CA CYS C 268 8.54 -0.30 11.30
C CYS C 268 7.61 -1.43 11.73
N SER C 269 7.65 -1.80 13.01
CA SER C 269 6.86 -2.93 13.47
C SER C 269 5.36 -2.66 13.34
N PHE C 270 4.96 -1.40 13.45
CA PHE C 270 3.54 -1.10 13.49
C PHE C 270 2.81 -1.50 12.20
N PRO C 271 3.23 -1.10 11.00
CA PRO C 271 2.54 -1.64 9.81
C PRO C 271 2.78 -3.12 9.61
N LEU C 272 3.93 -3.66 10.03
CA LEU C 272 4.15 -5.09 9.89
C LEU C 272 3.13 -5.89 10.69
N THR C 273 2.78 -5.39 11.88
CA THR C 273 1.76 -6.06 12.69
C THR C 273 0.35 -5.71 12.22
N ASN C 274 0.07 -4.43 12.01
CA ASN C 274 -1.30 -4.01 11.74
C ASN C 274 -1.76 -4.41 10.34
N ILE C 275 -0.88 -4.36 9.36
CA ILE C 275 -1.28 -4.73 8.01
C ILE C 275 -1.07 -6.22 7.74
N HIS C 276 0.05 -6.78 8.18
CA HIS C 276 0.45 -8.11 7.72
C HIS C 276 0.35 -9.16 8.82
N GLY C 277 -0.14 -8.81 10.00
CA GLY C 277 -0.42 -9.83 11.00
C GLY C 277 0.79 -10.41 11.70
N ILE C 278 1.95 -9.79 11.57
CA ILE C 278 3.16 -10.31 12.24
C ILE C 278 3.16 -9.86 13.68
N PRO C 279 3.30 -10.77 14.65
CA PRO C 279 3.26 -10.37 16.06
C PRO C 279 4.33 -9.33 16.36
N HIS C 280 4.05 -8.49 17.36
CA HIS C 280 4.86 -7.30 17.63
C HIS C 280 6.33 -7.61 17.78
N GLY C 281 6.68 -8.54 18.69
CA GLY C 281 8.09 -8.82 18.92
C GLY C 281 8.80 -9.34 17.69
N GLU C 282 8.16 -10.26 16.96
CA GLU C 282 8.72 -10.74 15.70
C GLU C 282 8.86 -9.63 14.68
N ALA C 283 7.90 -8.71 14.66
CA ALA C 283 7.97 -7.61 13.69
C ALA C 283 9.14 -6.68 14.02
N CYS C 284 9.39 -6.41 15.31
CA CYS C 284 10.59 -5.63 15.66
C CYS C 284 11.86 -6.36 15.28
N GLY C 285 11.90 -7.66 15.58
CA GLY C 285 13.08 -8.46 15.28
C GLY C 285 13.39 -8.50 13.81
N LEU C 286 12.36 -8.40 12.96
CA LEU C 286 12.56 -8.43 11.51
C LEU C 286 13.55 -7.37 11.03
N THR C 287 13.58 -6.20 11.66
CA THR C 287 14.48 -5.13 11.22
C THR C 287 15.61 -4.84 12.19
N LEU C 288 15.68 -5.56 13.32
CA LEU C 288 16.62 -5.16 14.38
C LEU C 288 18.07 -5.28 13.91
N ASP C 289 18.46 -6.43 13.34
CA ASP C 289 19.85 -6.53 12.90
C ASP C 289 20.14 -5.62 11.71
N TYR C 290 19.11 -5.38 10.87
CA TYR C 290 19.27 -4.45 9.75
C TYR C 290 19.64 -3.05 10.24
N PHE C 291 18.84 -2.50 11.16
CA PHE C 291 19.14 -1.15 11.64
C PHE C 291 20.40 -1.11 12.49
N ALA C 292 20.74 -2.21 13.15
CA ALA C 292 21.98 -2.25 13.90
C ALA C 292 23.18 -1.96 12.99
N ARG C 293 23.17 -2.50 11.78
CA ARG C 293 24.31 -2.28 10.90
C ARG C 293 24.32 -0.85 10.36
N ILE C 294 23.15 -0.23 10.25
CA ILE C 294 23.07 1.20 9.89
C ILE C 294 23.57 2.07 11.04
N ASN C 295 23.22 1.73 12.28
CA ASN C 295 23.50 2.53 13.47
C ASN C 295 24.87 2.24 14.08
N LYS C 296 25.63 1.29 13.54
CA LYS C 296 26.74 0.70 14.30
C LYS C 296 27.75 1.74 14.77
N ASP C 297 27.99 2.78 13.98
CA ASP C 297 29.06 3.73 14.30
C ASP C 297 28.52 5.07 14.79
N ALA C 298 27.23 5.16 15.08
CA ALA C 298 26.63 6.40 15.55
C ALA C 298 27.15 6.79 16.94
N GLN C 299 26.91 8.04 17.30
CA GLN C 299 27.19 8.56 18.64
C GLN C 299 28.64 8.31 19.07
N HIS C 300 29.56 8.45 18.11
CA HIS C 300 31.00 8.38 18.39
C HIS C 300 31.38 7.07 19.07
N GLY C 301 30.84 5.96 18.59
CA GLY C 301 31.27 4.65 19.06
C GLY C 301 30.48 4.06 20.21
N ARG C 302 29.40 4.72 20.66
CA ARG C 302 28.59 4.22 21.78
C ARG C 302 28.08 2.82 21.53
N VAL C 303 27.52 2.60 20.34
CA VAL C 303 26.93 1.31 20.01
C VAL C 303 28.00 0.24 19.91
N GLN C 304 29.19 0.59 19.43
CA GLN C 304 30.27 -0.39 19.44
C GLN C 304 30.68 -0.74 20.86
N GLU C 305 30.75 0.26 21.75
CA GLU C 305 31.05 -0.04 23.15
C GLU C 305 29.98 -0.93 23.77
N PHE C 306 28.70 -0.71 23.40
CA PHE C 306 27.60 -1.54 23.87
C PHE C 306 27.78 -2.99 23.45
N ALA C 307 28.07 -3.21 22.16
CA ALA C 307 28.27 -4.56 21.65
C ALA C 307 29.39 -5.28 22.39
N ARG C 308 30.53 -4.61 22.59
CA ARG C 308 31.63 -5.22 23.32
C ARG C 308 31.24 -5.51 24.76
N GLY C 309 30.48 -4.60 25.37
CA GLY C 309 30.06 -4.79 26.75
C GLY C 309 29.24 -6.05 26.97
N ILE C 310 28.41 -6.41 25.99
CA ILE C 310 27.60 -7.61 26.18
C ILE C 310 28.27 -8.81 25.53
N GLY C 311 29.51 -8.64 25.06
CA GLY C 311 30.34 -9.77 24.71
C GLY C 311 30.61 -10.01 23.24
N PHE C 312 30.27 -9.08 22.37
CA PHE C 312 30.55 -9.25 20.95
C PHE C 312 31.79 -8.46 20.56
N LYS C 313 32.45 -8.91 19.48
CA LYS C 313 33.63 -8.18 19.01
C LYS C 313 33.26 -6.78 18.56
N ASP C 314 32.07 -6.62 17.96
CA ASP C 314 31.63 -5.34 17.41
C ASP C 314 30.16 -5.48 17.07
N VAL C 315 29.59 -4.37 16.57
CA VAL C 315 28.16 -4.37 16.25
C VAL C 315 27.84 -5.38 15.15
N ASP C 316 28.71 -5.52 14.15
CA ASP C 316 28.38 -6.48 13.08
C ASP C 316 28.35 -7.90 13.61
N ALA C 317 29.20 -8.25 14.59
CA ALA C 317 29.09 -9.56 15.21
C ALA C 317 27.80 -9.68 16.02
N MET C 318 27.41 -8.61 16.69
CA MET C 318 26.13 -8.61 17.40
C MET C 318 24.96 -8.81 16.44
N ALA C 319 24.98 -8.09 15.31
CA ALA C 319 23.91 -8.24 14.31
C ALA C 319 23.88 -9.65 13.74
N ASP C 320 25.06 -10.23 13.47
CA ASP C 320 25.12 -11.64 13.08
C ASP C 320 24.44 -12.53 14.10
N ALA C 321 24.70 -12.28 15.39
CA ALA C 321 24.09 -13.10 16.44
C ALA C 321 22.58 -12.88 16.51
N ILE C 322 22.12 -11.65 16.27
CA ILE C 322 20.68 -11.42 16.21
C ILE C 322 20.06 -12.23 15.08
N HIS C 323 20.72 -12.27 13.93
CA HIS C 323 20.24 -13.10 12.84
C HIS C 323 20.23 -14.58 13.23
N ASP C 324 21.34 -15.06 13.78
CA ASP C 324 21.43 -16.48 14.15
C ASP C 324 20.37 -16.84 15.19
N LEU C 325 20.11 -15.93 16.13
CA LEU C 325 19.09 -16.16 17.15
C LEU C 325 17.72 -16.33 16.51
N LYS C 326 17.35 -15.42 15.62
CA LYS C 326 16.05 -15.51 14.95
C LYS C 326 15.90 -16.84 14.22
N VAL C 327 16.95 -17.27 13.52
CA VAL C 327 16.88 -18.54 12.79
C VAL C 327 16.68 -19.70 13.76
N ARG C 328 17.43 -19.70 14.87
CA ARG C 328 17.33 -20.80 15.83
C ARG C 328 15.94 -20.88 16.47
N ILE C 329 15.29 -19.74 16.72
CA ILE C 329 14.02 -19.77 17.43
C ILE C 329 12.82 -19.58 16.50
N GLY C 330 13.03 -19.62 15.19
CA GLY C 330 11.91 -19.62 14.26
C GLY C 330 11.24 -18.27 14.01
N MET C 331 11.97 -17.17 14.19
CA MET C 331 11.43 -15.83 13.94
C MET C 331 11.74 -15.38 12.51
N ARG C 332 10.85 -14.57 11.96
CA ARG C 332 10.97 -14.18 10.56
C ARG C 332 12.31 -13.51 10.28
N THR C 333 12.96 -13.95 9.21
CA THR C 333 14.11 -13.24 8.67
C THR C 333 13.78 -12.47 7.40
N GLY C 334 12.58 -12.62 6.85
CA GLY C 334 12.24 -11.92 5.64
C GLY C 334 10.74 -11.96 5.40
N LEU C 335 10.33 -11.45 4.23
CA LEU C 335 8.93 -11.30 3.88
C LEU C 335 8.59 -11.91 2.52
N LYS C 336 9.47 -12.75 1.97
CA LYS C 336 9.26 -13.24 0.61
C LYS C 336 7.92 -13.96 0.46
N ASP C 337 7.52 -14.72 1.48
CA ASP C 337 6.27 -15.46 1.43
C ASP C 337 5.02 -14.58 1.39
N LEU C 338 5.15 -13.27 1.66
CA LEU C 338 3.99 -12.39 1.55
C LEU C 338 3.73 -11.94 0.11
N ASN C 339 4.65 -12.20 -0.81
CA ASN C 339 4.52 -11.82 -2.21
C ASN C 339 4.09 -10.36 -2.36
N LEU C 340 4.80 -9.48 -1.68
CA LEU C 340 4.41 -8.08 -1.61
C LEU C 340 4.46 -7.41 -2.97
N THR C 341 3.43 -6.62 -3.28
CA THR C 341 3.45 -5.80 -4.47
C THR C 341 4.28 -4.53 -4.24
N GLU C 342 4.61 -3.84 -5.32
CA GLU C 342 5.29 -2.56 -5.18
C GLU C 342 4.46 -1.58 -4.36
N GLU C 343 3.12 -1.63 -4.50
CA GLU C 343 2.28 -0.75 -3.69
C GLU C 343 2.36 -1.11 -2.21
N GLN C 344 2.31 -2.41 -1.89
CA GLN C 344 2.43 -2.82 -0.50
C GLN C 344 3.78 -2.40 0.09
N ILE C 345 4.85 -2.52 -0.69
CA ILE C 345 6.15 -2.10 -0.20
C ILE C 345 6.15 -0.60 0.06
N ALA C 346 5.58 0.16 -0.86
CA ALA C 346 5.45 1.60 -0.66
C ALA C 346 4.61 1.91 0.57
N ASP C 347 3.55 1.14 0.82
CA ASP C 347 2.76 1.34 2.03
C ASP C 347 3.62 1.14 3.27
N LEU C 348 4.48 0.12 3.26
CA LEU C 348 5.36 -0.11 4.40
C LEU C 348 6.31 1.07 4.58
N VAL C 349 6.88 1.56 3.50
CA VAL C 349 7.78 2.71 3.56
C VAL C 349 7.06 3.92 4.17
N ARG C 350 5.89 4.24 3.63
CA ARG C 350 5.16 5.44 4.06
C ARG C 350 4.73 5.33 5.51
N ILE C 351 4.13 4.20 5.87
CA ILE C 351 3.57 4.09 7.22
C ILE C 351 4.66 3.90 8.27
N SER C 352 5.85 3.46 7.89
CA SER C 352 6.92 3.31 8.88
C SER C 352 7.45 4.64 9.38
N ARG C 353 7.12 5.75 8.71
CA ARG C 353 7.51 7.09 9.18
C ARG C 353 6.58 7.52 10.32
N HIS C 354 6.81 6.91 11.51
CA HIS C 354 6.20 7.08 12.83
C HIS C 354 7.09 8.00 13.67
N PRO C 355 6.53 8.75 14.63
CA PRO C 355 7.40 9.59 15.50
C PRO C 355 8.61 8.87 16.07
N ASN C 356 8.48 7.58 16.41
CA ASN C 356 9.61 6.85 16.97
C ASN C 356 10.76 6.69 15.98
N LEU C 357 10.50 6.80 14.67
CA LEU C 357 11.59 6.66 13.69
C LEU C 357 12.64 7.75 13.88
N TYR C 358 12.22 8.94 14.32
CA TYR C 358 13.17 10.04 14.53
C TYR C 358 13.98 9.90 15.80
N ASN C 359 13.70 8.89 16.63
CA ASN C 359 14.58 8.59 17.77
C ASN C 359 15.81 7.79 17.34
N ASN C 360 15.82 7.28 16.11
CA ASN C 360 16.96 6.50 15.65
C ASN C 360 18.19 7.41 15.59
N PRO C 361 19.34 6.93 16.05
CA PRO C 361 20.53 7.79 16.07
C PRO C 361 21.02 8.22 14.69
N VAL C 362 20.69 7.46 13.65
CA VAL C 362 21.01 7.81 12.26
C VAL C 362 19.71 8.13 11.55
N GLU C 363 19.70 9.22 10.77
CA GLU C 363 18.52 9.57 10.00
C GLU C 363 18.17 8.46 9.03
N ILE C 364 16.94 7.96 9.12
CA ILE C 364 16.45 6.90 8.24
C ILE C 364 15.61 7.58 7.16
N THR C 365 16.13 7.62 5.94
CA THR C 365 15.44 8.29 4.86
C THR C 365 14.42 7.35 4.22
N ASP C 366 13.56 7.92 3.36
CA ASP C 366 12.61 7.07 2.63
C ASP C 366 13.34 6.12 1.70
N ASP C 367 14.43 6.58 1.08
CA ASP C 367 15.23 5.71 0.22
C ASP C 367 15.79 4.54 1.01
N MET C 368 16.25 4.79 2.23
CA MET C 368 16.78 3.71 3.05
C MET C 368 15.69 2.71 3.42
N LEU C 369 14.48 3.19 3.74
CA LEU C 369 13.37 2.28 4.02
C LEU C 369 12.98 1.50 2.76
N ASP C 370 13.00 2.17 1.61
CA ASP C 370 12.66 1.49 0.37
C ASP C 370 13.64 0.36 0.06
N THR C 371 14.94 0.63 0.26
CA THR C 371 15.95 -0.41 0.09
C THR C 371 15.70 -1.56 1.05
N MET C 372 15.46 -1.25 2.33
CA MET C 372 15.26 -2.28 3.34
C MET C 372 14.05 -3.16 3.03
N TYR C 373 12.92 -2.54 2.70
CA TYR C 373 11.73 -3.35 2.47
C TYR C 373 11.82 -4.13 1.18
N HIS C 374 12.49 -3.60 0.15
CA HIS C 374 12.73 -4.43 -1.02
C HIS C 374 13.62 -5.61 -0.70
N TYR C 375 14.64 -5.39 0.16
CA TYR C 375 15.45 -6.50 0.62
C TYR C 375 14.61 -7.55 1.34
N LEU C 376 13.80 -7.13 2.31
CA LEU C 376 12.97 -8.07 3.05
C LEU C 376 11.98 -8.77 2.13
N ALA C 377 11.39 -8.03 1.19
CA ALA C 377 10.44 -8.64 0.27
C ALA C 377 11.07 -9.72 -0.60
N SER C 378 12.40 -9.71 -0.75
CA SER C 378 13.11 -10.68 -1.55
C SER C 378 13.82 -11.75 -0.74
N THR C 379 13.61 -11.79 0.58
CA THR C 379 14.38 -12.66 1.47
C THR C 379 13.42 -13.58 2.22
N ASP C 380 13.73 -14.86 2.29
CA ASP C 380 12.88 -15.81 3.02
C ASP C 380 12.65 -15.37 4.47
N GLY D 5 -24.34 -2.14 -21.90
CA GLY D 5 -25.57 -1.56 -21.37
C GLY D 5 -25.35 -0.43 -20.39
N MET D 6 -25.73 0.78 -20.78
CA MET D 6 -25.60 1.93 -19.91
C MET D 6 -26.95 2.26 -19.27
N LEU D 7 -26.90 2.70 -18.02
CA LEU D 7 -28.05 3.20 -17.28
C LEU D 7 -27.73 4.61 -16.80
N TRP D 8 -28.71 5.50 -16.89
CA TRP D 8 -28.52 6.84 -16.35
C TRP D 8 -29.86 7.51 -16.12
N ASP D 9 -29.83 8.48 -15.20
CA ASP D 9 -30.97 9.32 -14.85
C ASP D 9 -30.58 10.76 -15.15
N TYR D 10 -31.30 11.41 -16.04
CA TYR D 10 -31.08 12.81 -16.36
C TYR D 10 -32.24 13.65 -15.83
N ALA D 11 -31.94 14.62 -14.97
CA ALA D 11 -32.95 15.54 -14.48
C ALA D 11 -32.27 16.89 -14.30
N GLN D 12 -32.74 17.89 -15.03
CA GLN D 12 -32.17 19.24 -15.03
C GLN D 12 -33.33 20.22 -14.96
N PRO D 13 -33.83 20.52 -13.75
CA PRO D 13 -35.05 21.31 -13.64
C PRO D 13 -34.86 22.81 -13.78
N VAL D 14 -33.64 23.31 -13.96
CA VAL D 14 -33.37 24.75 -13.98
C VAL D 14 -33.60 25.32 -15.37
N THR D 15 -34.34 26.42 -15.44
CA THR D 15 -34.47 27.18 -16.66
C THR D 15 -33.33 28.20 -16.72
N ILE D 16 -32.60 28.22 -17.84
CA ILE D 16 -31.45 29.11 -18.00
C ILE D 16 -31.83 30.20 -18.98
N ARG D 17 -31.65 31.45 -18.56
CA ARG D 17 -31.76 32.62 -19.44
C ARG D 17 -30.35 33.17 -19.62
N PHE D 18 -29.78 32.97 -20.80
CA PHE D 18 -28.40 33.37 -21.06
C PHE D 18 -28.38 34.63 -21.93
N GLY D 19 -27.62 35.63 -21.50
CA GLY D 19 -27.32 36.73 -22.40
C GLY D 19 -26.86 38.00 -21.71
N LYS D 20 -26.03 38.76 -22.42
CA LYS D 20 -25.60 40.06 -21.96
C LYS D 20 -26.79 40.93 -21.63
N GLY D 21 -26.79 41.50 -20.41
CA GLY D 21 -27.80 42.44 -19.96
C GLY D 21 -29.07 41.82 -19.41
N ARG D 22 -29.22 40.49 -19.47
CA ARG D 22 -30.48 39.87 -19.12
C ARG D 22 -30.73 39.82 -17.63
N ALA D 23 -29.74 40.19 -16.80
CA ALA D 23 -30.01 40.39 -15.38
C ALA D 23 -31.09 41.43 -15.17
N MET D 24 -31.34 42.28 -16.15
CA MET D 24 -32.40 43.27 -16.06
C MET D 24 -33.78 42.67 -16.32
N GLU D 25 -33.89 41.34 -16.49
CA GLU D 25 -35.15 40.70 -16.84
C GLU D 25 -35.80 40.00 -15.65
N ILE D 26 -35.43 40.36 -14.43
CA ILE D 26 -36.11 39.79 -13.26
C ILE D 26 -37.60 40.12 -13.30
N LYS D 27 -37.96 41.31 -13.81
CA LYS D 27 -39.36 41.69 -13.90
C LYS D 27 -40.12 40.74 -14.81
N ASP D 28 -39.50 40.33 -15.92
CA ASP D 28 -40.19 39.43 -16.85
C ASP D 28 -40.39 38.04 -16.24
N ILE D 29 -39.40 37.56 -15.50
CA ILE D 29 -39.53 36.27 -14.83
C ILE D 29 -40.60 36.31 -13.75
N ALA D 30 -40.62 37.39 -12.96
CA ALA D 30 -41.65 37.52 -11.93
C ALA D 30 -43.05 37.54 -12.55
N GLU D 31 -43.21 38.24 -13.68
CA GLU D 31 -44.51 38.25 -14.34
C GLU D 31 -44.88 36.87 -14.88
N ALA D 32 -43.94 36.18 -15.53
CA ALA D 32 -44.26 34.87 -16.08
C ALA D 32 -44.58 33.86 -14.99
N MET D 33 -43.94 33.97 -13.82
CA MET D 33 -44.09 32.99 -12.76
C MET D 33 -45.03 33.42 -11.64
N GLY D 34 -45.52 34.65 -11.65
CA GLY D 34 -46.37 35.09 -10.56
C GLY D 34 -45.63 35.47 -9.30
N LEU D 35 -44.39 35.94 -9.42
CA LEU D 35 -43.56 36.20 -8.26
C LEU D 35 -43.77 37.62 -7.78
N HIS D 36 -43.72 37.80 -6.46
CA HIS D 36 -43.83 39.12 -5.86
C HIS D 36 -43.14 39.09 -4.52
N ASP D 37 -42.82 40.29 -4.01
CA ASP D 37 -42.22 40.45 -2.70
C ASP D 37 -40.95 39.61 -2.57
N GLY D 38 -40.00 39.89 -3.45
CA GLY D 38 -38.76 39.13 -3.45
C GLY D 38 -37.72 39.72 -2.54
N ILE D 39 -36.80 38.87 -2.11
CA ILE D 39 -35.61 39.30 -1.38
C ILE D 39 -34.39 38.98 -2.22
N MET D 40 -33.51 39.95 -2.38
CA MET D 40 -32.24 39.72 -3.07
C MET D 40 -31.16 39.45 -2.03
N VAL D 41 -30.50 38.30 -2.16
CA VAL D 41 -29.39 37.92 -1.30
C VAL D 41 -28.11 38.12 -2.08
N THR D 42 -27.25 39.02 -1.60
CA THR D 42 -26.09 39.43 -2.39
C THR D 42 -25.05 40.01 -1.44
N PRO D 43 -23.77 39.85 -1.73
CA PRO D 43 -22.75 40.46 -0.86
C PRO D 43 -22.83 41.98 -0.92
N LYS D 44 -22.35 42.63 0.16
CA LYS D 44 -22.44 44.08 0.25
C LYS D 44 -21.74 44.77 -0.93
N PHE D 45 -20.74 44.12 -1.52
CA PHE D 45 -20.03 44.71 -2.66
C PHE D 45 -20.98 45.19 -3.73
N PHE D 46 -22.06 44.44 -3.99
CA PHE D 46 -22.98 44.81 -5.06
C PHE D 46 -23.99 45.85 -4.61
N VAL D 47 -24.31 45.90 -3.32
CA VAL D 47 -25.07 47.03 -2.82
C VAL D 47 -24.24 48.30 -2.96
N ASP D 48 -22.99 48.25 -2.48
CA ASP D 48 -22.15 49.45 -2.51
C ASP D 48 -21.88 49.92 -3.93
N SER D 49 -21.73 48.99 -4.88
CA SER D 49 -21.48 49.41 -6.24
C SER D 49 -22.72 49.96 -6.93
N GLY D 50 -23.88 49.87 -6.29
CA GLY D 50 -25.13 50.21 -6.93
C GLY D 50 -25.71 49.14 -7.84
N GLU D 51 -25.00 48.03 -8.02
CA GLU D 51 -25.49 47.01 -8.94
C GLU D 51 -26.79 46.39 -8.43
N ALA D 52 -26.88 46.15 -7.12
CA ALA D 52 -28.13 45.62 -6.55
C ALA D 52 -29.29 46.55 -6.84
N GLN D 53 -29.13 47.84 -6.56
CA GLN D 53 -30.22 48.78 -6.77
C GLN D 53 -30.59 48.89 -8.26
N ARG D 54 -29.59 48.80 -9.14
CA ARG D 54 -29.89 48.84 -10.56
C ARG D 54 -30.85 47.72 -10.95
N LEU D 55 -30.57 46.50 -10.48
CA LEU D 55 -31.44 45.38 -10.82
C LEU D 55 -32.75 45.41 -10.06
N ILE D 56 -32.73 45.86 -8.80
CA ILE D 56 -33.96 45.98 -8.04
C ILE D 56 -34.90 46.99 -8.69
N ASP D 57 -34.35 48.12 -9.14
CA ASP D 57 -35.15 49.11 -9.86
C ASP D 57 -35.74 48.52 -11.13
N ALA D 58 -34.96 47.70 -11.85
CA ALA D 58 -35.48 47.11 -13.08
C ALA D 58 -36.59 46.12 -12.80
N SER D 59 -36.63 45.52 -11.61
CA SER D 59 -37.67 44.57 -11.28
C SER D 59 -39.03 45.21 -11.04
N ASP D 60 -39.11 46.55 -11.06
CA ASP D 60 -40.39 47.25 -11.08
C ASP D 60 -41.26 46.87 -9.87
N GLY D 61 -40.63 46.81 -8.70
CA GLY D 61 -41.34 46.45 -7.48
C GLY D 61 -41.35 44.98 -7.15
N ALA D 62 -40.82 44.13 -8.04
CA ALA D 62 -40.85 42.69 -7.78
C ALA D 62 -39.98 42.32 -6.60
N VAL D 63 -38.79 42.91 -6.50
CA VAL D 63 -37.92 42.69 -5.34
C VAL D 63 -38.16 43.80 -4.33
N SER D 64 -38.45 43.41 -3.08
CA SER D 64 -38.81 44.32 -2.02
C SER D 64 -37.79 44.39 -0.88
N THR D 65 -36.84 43.46 -0.80
CA THR D 65 -35.98 43.33 0.37
C THR D 65 -34.58 42.91 -0.07
N VAL D 66 -33.58 43.34 0.69
CA VAL D 66 -32.18 42.98 0.44
C VAL D 66 -31.60 42.36 1.70
N PHE D 67 -30.74 41.36 1.54
CA PHE D 67 -30.01 40.75 2.66
C PHE D 67 -28.56 40.55 2.24
N THR D 68 -27.64 41.11 3.04
CA THR D 68 -26.22 41.03 2.73
C THR D 68 -25.37 40.44 3.86
N ASP D 69 -25.98 39.99 4.95
CA ASP D 69 -25.23 39.67 6.18
C ASP D 69 -24.85 38.20 6.22
N PHE D 70 -23.97 37.82 5.28
CA PHE D 70 -23.47 36.46 5.21
C PHE D 70 -22.02 36.51 4.76
N SER D 71 -21.27 35.46 5.11
CA SER D 71 -19.83 35.43 4.93
C SER D 71 -19.45 34.63 3.69
N PRO D 72 -18.28 34.93 3.12
CA PRO D 72 -17.81 34.13 1.97
C PRO D 72 -17.82 32.64 2.21
N ASN D 73 -17.72 32.21 3.47
CA ASN D 73 -18.04 30.84 3.87
C ASN D 73 -19.33 30.89 4.68
N PRO D 74 -20.48 30.61 4.08
CA PRO D 74 -21.76 30.89 4.74
C PRO D 74 -21.97 30.06 5.99
N ASP D 75 -22.47 30.71 7.03
CA ASP D 75 -22.73 30.07 8.31
C ASP D 75 -24.22 29.88 8.52
N VAL D 76 -24.56 28.81 9.24
CA VAL D 76 -25.96 28.47 9.46
C VAL D 76 -26.69 29.58 10.21
N THR D 77 -25.99 30.33 11.05
CA THR D 77 -26.63 31.48 11.68
C THR D 77 -27.01 32.53 10.64
N GLU D 78 -26.20 32.65 9.59
CA GLU D 78 -26.51 33.63 8.55
C GLU D 78 -27.68 33.16 7.70
N VAL D 79 -27.77 31.86 7.45
CA VAL D 79 -28.93 31.28 6.77
C VAL D 79 -30.19 31.51 7.61
N ASP D 80 -30.10 31.28 8.93
CA ASP D 80 -31.27 31.46 9.79
C ASP D 80 -31.64 32.94 9.91
N ALA D 81 -30.64 33.82 9.96
CA ALA D 81 -30.93 35.25 9.94
C ALA D 81 -31.64 35.64 8.65
N CYS D 82 -31.17 35.15 7.52
CA CYS D 82 -31.85 35.39 6.25
C CYS D 82 -33.30 34.91 6.31
N ALA D 83 -33.52 33.68 6.77
CA ALA D 83 -34.87 33.14 6.86
C ALA D 83 -35.77 34.02 7.72
N GLU D 84 -35.25 34.55 8.85
CA GLU D 84 -36.08 35.38 9.70
C GLU D 84 -36.45 36.70 9.03
N ILE D 85 -35.56 37.25 8.21
CA ILE D 85 -35.92 38.40 7.39
C ILE D 85 -37.05 38.04 6.45
N ILE D 86 -36.97 36.86 5.81
CA ILE D 86 -38.01 36.43 4.88
C ILE D 86 -39.34 36.31 5.60
N ARG D 87 -39.34 35.64 6.76
CA ARG D 87 -40.57 35.52 7.55
C ARG D 87 -41.14 36.89 7.89
N LYS D 88 -40.28 37.82 8.33
CA LYS D 88 -40.77 39.10 8.83
C LYS D 88 -41.29 40.01 7.73
N ASN D 89 -40.81 39.87 6.49
CA ASN D 89 -41.23 40.75 5.40
C ASN D 89 -42.22 40.08 4.45
N HIS D 90 -42.61 38.84 4.71
CA HIS D 90 -43.56 38.11 3.85
C HIS D 90 -42.99 37.92 2.45
N CYS D 91 -41.69 37.68 2.36
CA CYS D 91 -41.06 37.52 1.06
C CYS D 91 -41.48 36.18 0.43
N GLU D 92 -41.68 36.19 -0.89
CA GLU D 92 -42.22 35.01 -1.57
C GLU D 92 -41.31 34.45 -2.66
N PHE D 93 -40.16 35.06 -2.93
CA PHE D 93 -39.14 34.41 -3.74
C PHE D 93 -37.81 35.04 -3.37
N VAL D 94 -36.72 34.39 -3.83
CA VAL D 94 -35.36 34.79 -3.49
C VAL D 94 -34.57 34.98 -4.77
N VAL D 95 -33.84 36.09 -4.85
CA VAL D 95 -32.91 36.35 -5.94
C VAL D 95 -31.50 36.27 -5.37
N ALA D 96 -30.76 35.24 -5.76
CA ALA D 96 -29.37 35.09 -5.33
C ALA D 96 -28.45 35.70 -6.37
N MET D 97 -27.65 36.68 -5.97
CA MET D 97 -26.70 37.29 -6.90
C MET D 97 -25.33 37.33 -6.26
N GLY D 98 -24.38 36.65 -6.88
CA GLY D 98 -23.04 36.61 -6.36
C GLY D 98 -22.34 35.34 -6.81
N GLY D 99 -21.25 35.02 -6.11
CA GLY D 99 -20.58 33.75 -6.29
C GLY D 99 -21.35 32.64 -5.61
N GLY D 100 -20.65 31.51 -5.40
CA GLY D 100 -21.28 30.37 -4.78
C GLY D 100 -21.91 30.65 -3.43
N SER D 101 -21.40 31.65 -2.69
CA SER D 101 -21.84 31.85 -1.32
C SER D 101 -23.26 32.38 -1.24
N ALA D 102 -23.57 33.42 -2.03
CA ALA D 102 -24.94 33.94 -2.04
C ALA D 102 -25.93 32.85 -2.44
N MET D 103 -25.53 31.96 -3.35
CA MET D 103 -26.40 30.86 -3.77
C MET D 103 -26.68 29.90 -2.63
N ASP D 104 -25.62 29.45 -1.94
CA ASP D 104 -25.78 28.49 -0.86
C ASP D 104 -26.73 29.03 0.21
N VAL D 105 -26.54 30.29 0.60
CA VAL D 105 -27.44 30.91 1.57
C VAL D 105 -28.86 30.95 1.03
N SER D 106 -29.01 31.31 -0.24
CA SER D 106 -30.34 31.46 -0.82
C SER D 106 -31.07 30.12 -0.89
N LYS D 107 -30.40 29.10 -1.39
CA LYS D 107 -31.03 27.78 -1.50
C LYS D 107 -31.54 27.30 -0.14
N ALA D 108 -30.69 27.39 0.89
CA ALA D 108 -31.09 26.93 2.21
C ALA D 108 -32.21 27.78 2.79
N ALA D 109 -32.10 29.10 2.68
CA ALA D 109 -33.08 29.99 3.31
C ALA D 109 -34.44 29.90 2.65
N ALA D 110 -34.49 29.63 1.34
CA ALA D 110 -35.79 29.55 0.67
C ALA D 110 -36.62 28.37 1.14
N SER D 111 -35.98 27.34 1.72
CA SER D 111 -36.71 26.20 2.26
C SER D 111 -36.98 26.35 3.76
N ILE D 112 -35.93 26.64 4.53
CA ILE D 112 -36.06 26.69 5.98
C ILE D 112 -36.97 27.82 6.45
N CYS D 113 -37.14 28.89 5.65
CA CYS D 113 -38.01 29.98 6.06
C CYS D 113 -39.47 29.56 6.17
N LEU D 114 -39.86 28.48 5.49
CA LEU D 114 -41.23 27.98 5.57
C LEU D 114 -41.46 27.13 6.82
N THR D 115 -40.43 26.94 7.63
CA THR D 115 -40.50 26.23 8.90
C THR D 115 -40.10 27.18 10.03
N ASP D 116 -40.15 26.68 11.26
CA ASP D 116 -39.62 27.40 12.42
C ASP D 116 -38.40 26.72 13.00
N ASP D 117 -37.85 25.72 12.30
CA ASP D 117 -36.62 25.08 12.71
C ASP D 117 -35.42 25.91 12.24
N SER D 118 -34.26 25.52 12.73
CA SER D 118 -33.00 26.07 12.24
C SER D 118 -32.45 25.18 11.15
N ILE D 119 -31.76 25.80 10.19
CA ILE D 119 -31.11 25.01 9.14
C ILE D 119 -30.12 24.02 9.72
N ALA D 120 -29.59 24.29 10.92
CA ALA D 120 -28.68 23.35 11.55
C ALA D 120 -29.36 22.02 11.88
N ASP D 121 -30.66 22.05 12.19
CA ASP D 121 -31.43 20.82 12.37
C ASP D 121 -31.35 19.90 11.16
N TYR D 122 -30.90 20.39 10.01
CA TYR D 122 -30.73 19.57 8.82
C TYR D 122 -29.29 19.56 8.33
N HIS D 123 -28.39 20.33 8.94
CA HIS D 123 -27.01 20.39 8.53
C HIS D 123 -26.24 19.24 9.18
N GLY D 124 -25.71 18.33 8.37
CA GLY D 124 -25.05 17.13 8.89
C GLY D 124 -25.99 16.09 9.48
N THR D 125 -26.95 16.52 10.31
CA THR D 125 -27.97 15.62 10.81
C THR D 125 -28.73 15.00 9.65
N GLY D 126 -29.02 13.70 9.76
CA GLY D 126 -29.64 12.96 8.67
C GLY D 126 -31.07 13.36 8.36
N LYS D 127 -31.66 14.28 9.13
CA LYS D 127 -33.04 14.72 8.87
C LYS D 127 -33.14 15.39 7.52
N ALA D 128 -33.91 14.78 6.60
CA ALA D 128 -33.98 15.27 5.24
C ALA D 128 -34.68 16.62 5.18
N MET D 129 -34.25 17.45 4.24
CA MET D 129 -34.80 18.79 4.10
C MET D 129 -36.27 18.72 3.72
N PRO D 130 -37.11 19.58 4.29
CA PRO D 130 -38.47 19.75 3.74
C PRO D 130 -38.37 20.23 2.30
N GLN D 131 -39.32 19.80 1.46
CA GLN D 131 -39.21 20.02 0.03
C GLN D 131 -40.00 21.23 -0.47
N LYS D 132 -40.91 21.79 0.32
CA LYS D 132 -41.56 23.04 -0.06
C LYS D 132 -40.59 24.21 0.13
N HIS D 133 -40.64 25.18 -0.79
CA HIS D 133 -39.68 26.27 -0.75
C HIS D 133 -40.15 27.40 -1.66
N LEU D 134 -39.63 28.59 -1.39
CA LEU D 134 -39.82 29.72 -2.28
C LEU D 134 -39.00 29.52 -3.56
N PRO D 135 -39.49 29.99 -4.70
CA PRO D 135 -38.72 29.91 -5.93
C PRO D 135 -37.46 30.75 -5.84
N ILE D 136 -36.40 30.27 -6.49
CA ILE D 136 -35.08 30.89 -6.46
C ILE D 136 -34.70 31.30 -7.88
N ILE D 137 -34.34 32.56 -8.06
CA ILE D 137 -33.70 33.06 -9.29
C ILE D 137 -32.23 33.29 -8.97
N ALA D 138 -31.35 32.60 -9.69
CA ALA D 138 -29.92 32.66 -9.40
C ALA D 138 -29.23 33.51 -10.46
N LEU D 139 -28.42 34.49 -10.01
CA LEU D 139 -27.65 35.36 -10.89
C LEU D 139 -26.17 35.19 -10.55
N PRO D 140 -25.46 34.26 -11.18
CA PRO D 140 -24.02 34.13 -10.89
C PRO D 140 -23.26 35.37 -11.33
N THR D 141 -22.23 35.72 -10.55
CA THR D 141 -21.37 36.84 -10.90
C THR D 141 -19.93 36.42 -11.19
N THR D 142 -19.67 35.12 -11.30
CA THR D 142 -18.38 34.62 -11.74
C THR D 142 -18.63 33.47 -12.72
N ALA D 143 -17.58 33.11 -13.45
CA ALA D 143 -17.65 32.03 -14.45
C ALA D 143 -16.51 31.04 -14.17
N GLY D 144 -16.67 30.23 -13.14
CA GLY D 144 -17.82 30.23 -12.27
C GLY D 144 -17.85 28.93 -11.49
N THR D 145 -18.71 28.88 -10.49
CA THR D 145 -18.93 27.68 -9.70
C THR D 145 -19.96 26.76 -10.32
N GLY D 146 -20.77 27.26 -11.26
CA GLY D 146 -21.89 26.49 -11.77
C GLY D 146 -22.98 26.22 -10.76
N SER D 147 -22.91 26.86 -9.59
CA SER D 147 -23.89 26.64 -8.52
C SER D 147 -25.32 27.01 -8.93
N GLU D 148 -25.49 27.75 -10.02
CA GLU D 148 -26.81 28.16 -10.44
C GLU D 148 -27.64 27.00 -10.99
N VAL D 149 -27.06 25.82 -11.20
CA VAL D 149 -27.80 24.70 -11.76
C VAL D 149 -27.64 23.43 -10.94
N THR D 150 -27.21 23.57 -9.68
CA THR D 150 -27.07 22.42 -8.77
C THR D 150 -28.04 22.55 -7.61
N CYS D 151 -28.20 21.45 -6.88
CA CYS D 151 -29.10 21.41 -5.74
C CYS D 151 -28.35 21.29 -4.42
N VAL D 152 -27.09 21.70 -4.37
CA VAL D 152 -26.25 21.54 -3.19
C VAL D 152 -25.99 22.90 -2.56
N SER D 153 -26.04 22.94 -1.23
CA SER D 153 -25.76 24.13 -0.44
C SER D 153 -24.68 23.76 0.56
N VAL D 154 -23.47 24.26 0.36
CA VAL D 154 -22.34 23.97 1.25
C VAL D 154 -22.32 25.02 2.34
N LEU D 155 -22.65 24.61 3.56
CA LEU D 155 -22.71 25.50 4.71
C LEU D 155 -21.65 25.12 5.74
N THR D 156 -21.40 26.04 6.65
CA THR D 156 -20.48 25.86 7.76
C THR D 156 -21.19 26.19 9.05
N ASN D 157 -20.92 25.43 10.12
CA ASN D 157 -21.30 25.80 11.48
C ASN D 157 -20.00 26.12 12.23
N ARG D 158 -19.71 27.41 12.36
CA ARG D 158 -18.47 27.84 13.01
C ARG D 158 -18.45 27.48 14.49
N LYS D 159 -19.60 27.65 15.17
CA LYS D 159 -19.70 27.31 16.59
C LYS D 159 -19.52 25.83 16.86
N LEU D 160 -19.50 24.98 15.82
CA LEU D 160 -19.38 23.54 15.98
C LEU D 160 -18.24 22.93 15.18
N GLY D 161 -17.53 23.70 14.37
CA GLY D 161 -16.41 23.16 13.62
C GLY D 161 -16.77 22.17 12.54
N LYS D 162 -17.97 22.27 11.98
CA LYS D 162 -18.44 21.35 10.95
C LYS D 162 -18.75 22.13 9.68
N LYS D 163 -18.27 21.62 8.54
CA LYS D 163 -18.58 22.17 7.22
C LYS D 163 -19.09 21.03 6.35
N ALA D 164 -20.39 21.03 6.05
CA ALA D 164 -21.03 19.92 5.36
C ALA D 164 -22.03 20.43 4.33
N PRO D 165 -22.04 19.85 3.12
CA PRO D 165 -23.06 20.20 2.14
C PRO D 165 -24.41 19.61 2.50
N ILE D 166 -25.46 20.34 2.15
CA ILE D 166 -26.85 19.89 2.26
C ILE D 166 -27.39 19.72 0.84
N VAL D 167 -27.90 18.53 0.53
CA VAL D 167 -28.43 18.23 -0.80
C VAL D 167 -29.94 18.13 -0.70
N SER D 168 -30.65 18.74 -1.65
CA SER D 168 -32.11 18.78 -1.64
C SER D 168 -32.65 19.22 -2.99
N ASP D 169 -33.63 18.49 -3.53
CA ASP D 169 -34.15 18.87 -4.85
C ASP D 169 -34.93 20.17 -4.82
N GLY D 170 -35.41 20.60 -3.66
CA GLY D 170 -35.94 21.93 -3.49
C GLY D 170 -34.89 23.04 -3.43
N PHE D 171 -33.61 22.70 -3.56
CA PHE D 171 -32.55 23.68 -3.68
C PHE D 171 -32.26 24.09 -5.11
N PHE D 172 -32.73 23.33 -6.11
CA PHE D 172 -32.53 23.72 -7.49
C PHE D 172 -33.17 25.07 -7.72
N PRO D 173 -32.46 26.04 -8.31
CA PRO D 173 -33.12 27.30 -8.67
C PRO D 173 -34.16 27.07 -9.76
N SER D 174 -35.19 27.91 -9.76
CA SER D 174 -36.20 27.84 -10.81
C SER D 174 -35.65 28.41 -12.11
N VAL D 175 -34.91 29.50 -12.02
CA VAL D 175 -34.35 30.17 -13.18
C VAL D 175 -32.94 30.62 -12.85
N ALA D 176 -32.01 30.37 -13.76
CA ALA D 176 -30.66 30.91 -13.67
C ALA D 176 -30.49 31.93 -14.80
N ILE D 177 -30.29 33.19 -14.44
CA ILE D 177 -29.92 34.22 -15.41
C ILE D 177 -28.40 34.26 -15.47
N VAL D 178 -27.83 33.91 -16.61
CA VAL D 178 -26.39 33.93 -16.82
C VAL D 178 -26.09 35.12 -17.71
N ASP D 179 -25.71 36.23 -17.08
CA ASP D 179 -25.47 37.51 -17.74
C ASP D 179 -23.98 37.81 -17.69
N PRO D 180 -23.25 37.73 -18.80
CA PRO D 180 -21.79 37.92 -18.77
C PRO D 180 -21.35 39.27 -18.23
N GLU D 181 -22.19 40.31 -18.36
CA GLU D 181 -21.82 41.64 -17.85
C GLU D 181 -21.55 41.62 -16.35
N LEU D 182 -22.21 40.73 -15.62
CA LEU D 182 -21.97 40.63 -14.18
C LEU D 182 -20.58 40.11 -13.85
N THR D 183 -19.85 39.57 -14.83
CA THR D 183 -18.50 39.08 -14.60
C THR D 183 -17.41 40.04 -15.08
N TYR D 184 -17.78 41.16 -15.72
CA TYR D 184 -16.77 42.02 -16.34
C TYR D 184 -15.79 42.57 -15.31
N SER D 185 -16.21 42.72 -14.06
CA SER D 185 -15.35 43.32 -13.05
C SER D 185 -14.53 42.30 -12.27
N VAL D 186 -14.67 41.02 -12.57
CA VAL D 186 -13.93 39.99 -11.84
C VAL D 186 -12.45 40.17 -12.13
N PRO D 187 -11.60 40.32 -11.12
CA PRO D 187 -10.19 40.60 -11.36
C PRO D 187 -9.51 39.40 -12.00
N PRO D 188 -8.37 39.63 -12.65
CA PRO D 188 -7.72 38.56 -13.41
C PRO D 188 -7.37 37.32 -12.60
N LYS D 189 -6.87 37.47 -11.37
CA LYS D 189 -6.52 36.29 -10.59
C LYS D 189 -7.76 35.45 -10.27
N ILE D 190 -8.87 36.11 -9.96
CA ILE D 190 -10.09 35.37 -9.67
C ILE D 190 -10.71 34.82 -10.95
N THR D 191 -10.59 35.55 -12.06
CA THR D 191 -11.00 35.03 -13.36
C THR D 191 -10.27 33.73 -13.66
N ALA D 192 -8.98 33.67 -13.34
CA ALA D 192 -8.19 32.47 -13.62
C ALA D 192 -8.65 31.31 -12.75
N SER D 193 -8.82 31.56 -11.45
CA SER D 193 -9.22 30.50 -10.53
C SER D 193 -10.63 29.99 -10.84
N THR D 194 -11.58 30.90 -11.04
CA THR D 194 -12.93 30.44 -11.36
C THR D 194 -12.95 29.72 -12.71
N GLY D 195 -12.09 30.12 -13.66
CA GLY D 195 -12.03 29.42 -14.94
C GLY D 195 -11.46 28.02 -14.80
N MET D 196 -10.49 27.83 -13.90
CA MET D 196 -9.97 26.49 -13.66
C MET D 196 -11.01 25.61 -12.99
N ASP D 197 -11.89 26.21 -12.18
CA ASP D 197 -13.04 25.48 -11.64
C ASP D 197 -13.90 24.94 -12.77
N VAL D 198 -14.22 25.78 -13.76
CA VAL D 198 -15.01 25.35 -14.91
C VAL D 198 -14.32 24.18 -15.62
N LEU D 199 -13.03 24.34 -15.91
CA LEU D 199 -12.30 23.28 -16.61
C LEU D 199 -12.31 21.98 -15.82
N SER D 200 -12.09 22.05 -14.50
CA SER D 200 -12.07 20.84 -13.68
C SER D 200 -13.44 20.20 -13.65
N GLN D 201 -14.51 21.01 -13.51
CA GLN D 201 -15.86 20.45 -13.50
C GLN D 201 -16.17 19.71 -14.80
N ALA D 202 -15.80 20.31 -15.93
CA ALA D 202 -16.09 19.68 -17.21
C ALA D 202 -15.34 18.36 -17.34
N ILE D 203 -14.03 18.39 -17.12
CA ILE D 203 -13.23 17.20 -17.35
C ILE D 203 -13.59 16.11 -16.34
N GLU D 204 -13.73 16.47 -15.06
CA GLU D 204 -14.07 15.47 -14.06
C GLU D 204 -15.49 14.94 -14.26
N GLY D 205 -16.43 15.80 -14.67
CA GLY D 205 -17.77 15.32 -14.96
C GLY D 205 -17.79 14.32 -16.08
N PHE D 206 -16.91 14.49 -17.07
CA PHE D 206 -16.83 13.55 -18.17
C PHE D 206 -16.30 12.20 -17.72
N TRP D 207 -15.21 12.17 -16.95
CA TRP D 207 -14.55 10.89 -16.66
C TRP D 207 -15.05 10.23 -15.38
N SER D 208 -15.96 10.86 -14.66
CA SER D 208 -16.53 10.27 -13.47
C SER D 208 -17.13 8.90 -13.79
N LYS D 209 -17.08 8.00 -12.80
CA LYS D 209 -17.81 6.75 -12.92
C LYS D 209 -19.30 6.99 -13.17
N GLY D 210 -19.80 8.14 -12.73
CA GLY D 210 -21.20 8.47 -12.95
C GLY D 210 -21.51 9.12 -14.29
N HIS D 211 -20.60 9.01 -15.26
CA HIS D 211 -20.75 9.72 -16.52
C HIS D 211 -22.02 9.30 -17.26
N GLN D 212 -22.59 10.24 -18.02
CA GLN D 212 -23.73 9.94 -18.88
C GLN D 212 -23.65 10.82 -20.11
N PRO D 213 -24.29 10.41 -21.21
CA PRO D 213 -24.00 11.04 -22.52
C PRO D 213 -24.34 12.51 -22.61
N ILE D 214 -25.46 12.95 -22.04
CA ILE D 214 -25.80 14.37 -22.15
C ILE D 214 -24.75 15.20 -21.42
N CYS D 215 -24.39 14.78 -20.21
CA CYS D 215 -23.33 15.48 -19.48
C CYS D 215 -21.99 15.39 -20.20
N ASP D 216 -21.71 14.24 -20.84
CA ASP D 216 -20.48 14.11 -21.66
C ASP D 216 -20.43 15.19 -22.73
N SER D 217 -21.55 15.39 -23.44
CA SER D 217 -21.59 16.38 -24.51
C SER D 217 -21.36 17.80 -23.99
N CYS D 218 -22.01 18.14 -22.87
CA CYS D 218 -21.76 19.43 -22.24
C CYS D 218 -20.30 19.57 -21.84
N ALA D 219 -19.74 18.52 -21.22
CA ALA D 219 -18.37 18.61 -20.71
C ALA D 219 -17.38 18.92 -21.82
N ALA D 220 -17.49 18.22 -22.95
CA ALA D 220 -16.57 18.47 -24.06
C ALA D 220 -16.73 19.89 -24.59
N HIS D 221 -17.98 20.36 -24.68
CA HIS D 221 -18.26 21.71 -25.16
C HIS D 221 -17.59 22.76 -24.27
N ALA D 222 -17.75 22.63 -22.96
CA ALA D 222 -17.23 23.63 -22.04
C ALA D 222 -15.71 23.58 -21.98
N ALA D 223 -15.13 22.39 -21.92
CA ALA D 223 -13.67 22.30 -21.85
C ALA D 223 -13.02 22.97 -23.05
N LYS D 224 -13.59 22.78 -24.24
CA LYS D 224 -12.97 23.40 -25.41
C LYS D 224 -12.99 24.92 -25.31
N LEU D 225 -14.09 25.47 -24.79
CA LEU D 225 -14.18 26.91 -24.64
C LEU D 225 -13.12 27.45 -23.67
N VAL D 226 -12.88 26.74 -22.57
CA VAL D 226 -11.94 27.23 -21.55
C VAL D 226 -10.54 27.34 -22.13
N PHE D 227 -10.11 26.29 -22.85
CA PHE D 227 -8.75 26.30 -23.39
C PHE D 227 -8.55 27.49 -24.32
N LYS D 228 -9.59 27.86 -25.06
CA LYS D 228 -9.47 28.98 -25.98
C LYS D 228 -9.63 30.32 -25.28
N TYR D 229 -10.64 30.48 -24.43
CA TYR D 229 -11.00 31.81 -23.99
C TYR D 229 -10.52 32.20 -22.60
N LEU D 230 -10.20 31.25 -21.74
CA LEU D 230 -9.72 31.66 -20.41
C LEU D 230 -8.46 32.49 -20.47
N PRO D 231 -7.45 32.18 -21.30
CA PRO D 231 -6.29 33.09 -21.36
C PRO D 231 -6.69 34.49 -21.77
N ILE D 232 -7.67 34.61 -22.68
CA ILE D 232 -8.07 35.93 -23.16
C ILE D 232 -8.77 36.70 -22.05
N ALA D 233 -9.66 36.02 -21.31
CA ALA D 233 -10.38 36.68 -20.23
C ALA D 233 -9.45 37.14 -19.11
N VAL D 234 -8.39 36.38 -18.83
CA VAL D 234 -7.42 36.80 -17.81
C VAL D 234 -6.60 37.98 -18.31
N ALA D 235 -6.15 37.93 -19.57
CA ALA D 235 -5.29 39.00 -20.05
C ALA D 235 -6.08 40.23 -20.47
N GLU D 236 -7.35 40.05 -20.84
CA GLU D 236 -8.19 41.16 -21.31
C GLU D 236 -9.51 41.11 -20.57
N PRO D 237 -9.55 41.60 -19.33
CA PRO D 237 -10.76 41.45 -18.50
C PRO D 237 -11.98 42.13 -19.08
N HIS D 238 -11.82 43.10 -19.97
CA HIS D 238 -12.96 43.75 -20.59
C HIS D 238 -13.25 43.23 -21.99
N ASN D 239 -12.61 42.14 -22.40
CA ASN D 239 -12.97 41.48 -23.65
C ASN D 239 -14.34 40.83 -23.48
N GLU D 240 -15.34 41.40 -24.13
CA GLU D 240 -16.72 40.96 -23.90
C GLU D 240 -16.97 39.58 -24.48
N GLU D 241 -16.35 39.26 -25.62
CA GLU D 241 -16.53 37.93 -26.20
C GLU D 241 -15.93 36.85 -25.30
N ALA D 242 -14.73 37.08 -24.75
CA ALA D 242 -14.11 36.10 -23.86
C ALA D 242 -14.93 35.90 -22.60
N ARG D 243 -15.49 36.98 -22.05
CA ARG D 243 -16.34 36.86 -20.88
C ARG D 243 -17.61 36.07 -21.21
N GLU D 244 -18.23 36.35 -22.37
CA GLU D 244 -19.43 35.60 -22.73
C GLU D 244 -19.12 34.13 -22.90
N LYS D 245 -17.97 33.80 -23.52
CA LYS D 245 -17.64 32.41 -23.76
C LYS D 245 -17.34 31.68 -22.45
N MET D 246 -16.64 32.35 -21.52
CA MET D 246 -16.40 31.73 -20.22
C MET D 246 -17.69 31.52 -19.45
N CYS D 247 -18.66 32.43 -19.58
CA CYS D 247 -19.95 32.22 -18.93
C CYS D 247 -20.70 31.05 -19.56
N GLU D 248 -20.65 30.94 -20.89
CA GLU D 248 -21.24 29.78 -21.56
C GLU D 248 -20.60 28.49 -21.07
N ALA D 249 -19.26 28.44 -21.04
CA ALA D 249 -18.57 27.26 -20.52
C ALA D 249 -18.96 26.98 -19.09
N SER D 250 -19.11 28.02 -18.28
CA SER D 250 -19.36 27.83 -16.85
C SER D 250 -20.72 27.19 -16.60
N VAL D 251 -21.78 27.73 -17.22
CA VAL D 251 -23.09 27.17 -16.94
C VAL D 251 -23.24 25.79 -17.57
N ILE D 252 -22.57 25.56 -18.70
CA ILE D 252 -22.69 24.26 -19.35
C ILE D 252 -21.82 23.22 -18.63
N ALA D 253 -20.66 23.61 -18.11
CA ALA D 253 -19.91 22.71 -17.24
C ALA D 253 -20.70 22.39 -15.97
N GLY D 254 -21.46 23.36 -15.46
CA GLY D 254 -22.36 23.07 -14.35
C GLY D 254 -23.34 21.96 -14.66
N LEU D 255 -23.88 21.94 -15.87
CA LEU D 255 -24.76 20.83 -16.26
C LEU D 255 -23.99 19.52 -16.42
N ALA D 256 -22.70 19.60 -16.77
CA ALA D 256 -21.91 18.40 -16.98
C ALA D 256 -21.57 17.68 -15.68
N PHE D 257 -21.45 18.41 -14.57
CA PHE D 257 -21.00 17.79 -13.33
C PHE D 257 -22.10 17.60 -12.31
N THR D 258 -23.21 18.33 -12.40
CA THR D 258 -24.23 18.27 -11.35
C THR D 258 -24.72 16.84 -11.15
N LEU D 259 -24.94 16.10 -12.23
CA LEU D 259 -25.41 14.73 -12.09
C LEU D 259 -24.27 13.73 -11.90
N PRO D 260 -23.22 13.70 -12.74
CA PRO D 260 -22.16 12.69 -12.54
C PRO D 260 -21.29 12.94 -11.31
N LYS D 261 -21.25 14.18 -10.78
CA LYS D 261 -20.47 14.61 -9.62
C LYS D 261 -18.97 14.73 -9.93
N THR D 262 -18.24 15.51 -9.13
CA THR D 262 -16.81 15.70 -9.37
C THR D 262 -16.02 14.54 -8.75
N THR D 263 -14.69 14.59 -8.90
CA THR D 263 -13.89 13.41 -8.57
C THR D 263 -12.65 13.73 -7.73
N SER D 264 -11.49 13.32 -8.25
CA SER D 264 -10.25 13.36 -7.47
C SER D 264 -9.75 14.78 -7.22
N SER D 265 -9.74 15.60 -8.27
CA SER D 265 -9.26 16.96 -8.11
C SER D 265 -10.13 17.72 -7.11
N HIS D 266 -11.45 17.46 -7.12
CA HIS D 266 -12.30 18.16 -6.16
C HIS D 266 -12.08 17.64 -4.74
N ALA D 267 -11.92 16.33 -4.56
CA ALA D 267 -11.66 15.80 -3.22
C ALA D 267 -10.36 16.37 -2.63
N CYS D 268 -9.32 16.47 -3.44
CA CYS D 268 -8.05 17.01 -2.98
C CYS D 268 -8.14 18.51 -2.75
N SER D 269 -9.05 19.19 -3.46
CA SER D 269 -9.13 20.64 -3.34
C SER D 269 -9.54 21.06 -1.93
N PHE D 270 -10.34 20.25 -1.25
CA PHE D 270 -10.89 20.68 0.04
C PHE D 270 -9.79 20.91 1.08
N PRO D 271 -8.86 19.99 1.35
CA PRO D 271 -7.77 20.35 2.26
C PRO D 271 -6.87 21.43 1.71
N LEU D 272 -6.63 21.48 0.40
CA LEU D 272 -5.78 22.53 -0.15
C LEU D 272 -6.37 23.91 0.13
N THR D 273 -7.69 24.02 0.03
CA THR D 273 -8.36 25.27 0.35
C THR D 273 -8.45 25.49 1.85
N ASN D 274 -8.94 24.47 2.57
CA ASN D 274 -9.26 24.68 3.99
C ASN D 274 -8.01 24.83 4.84
N ILE D 275 -6.93 24.11 4.50
CA ILE D 275 -5.72 24.15 5.30
C ILE D 275 -4.73 25.17 4.76
N HIS D 276 -4.52 25.20 3.45
CA HIS D 276 -3.44 26.00 2.89
C HIS D 276 -3.91 27.28 2.21
N GLY D 277 -5.21 27.57 2.24
CA GLY D 277 -5.71 28.84 1.74
C GLY D 277 -5.70 28.99 0.24
N ILE D 278 -5.58 27.90 -0.51
CA ILE D 278 -5.59 27.98 -1.98
C ILE D 278 -7.04 28.07 -2.45
N PRO D 279 -7.39 29.06 -3.25
CA PRO D 279 -8.78 29.19 -3.71
C PRO D 279 -9.24 27.96 -4.46
N HIS D 280 -10.55 27.72 -4.42
CA HIS D 280 -11.10 26.42 -4.82
C HIS D 280 -10.72 26.03 -6.25
N GLY D 281 -10.97 26.89 -7.23
CA GLY D 281 -10.65 26.51 -8.60
C GLY D 281 -9.17 26.29 -8.81
N GLU D 282 -8.35 27.16 -8.23
CA GLU D 282 -6.90 26.95 -8.32
C GLU D 282 -6.49 25.63 -7.69
N ALA D 283 -7.13 25.29 -6.57
CA ALA D 283 -6.82 24.04 -5.88
C ALA D 283 -7.23 22.81 -6.71
N CYS D 284 -8.36 22.89 -7.42
CA CYS D 284 -8.70 21.84 -8.38
C CYS D 284 -7.68 21.78 -9.50
N GLY D 285 -7.32 22.94 -10.07
CA GLY D 285 -6.37 22.96 -11.16
C GLY D 285 -5.01 22.40 -10.76
N LEU D 286 -4.67 22.51 -9.48
CA LEU D 286 -3.37 22.03 -9.02
C LEU D 286 -3.16 20.56 -9.36
N THR D 287 -4.20 19.73 -9.26
CA THR D 287 -4.07 18.29 -9.50
C THR D 287 -4.69 17.83 -10.82
N LEU D 288 -5.28 18.73 -11.58
CA LEU D 288 -6.10 18.29 -12.70
C LEU D 288 -5.28 17.56 -13.75
N ASP D 289 -4.15 18.16 -14.19
CA ASP D 289 -3.32 17.47 -15.19
C ASP D 289 -2.65 16.23 -14.61
N TYR D 290 -2.32 16.27 -13.32
CA TYR D 290 -1.78 15.08 -12.65
C TYR D 290 -2.75 13.91 -12.75
N PHE D 291 -4.00 14.10 -12.36
CA PHE D 291 -4.95 13.00 -12.42
C PHE D 291 -5.32 12.65 -13.86
N ALA D 292 -5.28 13.63 -14.77
CA ALA D 292 -5.58 13.31 -16.16
C ALA D 292 -4.63 12.25 -16.69
N ARG D 293 -3.34 12.36 -16.38
CA ARG D 293 -2.37 11.37 -16.82
C ARG D 293 -2.63 10.02 -16.17
N ILE D 294 -2.96 10.02 -14.86
CA ILE D 294 -3.33 8.78 -14.18
C ILE D 294 -4.52 8.13 -14.88
N ASN D 295 -5.47 8.95 -15.33
CA ASN D 295 -6.74 8.49 -15.87
C ASN D 295 -6.70 8.26 -17.37
N LYS D 296 -5.54 8.42 -18.01
CA LYS D 296 -5.55 8.63 -19.46
C LYS D 296 -6.15 7.45 -20.22
N ASP D 297 -5.98 6.23 -19.71
CA ASP D 297 -6.42 5.05 -20.43
C ASP D 297 -7.61 4.36 -19.77
N ALA D 298 -8.29 5.05 -18.85
CA ALA D 298 -9.43 4.47 -18.17
C ALA D 298 -10.61 4.26 -19.13
N GLN D 299 -11.53 3.40 -18.70
CA GLN D 299 -12.85 3.28 -19.32
C GLN D 299 -12.75 3.01 -20.82
N HIS D 300 -11.84 2.09 -21.19
CA HIS D 300 -11.73 1.59 -22.57
C HIS D 300 -11.40 2.68 -23.58
N GLY D 301 -10.67 3.71 -23.15
CA GLY D 301 -10.25 4.75 -24.08
C GLY D 301 -11.14 5.98 -24.16
N ARG D 302 -12.20 6.06 -23.34
CA ARG D 302 -13.10 7.22 -23.35
C ARG D 302 -12.35 8.53 -23.20
N VAL D 303 -11.38 8.56 -22.29
CA VAL D 303 -10.69 9.81 -21.99
C VAL D 303 -9.80 10.21 -23.14
N GLN D 304 -9.24 9.22 -23.85
CA GLN D 304 -8.45 9.54 -25.04
C GLN D 304 -9.33 10.10 -26.13
N GLU D 305 -10.50 9.49 -26.36
CA GLU D 305 -11.45 10.02 -27.33
C GLU D 305 -11.87 11.43 -26.96
N PHE D 306 -12.05 11.70 -25.66
CA PHE D 306 -12.41 13.03 -25.20
C PHE D 306 -11.35 14.04 -25.60
N ALA D 307 -10.08 13.75 -25.29
CA ALA D 307 -8.99 14.65 -25.62
C ALA D 307 -8.90 14.87 -27.13
N ARG D 308 -9.01 13.81 -27.92
CA ARG D 308 -8.99 13.98 -29.38
C ARG D 308 -10.19 14.78 -29.85
N GLY D 309 -11.35 14.60 -29.22
CA GLY D 309 -12.54 15.30 -29.64
C GLY D 309 -12.46 16.81 -29.46
N ILE D 310 -11.69 17.27 -28.47
CA ILE D 310 -11.56 18.71 -28.25
C ILE D 310 -10.28 19.27 -28.86
N GLY D 311 -9.54 18.47 -29.60
CA GLY D 311 -8.47 18.97 -30.44
C GLY D 311 -7.08 18.55 -30.07
N PHE D 312 -6.91 17.65 -29.12
CA PHE D 312 -5.57 17.28 -28.68
C PHE D 312 -5.14 15.94 -29.29
N LYS D 313 -3.82 15.76 -29.38
CA LYS D 313 -3.30 14.51 -29.92
C LYS D 313 -3.71 13.33 -29.05
N ASP D 314 -3.65 13.51 -27.72
CA ASP D 314 -3.99 12.45 -26.77
C ASP D 314 -4.13 13.10 -25.41
N VAL D 315 -4.38 12.29 -24.38
CA VAL D 315 -4.57 12.84 -23.04
C VAL D 315 -3.32 13.55 -22.57
N ASP D 316 -2.13 13.01 -22.88
CA ASP D 316 -0.91 13.63 -22.39
C ASP D 316 -0.72 15.01 -22.97
N ALA D 317 -1.14 15.21 -24.21
CA ALA D 317 -1.14 16.54 -24.81
C ALA D 317 -2.14 17.47 -24.12
N MET D 318 -3.32 16.94 -23.78
CA MET D 318 -4.30 17.76 -23.07
C MET D 318 -3.77 18.13 -21.69
N ALA D 319 -3.14 17.18 -21.01
CA ALA D 319 -2.54 17.49 -19.71
C ALA D 319 -1.43 18.53 -19.85
N ASP D 320 -0.61 18.42 -20.91
CA ASP D 320 0.38 19.45 -21.21
C ASP D 320 -0.27 20.82 -21.39
N ALA D 321 -1.40 20.86 -22.09
CA ALA D 321 -2.09 22.13 -22.30
C ALA D 321 -2.67 22.66 -21.00
N ILE D 322 -3.11 21.78 -20.09
CA ILE D 322 -3.58 22.24 -18.79
C ILE D 322 -2.43 22.87 -18.02
N HIS D 323 -1.27 22.22 -18.00
CA HIS D 323 -0.11 22.81 -17.37
C HIS D 323 0.22 24.18 -17.96
N ASP D 324 0.33 24.26 -19.30
CA ASP D 324 0.71 25.51 -19.95
C ASP D 324 -0.34 26.60 -19.73
N LEU D 325 -1.61 26.22 -19.68
CA LEU D 325 -2.67 27.17 -19.37
C LEU D 325 -2.48 27.76 -17.99
N LYS D 326 -2.19 26.91 -17.00
CA LYS D 326 -2.01 27.40 -15.64
C LYS D 326 -0.82 28.35 -15.56
N VAL D 327 0.28 28.02 -16.23
CA VAL D 327 1.44 28.92 -16.25
C VAL D 327 1.06 30.25 -16.87
N ARG D 328 0.31 30.21 -17.98
CA ARG D 328 -0.06 31.44 -18.67
C ARG D 328 -0.88 32.37 -17.78
N ILE D 329 -1.82 31.81 -17.01
CA ILE D 329 -2.78 32.63 -16.28
C ILE D 329 -2.44 32.72 -14.79
N GLY D 330 -1.26 32.26 -14.38
CA GLY D 330 -0.83 32.51 -13.02
C GLY D 330 -1.33 31.56 -11.96
N MET D 331 -1.73 30.35 -12.34
CA MET D 331 -2.27 29.38 -11.39
C MET D 331 -1.18 28.42 -10.93
N ARG D 332 -1.30 27.98 -9.68
CA ARG D 332 -0.29 27.12 -9.06
C ARG D 332 -0.04 25.88 -9.90
N THR D 333 1.25 25.57 -10.08
CA THR D 333 1.70 24.29 -10.61
C THR D 333 2.36 23.41 -9.54
N GLY D 334 2.57 23.94 -8.35
CA GLY D 334 3.23 23.17 -7.30
C GLY D 334 3.04 23.80 -5.96
N LEU D 335 3.70 23.21 -4.95
CA LEU D 335 3.53 23.59 -3.55
C LEU D 335 4.86 23.81 -2.85
N LYS D 336 5.96 23.87 -3.59
CA LYS D 336 7.28 23.97 -2.99
C LYS D 336 7.38 25.15 -2.03
N ASP D 337 6.75 26.27 -2.39
CA ASP D 337 6.80 27.46 -1.55
C ASP D 337 6.07 27.28 -0.23
N LEU D 338 5.26 26.23 -0.06
CA LEU D 338 4.64 25.99 1.24
C LEU D 338 5.59 25.32 2.24
N ASN D 339 6.74 24.85 1.78
CA ASN D 339 7.73 24.16 2.61
C ASN D 339 7.08 23.09 3.48
N LEU D 340 6.29 22.23 2.85
CA LEU D 340 5.46 21.29 3.58
C LEU D 340 6.32 20.28 4.33
N THR D 341 5.94 20.00 5.58
CA THR D 341 6.57 18.94 6.35
C THR D 341 5.96 17.59 5.99
N GLU D 342 6.61 16.50 6.43
CA GLU D 342 6.03 15.18 6.22
C GLU D 342 4.68 15.06 6.90
N GLU D 343 4.53 15.68 8.08
CA GLU D 343 3.24 15.61 8.77
C GLU D 343 2.15 16.33 7.98
N GLN D 344 2.48 17.46 7.36
CA GLN D 344 1.49 18.14 6.52
C GLN D 344 1.14 17.30 5.29
N ILE D 345 2.13 16.67 4.68
CA ILE D 345 1.84 15.81 3.54
C ILE D 345 0.95 14.65 3.96
N ALA D 346 1.23 14.05 5.12
CA ALA D 346 0.37 12.97 5.60
C ALA D 346 -1.06 13.47 5.86
N ASP D 347 -1.20 14.69 6.38
CA ASP D 347 -2.54 15.26 6.55
C ASP D 347 -3.25 15.39 5.22
N LEU D 348 -2.53 15.84 4.18
CA LEU D 348 -3.13 15.97 2.85
C LEU D 348 -3.59 14.60 2.33
N VAL D 349 -2.75 13.58 2.46
CA VAL D 349 -3.13 12.23 2.04
C VAL D 349 -4.39 11.78 2.79
N ARG D 350 -4.40 11.93 4.11
CA ARG D 350 -5.52 11.47 4.91
C ARG D 350 -6.81 12.20 4.56
N ILE D 351 -6.75 13.53 4.48
CA ILE D 351 -7.97 14.33 4.28
C ILE D 351 -8.45 14.27 2.84
N SER D 352 -7.57 13.98 1.89
CA SER D 352 -8.03 13.87 0.50
C SER D 352 -8.89 12.65 0.25
N ARG D 353 -8.93 11.68 1.15
CA ARG D 353 -9.79 10.51 0.99
C ARG D 353 -11.21 10.89 1.43
N HIS D 354 -11.93 11.59 0.49
CA HIS D 354 -13.26 12.17 0.43
C HIS D 354 -14.17 11.33 -0.47
N PRO D 355 -15.48 11.27 -0.18
CA PRO D 355 -16.38 10.46 -1.03
C PRO D 355 -16.24 10.75 -2.52
N ASN D 356 -15.90 12.00 -2.91
CA ASN D 356 -15.77 12.36 -4.32
C ASN D 356 -14.60 11.65 -5.00
N LEU D 357 -13.58 11.30 -4.21
CA LEU D 357 -12.42 10.58 -4.76
C LEU D 357 -12.81 9.25 -5.38
N TYR D 358 -13.88 8.63 -4.88
CA TYR D 358 -14.33 7.34 -5.37
C TYR D 358 -15.09 7.41 -6.68
N ASN D 359 -15.36 8.61 -7.19
CA ASN D 359 -15.92 8.72 -8.53
C ASN D 359 -14.84 8.66 -9.60
N ASN D 360 -13.57 8.74 -9.21
CA ASN D 360 -12.49 8.73 -10.18
C ASN D 360 -12.48 7.41 -10.92
N PRO D 361 -12.25 7.40 -12.24
CA PRO D 361 -12.30 6.14 -12.99
C PRO D 361 -11.19 5.16 -12.64
N VAL D 362 -10.04 5.66 -12.21
CA VAL D 362 -8.94 4.84 -11.73
C VAL D 362 -8.93 4.93 -10.21
N GLU D 363 -8.81 3.78 -9.54
CA GLU D 363 -8.74 3.78 -8.08
C GLU D 363 -7.51 4.56 -7.64
N ILE D 364 -7.73 5.57 -6.81
CA ILE D 364 -6.66 6.39 -6.27
C ILE D 364 -6.31 5.81 -4.90
N THR D 365 -5.16 5.17 -4.80
CA THR D 365 -4.74 4.58 -3.55
C THR D 365 -4.07 5.63 -2.68
N ASP D 366 -3.86 5.28 -1.40
CA ASP D 366 -3.09 6.16 -0.53
C ASP D 366 -1.67 6.34 -1.05
N ASP D 367 -1.11 5.29 -1.66
CA ASP D 367 0.23 5.41 -2.23
C ASP D 367 0.26 6.44 -3.35
N MET D 368 -0.77 6.42 -4.21
CA MET D 368 -0.81 7.37 -5.31
C MET D 368 -0.96 8.81 -4.80
N LEU D 369 -1.78 9.02 -3.77
CA LEU D 369 -1.90 10.34 -3.17
C LEU D 369 -0.59 10.79 -2.53
N ASP D 370 0.08 9.88 -1.83
CA ASP D 370 1.36 10.24 -1.22
C ASP D 370 2.39 10.60 -2.28
N THR D 371 2.42 9.85 -3.37
CA THR D 371 3.34 10.16 -4.46
C THR D 371 3.02 11.52 -5.06
N MET D 372 1.73 11.80 -5.28
CA MET D 372 1.35 13.08 -5.88
C MET D 372 1.76 14.24 -4.98
N TYR D 373 1.40 14.18 -3.69
CA TYR D 373 1.68 15.30 -2.80
C TYR D 373 3.16 15.49 -2.57
N HIS D 374 3.95 14.41 -2.59
CA HIS D 374 5.39 14.59 -2.52
C HIS D 374 5.92 15.24 -3.77
N TYR D 375 5.39 14.85 -4.93
CA TYR D 375 5.73 15.52 -6.19
C TYR D 375 5.39 17.00 -6.12
N LEU D 376 4.16 17.33 -5.72
CA LEU D 376 3.75 18.74 -5.65
C LEU D 376 4.58 19.50 -4.63
N ALA D 377 4.85 18.88 -3.48
CA ALA D 377 5.63 19.53 -2.43
C ALA D 377 7.03 19.91 -2.89
N SER D 378 7.55 19.25 -3.92
CA SER D 378 8.89 19.53 -4.41
C SER D 378 8.89 20.21 -5.78
N THR D 379 7.74 20.71 -6.22
CA THR D 379 7.61 21.31 -7.53
C THR D 379 7.21 22.78 -7.38
N ASP D 380 7.90 23.67 -8.09
CA ASP D 380 7.58 25.09 -8.05
C ASP D 380 6.12 25.33 -8.46
#